data_9JGO
# 
_entry.id   9JGO 
# 
_audit_conform.dict_name       mmcif_pdbx.dic 
_audit_conform.dict_version    5.404 
_audit_conform.dict_location   http://mmcif.pdb.org/dictionaries/ascii/mmcif_pdbx.dic 
# 
loop_
_database_2.database_id 
_database_2.database_code 
_database_2.pdbx_database_accession 
_database_2.pdbx_DOI 
PDB   9JGO         pdb_00009jgo 10.2210/pdb9jgo/pdb 
WWPDB D_1300051302 ?            ?                   
# 
_pdbx_audit_revision_history.ordinal             1 
_pdbx_audit_revision_history.data_content_type   'Structure model' 
_pdbx_audit_revision_history.major_revision      1 
_pdbx_audit_revision_history.minor_revision      0 
_pdbx_audit_revision_history.revision_date       2025-09-10 
_pdbx_audit_revision_history.part_number         ? 
# 
_pdbx_audit_revision_details.ordinal             1 
_pdbx_audit_revision_details.revision_ordinal    1 
_pdbx_audit_revision_details.data_content_type   'Structure model' 
_pdbx_audit_revision_details.provider            repository 
_pdbx_audit_revision_details.type                'Initial release' 
_pdbx_audit_revision_details.description         ? 
_pdbx_audit_revision_details.details             ? 
# 
_pdbx_database_status.status_code                     REL 
_pdbx_database_status.status_code_sf                  REL 
_pdbx_database_status.status_code_mr                  ? 
_pdbx_database_status.entry_id                        9JGO 
_pdbx_database_status.recvd_initial_deposition_date   2024-09-08 
_pdbx_database_status.SG_entry                        N 
_pdbx_database_status.deposit_site                    PDBJ 
_pdbx_database_status.process_site                    PDBJ 
_pdbx_database_status.status_code_cs                  ? 
_pdbx_database_status.status_code_nmr_data            ? 
_pdbx_database_status.methods_development_category    ? 
_pdbx_database_status.pdb_format_compatible           Y 
# 
_pdbx_contact_author.id                 3 
_pdbx_contact_author.email              huangxinglu@nankai.edu.cn 
_pdbx_contact_author.name_first         XINGLU 
_pdbx_contact_author.name_last          HUANG 
_pdbx_contact_author.name_mi            ? 
_pdbx_contact_author.role               'principal investigator/group leader' 
_pdbx_contact_author.identifier_ORCID   0000-0002-9378-7425 
# 
loop_
_audit_author.name 
_audit_author.pdbx_ordinal 
_audit_author.identifier_ORCID 
'Liu, Y.J.'   1 ?                   
'Zhao, M.'    2 ?                   
'Chen, C.'    3 0000-0002-2228-2489 
'Hu, X.Y.'    4 ?                   
'Kang, H.L.'  5 ?                   
'Liu, Q.Q.'   6 ?                   
'Huang, X.L.' 7 ?                   
# 
_citation.abstract                  ? 
_citation.abstract_id_CAS           ? 
_citation.book_id_ISBN              ? 
_citation.book_publisher            ? 
_citation.book_publisher_city       ? 
_citation.book_title                ? 
_citation.coordinate_linkage        ? 
_citation.country                   ? 
_citation.database_id_Medline       ? 
_citation.details                   ? 
_citation.id                        primary 
_citation.journal_abbrev            'To Be Published' 
_citation.journal_id_ASTM           ? 
_citation.journal_id_CSD            0353 
_citation.journal_id_ISSN           ? 
_citation.journal_full              ? 
_citation.journal_issue             ? 
_citation.journal_volume            ? 
_citation.language                  ? 
_citation.page_first                ? 
_citation.page_last                 ? 
_citation.title                     'Structure of Pd ions bound to human heavy chain ferritin nanocage.' 
_citation.year                      ? 
_citation.database_id_CSD           ? 
_citation.pdbx_database_id_DOI      ? 
_citation.pdbx_database_id_PubMed   ? 
_citation.pdbx_database_id_patent   ? 
_citation.unpublished_flag          ? 
# 
loop_
_citation_author.citation_id 
_citation_author.name 
_citation_author.ordinal 
_citation_author.identifier_ORCID 
primary 'Hu, X.Y.'    1  ? 
primary 'Kang, H.L.'  2  ? 
primary 'Liu, Q.Q.'   3  ? 
primary 'Zhao, M.'    4  ? 
primary 'Li, Y.K.'    5  ? 
primary 'Peng, W.C.'  6  ? 
primary 'Qi, T.Y.'    7  ? 
primary 'Liu, R.M.'   8  ? 
primary 'Jiao, L.'    9  ? 
primary 'Dou, H.J.'   10 ? 
primary 'Zhuang, J.'  11 ? 
primary 'Liu, Y.J.'   12 ? 
primary 'Mann, S.'    13 ? 
primary 'Huang, X.L.' 14 ? 
# 
loop_
_entity.id 
_entity.type 
_entity.src_method 
_entity.pdbx_description 
_entity.formula_weight 
_entity.pdbx_number_of_molecules 
_entity.pdbx_ec 
_entity.pdbx_mutation 
_entity.pdbx_fragment 
_entity.details 
1 polymer     man 'Ferritin heavy chain, N-terminally processed' 21124.459 1   ? ? ? ? 
2 non-polymer syn 'MAGNESIUM ION'                                24.305    3   ? ? ? ? 
3 non-polymer syn 'PALLADIUM ION'                                106.420   2   ? ? ? ? 
4 water       nat water                                          18.015    141 ? ? ? ? 
# 
_entity_name_com.entity_id   1 
_entity_name_com.name        'human Ferritin Heavy Chain with 2 Pd atoms' 
# 
_entity_poly.entity_id                      1 
_entity_poly.type                           'polypeptide(L)' 
_entity_poly.nstd_linkage                   no 
_entity_poly.nstd_monomer                   no 
_entity_poly.pdbx_seq_one_letter_code       
;TTASTSQVRQNYHQDSEAAINRQINLELYASYVYLSMSYYFDRDDVALKNFAKYFLHQSHEEREHAEKLMKLQNQRGGRI
FLQDIKKPDCDDWESGLNAMECALHLEKNVNQSLLELHKLATDKNDPHLCDFIETHYLNEQVKAIKELGDHVTNLRKMGA
PESGLAEYLFDKHTLGDSDNES
;
_entity_poly.pdbx_seq_one_letter_code_can   
;TTASTSQVRQNYHQDSEAAINRQINLELYASYVYLSMSYYFDRDDVALKNFAKYFLHQSHEEREHAEKLMKLQNQRGGRI
FLQDIKKPDCDDWESGLNAMECALHLEKNVNQSLLELHKLATDKNDPHLCDFIETHYLNEQVKAIKELGDHVTNLRKMGA
PESGLAEYLFDKHTLGDSDNES
;
_entity_poly.pdbx_strand_id                 A 
_entity_poly.pdbx_target_identifier         ? 
# 
loop_
_pdbx_entity_nonpoly.entity_id 
_pdbx_entity_nonpoly.name 
_pdbx_entity_nonpoly.comp_id 
2 'MAGNESIUM ION' MG  
3 'PALLADIUM ION' PD  
4 water           HOH 
# 
loop_
_entity_poly_seq.entity_id 
_entity_poly_seq.num 
_entity_poly_seq.mon_id 
_entity_poly_seq.hetero 
1 1   THR n 
1 2   THR n 
1 3   ALA n 
1 4   SER n 
1 5   THR n 
1 6   SER n 
1 7   GLN n 
1 8   VAL n 
1 9   ARG n 
1 10  GLN n 
1 11  ASN n 
1 12  TYR n 
1 13  HIS n 
1 14  GLN n 
1 15  ASP n 
1 16  SER n 
1 17  GLU n 
1 18  ALA n 
1 19  ALA n 
1 20  ILE n 
1 21  ASN n 
1 22  ARG n 
1 23  GLN n 
1 24  ILE n 
1 25  ASN n 
1 26  LEU n 
1 27  GLU n 
1 28  LEU n 
1 29  TYR n 
1 30  ALA n 
1 31  SER n 
1 32  TYR n 
1 33  VAL n 
1 34  TYR n 
1 35  LEU n 
1 36  SER n 
1 37  MET n 
1 38  SER n 
1 39  TYR n 
1 40  TYR n 
1 41  PHE n 
1 42  ASP n 
1 43  ARG n 
1 44  ASP n 
1 45  ASP n 
1 46  VAL n 
1 47  ALA n 
1 48  LEU n 
1 49  LYS n 
1 50  ASN n 
1 51  PHE n 
1 52  ALA n 
1 53  LYS n 
1 54  TYR n 
1 55  PHE n 
1 56  LEU n 
1 57  HIS n 
1 58  GLN n 
1 59  SER n 
1 60  HIS n 
1 61  GLU n 
1 62  GLU n 
1 63  ARG n 
1 64  GLU n 
1 65  HIS n 
1 66  ALA n 
1 67  GLU n 
1 68  LYS n 
1 69  LEU n 
1 70  MET n 
1 71  LYS n 
1 72  LEU n 
1 73  GLN n 
1 74  ASN n 
1 75  GLN n 
1 76  ARG n 
1 77  GLY n 
1 78  GLY n 
1 79  ARG n 
1 80  ILE n 
1 81  PHE n 
1 82  LEU n 
1 83  GLN n 
1 84  ASP n 
1 85  ILE n 
1 86  LYS n 
1 87  LYS n 
1 88  PRO n 
1 89  ASP n 
1 90  CYS n 
1 91  ASP n 
1 92  ASP n 
1 93  TRP n 
1 94  GLU n 
1 95  SER n 
1 96  GLY n 
1 97  LEU n 
1 98  ASN n 
1 99  ALA n 
1 100 MET n 
1 101 GLU n 
1 102 CYS n 
1 103 ALA n 
1 104 LEU n 
1 105 HIS n 
1 106 LEU n 
1 107 GLU n 
1 108 LYS n 
1 109 ASN n 
1 110 VAL n 
1 111 ASN n 
1 112 GLN n 
1 113 SER n 
1 114 LEU n 
1 115 LEU n 
1 116 GLU n 
1 117 LEU n 
1 118 HIS n 
1 119 LYS n 
1 120 LEU n 
1 121 ALA n 
1 122 THR n 
1 123 ASP n 
1 124 LYS n 
1 125 ASN n 
1 126 ASP n 
1 127 PRO n 
1 128 HIS n 
1 129 LEU n 
1 130 CYS n 
1 131 ASP n 
1 132 PHE n 
1 133 ILE n 
1 134 GLU n 
1 135 THR n 
1 136 HIS n 
1 137 TYR n 
1 138 LEU n 
1 139 ASN n 
1 140 GLU n 
1 141 GLN n 
1 142 VAL n 
1 143 LYS n 
1 144 ALA n 
1 145 ILE n 
1 146 LYS n 
1 147 GLU n 
1 148 LEU n 
1 149 GLY n 
1 150 ASP n 
1 151 HIS n 
1 152 VAL n 
1 153 THR n 
1 154 ASN n 
1 155 LEU n 
1 156 ARG n 
1 157 LYS n 
1 158 MET n 
1 159 GLY n 
1 160 ALA n 
1 161 PRO n 
1 162 GLU n 
1 163 SER n 
1 164 GLY n 
1 165 LEU n 
1 166 ALA n 
1 167 GLU n 
1 168 TYR n 
1 169 LEU n 
1 170 PHE n 
1 171 ASP n 
1 172 LYS n 
1 173 HIS n 
1 174 THR n 
1 175 LEU n 
1 176 GLY n 
1 177 ASP n 
1 178 SER n 
1 179 ASP n 
1 180 ASN n 
1 181 GLU n 
1 182 SER n 
# 
_entity_src_gen.entity_id                          1 
_entity_src_gen.pdbx_src_id                        1 
_entity_src_gen.pdbx_alt_source_flag               sample 
_entity_src_gen.pdbx_seq_type                      'Biological sequence' 
_entity_src_gen.pdbx_beg_seq_num                   1 
_entity_src_gen.pdbx_end_seq_num                   182 
_entity_src_gen.gene_src_common_name               human 
_entity_src_gen.gene_src_genus                     ? 
_entity_src_gen.pdbx_gene_src_gene                 'FTH1, FTH, FTHL6, OK/SW-cl.84, PIG15' 
_entity_src_gen.gene_src_species                   ? 
_entity_src_gen.gene_src_strain                    ? 
_entity_src_gen.gene_src_tissue                    ? 
_entity_src_gen.gene_src_tissue_fraction           ? 
_entity_src_gen.gene_src_details                   ? 
_entity_src_gen.pdbx_gene_src_fragment             ? 
_entity_src_gen.pdbx_gene_src_scientific_name      'Homo sapiens' 
_entity_src_gen.pdbx_gene_src_ncbi_taxonomy_id     9606 
_entity_src_gen.pdbx_gene_src_variant              ? 
_entity_src_gen.pdbx_gene_src_cell_line            ? 
_entity_src_gen.pdbx_gene_src_atcc                 ? 
_entity_src_gen.pdbx_gene_src_organ                ? 
_entity_src_gen.pdbx_gene_src_organelle            ? 
_entity_src_gen.pdbx_gene_src_cell                 ? 
_entity_src_gen.pdbx_gene_src_cellular_location    ? 
_entity_src_gen.host_org_common_name               ? 
_entity_src_gen.pdbx_host_org_scientific_name      'Escherichia phage EcSzw-2' 
_entity_src_gen.pdbx_host_org_ncbi_taxonomy_id     2419741 
_entity_src_gen.host_org_genus                     ? 
_entity_src_gen.pdbx_host_org_gene                 ? 
_entity_src_gen.pdbx_host_org_organ                ? 
_entity_src_gen.host_org_species                   ? 
_entity_src_gen.pdbx_host_org_tissue               ? 
_entity_src_gen.pdbx_host_org_tissue_fraction      ? 
_entity_src_gen.pdbx_host_org_strain               ? 
_entity_src_gen.pdbx_host_org_variant              ? 
_entity_src_gen.pdbx_host_org_cell_line            ? 
_entity_src_gen.pdbx_host_org_atcc                 ? 
_entity_src_gen.pdbx_host_org_culture_collection   ? 
_entity_src_gen.pdbx_host_org_cell                 ? 
_entity_src_gen.pdbx_host_org_organelle            ? 
_entity_src_gen.pdbx_host_org_cellular_location    ? 
_entity_src_gen.pdbx_host_org_vector_type          ? 
_entity_src_gen.pdbx_host_org_vector               ? 
_entity_src_gen.host_org_details                   ? 
_entity_src_gen.expression_system_id               ? 
_entity_src_gen.plasmid_name                       ? 
_entity_src_gen.plasmid_details                    ? 
_entity_src_gen.pdbx_description                   ? 
# 
loop_
_chem_comp.id 
_chem_comp.type 
_chem_comp.mon_nstd_flag 
_chem_comp.name 
_chem_comp.pdbx_synonyms 
_chem_comp.formula 
_chem_comp.formula_weight 
ALA 'L-peptide linking' y ALANINE         ? 'C3 H7 N O2'     89.093  
ARG 'L-peptide linking' y ARGININE        ? 'C6 H15 N4 O2 1' 175.209 
ASN 'L-peptide linking' y ASPARAGINE      ? 'C4 H8 N2 O3'    132.118 
ASP 'L-peptide linking' y 'ASPARTIC ACID' ? 'C4 H7 N O4'     133.103 
CYS 'L-peptide linking' y CYSTEINE        ? 'C3 H7 N O2 S'   121.158 
GLN 'L-peptide linking' y GLUTAMINE       ? 'C5 H10 N2 O3'   146.144 
GLU 'L-peptide linking' y 'GLUTAMIC ACID' ? 'C5 H9 N O4'     147.129 
GLY 'peptide linking'   y GLYCINE         ? 'C2 H5 N O2'     75.067  
HIS 'L-peptide linking' y HISTIDINE       ? 'C6 H10 N3 O2 1' 156.162 
HOH non-polymer         . WATER           ? 'H2 O'           18.015  
ILE 'L-peptide linking' y ISOLEUCINE      ? 'C6 H13 N O2'    131.173 
LEU 'L-peptide linking' y LEUCINE         ? 'C6 H13 N O2'    131.173 
LYS 'L-peptide linking' y LYSINE          ? 'C6 H15 N2 O2 1' 147.195 
MET 'L-peptide linking' y METHIONINE      ? 'C5 H11 N O2 S'  149.211 
MG  non-polymer         . 'MAGNESIUM ION' ? 'Mg 2'           24.305  
PD  non-polymer         . 'PALLADIUM ION' ? 'Pd 2'           106.420 
PHE 'L-peptide linking' y PHENYLALANINE   ? 'C9 H11 N O2'    165.189 
PRO 'L-peptide linking' y PROLINE         ? 'C5 H9 N O2'     115.130 
SER 'L-peptide linking' y SERINE          ? 'C3 H7 N O3'     105.093 
THR 'L-peptide linking' y THREONINE       ? 'C4 H9 N O3'     119.119 
TRP 'L-peptide linking' y TRYPTOPHAN      ? 'C11 H12 N2 O2'  204.225 
TYR 'L-peptide linking' y TYROSINE        ? 'C9 H11 N O3'    181.189 
VAL 'L-peptide linking' y VALINE          ? 'C5 H11 N O2'    117.146 
# 
loop_
_pdbx_poly_seq_scheme.asym_id 
_pdbx_poly_seq_scheme.entity_id 
_pdbx_poly_seq_scheme.seq_id 
_pdbx_poly_seq_scheme.mon_id 
_pdbx_poly_seq_scheme.ndb_seq_num 
_pdbx_poly_seq_scheme.pdb_seq_num 
_pdbx_poly_seq_scheme.auth_seq_num 
_pdbx_poly_seq_scheme.pdb_mon_id 
_pdbx_poly_seq_scheme.auth_mon_id 
_pdbx_poly_seq_scheme.pdb_strand_id 
_pdbx_poly_seq_scheme.pdb_ins_code 
_pdbx_poly_seq_scheme.hetero 
A 1 1   THR 1   1   ?   ?   ?   A . n 
A 1 2   THR 2   2   ?   ?   ?   A . n 
A 1 3   ALA 3   3   ?   ?   ?   A . n 
A 1 4   SER 4   4   ?   ?   ?   A . n 
A 1 5   THR 5   5   5   THR THR A . n 
A 1 6   SER 6   6   6   SER SER A . n 
A 1 7   GLN 7   7   7   GLN GLN A . n 
A 1 8   VAL 8   8   8   VAL VAL A . n 
A 1 9   ARG 9   9   9   ARG ARG A . n 
A 1 10  GLN 10  10  10  GLN GLN A . n 
A 1 11  ASN 11  11  11  ASN ASN A . n 
A 1 12  TYR 12  12  12  TYR TYR A . n 
A 1 13  HIS 13  13  13  HIS HIS A . n 
A 1 14  GLN 14  14  14  GLN GLN A . n 
A 1 15  ASP 15  15  15  ASP ASP A . n 
A 1 16  SER 16  16  16  SER SER A . n 
A 1 17  GLU 17  17  17  GLU GLU A . n 
A 1 18  ALA 18  18  18  ALA ALA A . n 
A 1 19  ALA 19  19  19  ALA ALA A . n 
A 1 20  ILE 20  20  20  ILE ILE A . n 
A 1 21  ASN 21  21  21  ASN ASN A . n 
A 1 22  ARG 22  22  22  ARG ARG A . n 
A 1 23  GLN 23  23  23  GLN GLN A . n 
A 1 24  ILE 24  24  24  ILE ILE A . n 
A 1 25  ASN 25  25  25  ASN ASN A . n 
A 1 26  LEU 26  26  26  LEU LEU A . n 
A 1 27  GLU 27  27  27  GLU GLU A . n 
A 1 28  LEU 28  28  28  LEU LEU A . n 
A 1 29  TYR 29  29  29  TYR TYR A . n 
A 1 30  ALA 30  30  30  ALA ALA A . n 
A 1 31  SER 31  31  31  SER SER A . n 
A 1 32  TYR 32  32  32  TYR TYR A . n 
A 1 33  VAL 33  33  33  VAL VAL A . n 
A 1 34  TYR 34  34  34  TYR TYR A . n 
A 1 35  LEU 35  35  35  LEU LEU A . n 
A 1 36  SER 36  36  36  SER SER A . n 
A 1 37  MET 37  37  37  MET MET A . n 
A 1 38  SER 38  38  38  SER SER A . n 
A 1 39  TYR 39  39  39  TYR TYR A . n 
A 1 40  TYR 40  40  40  TYR TYR A . n 
A 1 41  PHE 41  41  41  PHE PHE A . n 
A 1 42  ASP 42  42  42  ASP ASP A . n 
A 1 43  ARG 43  43  43  ARG ARG A . n 
A 1 44  ASP 44  44  44  ASP ASP A . n 
A 1 45  ASP 45  45  45  ASP ASP A . n 
A 1 46  VAL 46  46  46  VAL VAL A . n 
A 1 47  ALA 47  47  47  ALA ALA A . n 
A 1 48  LEU 48  48  48  LEU LEU A . n 
A 1 49  LYS 49  49  49  LYS LYS A . n 
A 1 50  ASN 50  50  50  ASN ASN A . n 
A 1 51  PHE 51  51  51  PHE PHE A . n 
A 1 52  ALA 52  52  52  ALA ALA A . n 
A 1 53  LYS 53  53  53  LYS LYS A . n 
A 1 54  TYR 54  54  54  TYR TYR A . n 
A 1 55  PHE 55  55  55  PHE PHE A . n 
A 1 56  LEU 56  56  56  LEU LEU A . n 
A 1 57  HIS 57  57  57  HIS HIS A . n 
A 1 58  GLN 58  58  58  GLN GLN A . n 
A 1 59  SER 59  59  59  SER SER A . n 
A 1 60  HIS 60  60  60  HIS HIS A . n 
A 1 61  GLU 61  61  61  GLU GLU A . n 
A 1 62  GLU 62  62  62  GLU GLU A . n 
A 1 63  ARG 63  63  63  ARG ARG A . n 
A 1 64  GLU 64  64  64  GLU GLU A . n 
A 1 65  HIS 65  65  65  HIS HIS A . n 
A 1 66  ALA 66  66  66  ALA ALA A . n 
A 1 67  GLU 67  67  67  GLU GLU A . n 
A 1 68  LYS 68  68  68  LYS LYS A . n 
A 1 69  LEU 69  69  69  LEU LEU A . n 
A 1 70  MET 70  70  70  MET MET A . n 
A 1 71  LYS 71  71  71  LYS LYS A . n 
A 1 72  LEU 72  72  72  LEU LEU A . n 
A 1 73  GLN 73  73  73  GLN GLN A . n 
A 1 74  ASN 74  74  74  ASN ASN A . n 
A 1 75  GLN 75  75  75  GLN GLN A . n 
A 1 76  ARG 76  76  76  ARG ARG A . n 
A 1 77  GLY 77  77  77  GLY GLY A . n 
A 1 78  GLY 78  78  78  GLY GLY A . n 
A 1 79  ARG 79  79  79  ARG ARG A . n 
A 1 80  ILE 80  80  80  ILE ILE A . n 
A 1 81  PHE 81  81  81  PHE PHE A . n 
A 1 82  LEU 82  82  82  LEU LEU A . n 
A 1 83  GLN 83  83  83  GLN GLN A . n 
A 1 84  ASP 84  84  84  ASP ASP A . n 
A 1 85  ILE 85  85  85  ILE ILE A . n 
A 1 86  LYS 86  86  86  LYS LYS A . n 
A 1 87  LYS 87  87  87  LYS LYS A . n 
A 1 88  PRO 88  88  88  PRO PRO A . n 
A 1 89  ASP 89  89  89  ASP ASP A . n 
A 1 90  CYS 90  90  90  CYS CYS A . n 
A 1 91  ASP 91  91  91  ASP ASP A . n 
A 1 92  ASP 92  92  92  ASP ASP A . n 
A 1 93  TRP 93  93  93  TRP TRP A . n 
A 1 94  GLU 94  94  94  GLU GLU A . n 
A 1 95  SER 95  95  95  SER SER A . n 
A 1 96  GLY 96  96  96  GLY GLY A . n 
A 1 97  LEU 97  97  97  LEU LEU A . n 
A 1 98  ASN 98  98  98  ASN ASN A . n 
A 1 99  ALA 99  99  99  ALA ALA A . n 
A 1 100 MET 100 100 100 MET MET A . n 
A 1 101 GLU 101 101 101 GLU GLU A . n 
A 1 102 CYS 102 102 102 CYS CYS A . n 
A 1 103 ALA 103 103 103 ALA ALA A . n 
A 1 104 LEU 104 104 104 LEU LEU A . n 
A 1 105 HIS 105 105 105 HIS HIS A . n 
A 1 106 LEU 106 106 106 LEU LEU A . n 
A 1 107 GLU 107 107 107 GLU GLU A . n 
A 1 108 LYS 108 108 108 LYS LYS A . n 
A 1 109 ASN 109 109 109 ASN ASN A . n 
A 1 110 VAL 110 110 110 VAL VAL A . n 
A 1 111 ASN 111 111 111 ASN ASN A . n 
A 1 112 GLN 112 112 112 GLN GLN A . n 
A 1 113 SER 113 113 113 SER SER A . n 
A 1 114 LEU 114 114 114 LEU LEU A . n 
A 1 115 LEU 115 115 115 LEU LEU A . n 
A 1 116 GLU 116 116 116 GLU GLU A . n 
A 1 117 LEU 117 117 117 LEU LEU A . n 
A 1 118 HIS 118 118 118 HIS HIS A . n 
A 1 119 LYS 119 119 119 LYS LYS A . n 
A 1 120 LEU 120 120 120 LEU LEU A . n 
A 1 121 ALA 121 121 121 ALA ALA A . n 
A 1 122 THR 122 122 122 THR THR A . n 
A 1 123 ASP 123 123 123 ASP ASP A . n 
A 1 124 LYS 124 124 124 LYS LYS A . n 
A 1 125 ASN 125 125 125 ASN ASN A . n 
A 1 126 ASP 126 126 126 ASP ASP A . n 
A 1 127 PRO 127 127 127 PRO PRO A . n 
A 1 128 HIS 128 128 128 HIS HIS A . n 
A 1 129 LEU 129 129 129 LEU LEU A . n 
A 1 130 CYS 130 130 130 CYS CYS A . n 
A 1 131 ASP 131 131 131 ASP ASP A . n 
A 1 132 PHE 132 132 132 PHE PHE A . n 
A 1 133 ILE 133 133 133 ILE ILE A . n 
A 1 134 GLU 134 134 134 GLU GLU A . n 
A 1 135 THR 135 135 135 THR THR A . n 
A 1 136 HIS 136 136 136 HIS HIS A . n 
A 1 137 TYR 137 137 137 TYR TYR A . n 
A 1 138 LEU 138 138 138 LEU LEU A . n 
A 1 139 ASN 139 139 139 ASN ASN A . n 
A 1 140 GLU 140 140 140 GLU GLU A . n 
A 1 141 GLN 141 141 141 GLN GLN A . n 
A 1 142 VAL 142 142 142 VAL VAL A . n 
A 1 143 LYS 143 143 143 LYS LYS A . n 
A 1 144 ALA 144 144 144 ALA ALA A . n 
A 1 145 ILE 145 145 145 ILE ILE A . n 
A 1 146 LYS 146 146 146 LYS LYS A . n 
A 1 147 GLU 147 147 147 GLU GLU A . n 
A 1 148 LEU 148 148 148 LEU LEU A . n 
A 1 149 GLY 149 149 149 GLY GLY A . n 
A 1 150 ASP 150 150 150 ASP ASP A . n 
A 1 151 HIS 151 151 151 HIS HIS A . n 
A 1 152 VAL 152 152 152 VAL VAL A . n 
A 1 153 THR 153 153 153 THR THR A . n 
A 1 154 ASN 154 154 154 ASN ASN A . n 
A 1 155 LEU 155 155 155 LEU LEU A . n 
A 1 156 ARG 156 156 156 ARG ARG A . n 
A 1 157 LYS 157 157 157 LYS LYS A . n 
A 1 158 MET 158 158 158 MET MET A . n 
A 1 159 GLY 159 159 159 GLY GLY A . n 
A 1 160 ALA 160 160 160 ALA ALA A . n 
A 1 161 PRO 161 161 161 PRO PRO A . n 
A 1 162 GLU 162 162 162 GLU GLU A . n 
A 1 163 SER 163 163 163 SER SER A . n 
A 1 164 GLY 164 164 164 GLY GLY A . n 
A 1 165 LEU 165 165 165 LEU LEU A . n 
A 1 166 ALA 166 166 166 ALA ALA A . n 
A 1 167 GLU 167 167 167 GLU GLU A . n 
A 1 168 TYR 168 168 168 TYR TYR A . n 
A 1 169 LEU 169 169 169 LEU LEU A . n 
A 1 170 PHE 170 170 170 PHE PHE A . n 
A 1 171 ASP 171 171 171 ASP ASP A . n 
A 1 172 LYS 172 172 172 LYS LYS A . n 
A 1 173 HIS 173 173 173 HIS HIS A . n 
A 1 174 THR 174 174 174 THR THR A . n 
A 1 175 LEU 175 175 175 LEU LEU A . n 
A 1 176 GLY 176 176 176 GLY GLY A . n 
A 1 177 ASP 177 177 ?   ?   ?   A . n 
A 1 178 SER 178 178 ?   ?   ?   A . n 
A 1 179 ASP 179 179 ?   ?   ?   A . n 
A 1 180 ASN 180 180 ?   ?   ?   A . n 
A 1 181 GLU 181 181 ?   ?   ?   A . n 
A 1 182 SER 182 182 ?   ?   ?   A . n 
# 
_pdbx_entity_instance_feature.ordinal        1 
_pdbx_entity_instance_feature.comp_id        PD 
_pdbx_entity_instance_feature.asym_id        ? 
_pdbx_entity_instance_feature.seq_num        ? 
_pdbx_entity_instance_feature.auth_comp_id   PD 
_pdbx_entity_instance_feature.auth_asym_id   ? 
_pdbx_entity_instance_feature.auth_seq_num   ? 
_pdbx_entity_instance_feature.feature_type   'SUBJECT OF INVESTIGATION' 
_pdbx_entity_instance_feature.details        ? 
# 
loop_
_pdbx_nonpoly_scheme.asym_id 
_pdbx_nonpoly_scheme.entity_id 
_pdbx_nonpoly_scheme.mon_id 
_pdbx_nonpoly_scheme.ndb_seq_num 
_pdbx_nonpoly_scheme.pdb_seq_num 
_pdbx_nonpoly_scheme.auth_seq_num 
_pdbx_nonpoly_scheme.pdb_mon_id 
_pdbx_nonpoly_scheme.auth_mon_id 
_pdbx_nonpoly_scheme.pdb_strand_id 
_pdbx_nonpoly_scheme.pdb_ins_code 
B 2 MG  1   201 184 MG  MG  A . 
C 2 MG  1   202 185 MG  MG  A . 
D 2 MG  1   203 186 MG  MG  A . 
E 3 PD  1   204 201 PD  PD  A . 
F 3 PD  1   205 202 PD  PD  A . 
G 4 HOH 1   301 76  HOH HOH A . 
G 4 HOH 2   302 122 HOH HOH A . 
G 4 HOH 3   303 118 HOH HOH A . 
G 4 HOH 4   304 91  HOH HOH A . 
G 4 HOH 5   305 105 HOH HOH A . 
G 4 HOH 6   306 125 HOH HOH A . 
G 4 HOH 7   307 139 HOH HOH A . 
G 4 HOH 8   308 29  HOH HOH A . 
G 4 HOH 9   309 90  HOH HOH A . 
G 4 HOH 10  310 46  HOH HOH A . 
G 4 HOH 11  311 84  HOH HOH A . 
G 4 HOH 12  312 107 HOH HOH A . 
G 4 HOH 13  313 41  HOH HOH A . 
G 4 HOH 14  314 112 HOH HOH A . 
G 4 HOH 15  315 120 HOH HOH A . 
G 4 HOH 16  316 60  HOH HOH A . 
G 4 HOH 17  317 101 HOH HOH A . 
G 4 HOH 18  318 59  HOH HOH A . 
G 4 HOH 19  319 69  HOH HOH A . 
G 4 HOH 20  320 32  HOH HOH A . 
G 4 HOH 21  321 134 HOH HOH A . 
G 4 HOH 22  322 34  HOH HOH A . 
G 4 HOH 23  323 55  HOH HOH A . 
G 4 HOH 24  324 52  HOH HOH A . 
G 4 HOH 25  325 100 HOH HOH A . 
G 4 HOH 26  326 87  HOH HOH A . 
G 4 HOH 27  327 27  HOH HOH A . 
G 4 HOH 28  328 25  HOH HOH A . 
G 4 HOH 29  329 9   HOH HOH A . 
G 4 HOH 30  330 99  HOH HOH A . 
G 4 HOH 31  331 74  HOH HOH A . 
G 4 HOH 32  332 23  HOH HOH A . 
G 4 HOH 33  333 132 HOH HOH A . 
G 4 HOH 34  334 7   HOH HOH A . 
G 4 HOH 35  335 70  HOH HOH A . 
G 4 HOH 36  336 36  HOH HOH A . 
G 4 HOH 37  337 24  HOH HOH A . 
G 4 HOH 38  338 4   HOH HOH A . 
G 4 HOH 39  339 22  HOH HOH A . 
G 4 HOH 40  340 95  HOH HOH A . 
G 4 HOH 41  341 96  HOH HOH A . 
G 4 HOH 42  342 108 HOH HOH A . 
G 4 HOH 43  343 17  HOH HOH A . 
G 4 HOH 44  344 47  HOH HOH A . 
G 4 HOH 45  345 89  HOH HOH A . 
G 4 HOH 46  346 93  HOH HOH A . 
G 4 HOH 47  347 48  HOH HOH A . 
G 4 HOH 48  348 113 HOH HOH A . 
G 4 HOH 49  349 33  HOH HOH A . 
G 4 HOH 50  350 16  HOH HOH A . 
G 4 HOH 51  351 45  HOH HOH A . 
G 4 HOH 52  352 26  HOH HOH A . 
G 4 HOH 53  353 54  HOH HOH A . 
G 4 HOH 54  354 8   HOH HOH A . 
G 4 HOH 55  355 106 HOH HOH A . 
G 4 HOH 56  356 67  HOH HOH A . 
G 4 HOH 57  357 64  HOH HOH A . 
G 4 HOH 58  358 38  HOH HOH A . 
G 4 HOH 59  359 18  HOH HOH A . 
G 4 HOH 60  360 39  HOH HOH A . 
G 4 HOH 61  361 6   HOH HOH A . 
G 4 HOH 62  362 140 HOH HOH A . 
G 4 HOH 63  363 11  HOH HOH A . 
G 4 HOH 64  364 119 HOH HOH A . 
G 4 HOH 65  365 117 HOH HOH A . 
G 4 HOH 66  366 116 HOH HOH A . 
G 4 HOH 67  367 72  HOH HOH A . 
G 4 HOH 68  368 79  HOH HOH A . 
G 4 HOH 69  369 5   HOH HOH A . 
G 4 HOH 70  370 19  HOH HOH A . 
G 4 HOH 71  371 44  HOH HOH A . 
G 4 HOH 72  372 71  HOH HOH A . 
G 4 HOH 73  373 73  HOH HOH A . 
G 4 HOH 74  374 61  HOH HOH A . 
G 4 HOH 75  375 146 HOH HOH A . 
G 4 HOH 76  376 35  HOH HOH A . 
G 4 HOH 77  377 53  HOH HOH A . 
G 4 HOH 78  378 58  HOH HOH A . 
G 4 HOH 79  379 86  HOH HOH A . 
G 4 HOH 80  380 51  HOH HOH A . 
G 4 HOH 81  381 56  HOH HOH A . 
G 4 HOH 82  382 12  HOH HOH A . 
G 4 HOH 83  383 14  HOH HOH A . 
G 4 HOH 84  384 78  HOH HOH A . 
G 4 HOH 85  385 63  HOH HOH A . 
G 4 HOH 86  386 92  HOH HOH A . 
G 4 HOH 87  387 65  HOH HOH A . 
G 4 HOH 88  388 68  HOH HOH A . 
G 4 HOH 89  389 83  HOH HOH A . 
G 4 HOH 90  390 50  HOH HOH A . 
G 4 HOH 91  391 148 HOH HOH A . 
G 4 HOH 92  392 10  HOH HOH A . 
G 4 HOH 93  393 152 HOH HOH A . 
G 4 HOH 94  394 57  HOH HOH A . 
G 4 HOH 95  395 153 HOH HOH A . 
G 4 HOH 96  396 131 HOH HOH A . 
G 4 HOH 97  397 127 HOH HOH A . 
G 4 HOH 98  398 37  HOH HOH A . 
G 4 HOH 99  399 43  HOH HOH A . 
G 4 HOH 100 400 150 HOH HOH A . 
G 4 HOH 101 401 97  HOH HOH A . 
G 4 HOH 102 402 135 HOH HOH A . 
G 4 HOH 103 403 124 HOH HOH A . 
G 4 HOH 104 404 144 HOH HOH A . 
G 4 HOH 105 405 149 HOH HOH A . 
G 4 HOH 106 406 145 HOH HOH A . 
G 4 HOH 107 407 129 HOH HOH A . 
G 4 HOH 108 408 31  HOH HOH A . 
G 4 HOH 109 409 147 HOH HOH A . 
G 4 HOH 110 410 111 HOH HOH A . 
G 4 HOH 111 411 49  HOH HOH A . 
G 4 HOH 112 412 80  HOH HOH A . 
G 4 HOH 113 413 121 HOH HOH A . 
G 4 HOH 114 414 102 HOH HOH A . 
G 4 HOH 115 415 133 HOH HOH A . 
G 4 HOH 116 416 110 HOH HOH A . 
G 4 HOH 117 417 85  HOH HOH A . 
G 4 HOH 118 418 103 HOH HOH A . 
G 4 HOH 119 419 98  HOH HOH A . 
G 4 HOH 120 420 42  HOH HOH A . 
G 4 HOH 121 421 30  HOH HOH A . 
G 4 HOH 122 422 82  HOH HOH A . 
G 4 HOH 123 423 13  HOH HOH A . 
G 4 HOH 124 424 151 HOH HOH A . 
G 4 HOH 125 425 28  HOH HOH A . 
G 4 HOH 126 426 94  HOH HOH A . 
G 4 HOH 127 427 109 HOH HOH A . 
G 4 HOH 128 428 143 HOH HOH A . 
G 4 HOH 129 429 104 HOH HOH A . 
G 4 HOH 130 430 75  HOH HOH A . 
G 4 HOH 131 431 66  HOH HOH A . 
G 4 HOH 132 432 141 HOH HOH A . 
G 4 HOH 133 433 77  HOH HOH A . 
G 4 HOH 134 434 142 HOH HOH A . 
G 4 HOH 135 435 15  HOH HOH A . 
G 4 HOH 136 436 62  HOH HOH A . 
G 4 HOH 137 437 126 HOH HOH A . 
G 4 HOH 138 438 138 HOH HOH A . 
G 4 HOH 139 439 114 HOH HOH A . 
G 4 HOH 140 440 88  HOH HOH A . 
G 4 HOH 141 441 136 HOH HOH A . 
# 
loop_
_software.citation_id 
_software.classification 
_software.compiler_name 
_software.compiler_version 
_software.contact_author 
_software.contact_author_email 
_software.date 
_software.description 
_software.dependencies 
_software.hardware 
_software.language 
_software.location 
_software.mods 
_software.name 
_software.os 
_software.os_version 
_software.type 
_software.version 
_software.pdbx_ordinal 
? refinement       ? ? ? ? ? ? ? ? ? ? ? PHENIX  ? ? ? 1.20 1 
? 'data reduction' ? ? ? ? ? ? ? ? ? ? ? iMOSFLM ? ? ? .    2 
? 'data scaling'   ? ? ? ? ? ? ? ? ? ? ? SCALA   ? ? ? .    3 
? phasing          ? ? ? ? ? ? ? ? ? ? ? PHENIX  ? ? ? .    4 
# 
_cell.angle_alpha                  90.00 
_cell.angle_alpha_esd              ? 
_cell.angle_beta                   90.00 
_cell.angle_beta_esd               ? 
_cell.angle_gamma                  90.00 
_cell.angle_gamma_esd              ? 
_cell.entry_id                     9JGO 
_cell.details                      ? 
_cell.formula_units_Z              ? 
_cell.length_a                     183.960 
_cell.length_a_esd                 ? 
_cell.length_b                     183.960 
_cell.length_b_esd                 ? 
_cell.length_c                     183.960 
_cell.length_c_esd                 ? 
_cell.volume                       ? 
_cell.volume_esd                   ? 
_cell.Z_PDB                        96 
_cell.reciprocal_angle_alpha       ? 
_cell.reciprocal_angle_beta        ? 
_cell.reciprocal_angle_gamma       ? 
_cell.reciprocal_angle_alpha_esd   ? 
_cell.reciprocal_angle_beta_esd    ? 
_cell.reciprocal_angle_gamma_esd   ? 
_cell.reciprocal_length_a          ? 
_cell.reciprocal_length_b          ? 
_cell.reciprocal_length_c          ? 
_cell.reciprocal_length_a_esd      ? 
_cell.reciprocal_length_b_esd      ? 
_cell.reciprocal_length_c_esd      ? 
_cell.pdbx_unique_axis             ? 
_cell.pdbx_esd_method              ? 
# 
_symmetry.entry_id                         9JGO 
_symmetry.cell_setting                     ? 
_symmetry.Int_Tables_number                209 
_symmetry.space_group_name_Hall            ? 
_symmetry.space_group_name_H-M             'F 4 3 2' 
_symmetry.pdbx_full_space_group_name_H-M   ? 
# 
_exptl.absorpt_coefficient_mu     ? 
_exptl.absorpt_correction_T_max   ? 
_exptl.absorpt_correction_T_min   ? 
_exptl.absorpt_correction_type    ? 
_exptl.absorpt_process_details    ? 
_exptl.entry_id                   9JGO 
_exptl.crystals_number            1 
_exptl.details                    ? 
_exptl.method                     'X-RAY DIFFRACTION' 
_exptl.method_details             ? 
# 
_exptl_crystal.colour                       ? 
_exptl_crystal.density_diffrn               ? 
_exptl_crystal.density_Matthews             3.07 
_exptl_crystal.density_method               ? 
_exptl_crystal.density_percent_sol          59.93 
_exptl_crystal.description                  ? 
_exptl_crystal.F_000                        ? 
_exptl_crystal.id                           1 
_exptl_crystal.preparation                  ? 
_exptl_crystal.size_max                     ? 
_exptl_crystal.size_mid                     ? 
_exptl_crystal.size_min                     ? 
_exptl_crystal.size_rad                     ? 
_exptl_crystal.colour_lustre                ? 
_exptl_crystal.colour_modifier              ? 
_exptl_crystal.colour_primary               ? 
_exptl_crystal.density_meas                 ? 
_exptl_crystal.density_meas_esd             ? 
_exptl_crystal.density_meas_gt              ? 
_exptl_crystal.density_meas_lt              ? 
_exptl_crystal.density_meas_temp            ? 
_exptl_crystal.density_meas_temp_esd        ? 
_exptl_crystal.density_meas_temp_gt         ? 
_exptl_crystal.density_meas_temp_lt         ? 
_exptl_crystal.pdbx_crystal_image_url       ? 
_exptl_crystal.pdbx_crystal_image_format    ? 
_exptl_crystal.pdbx_mosaicity               ? 
_exptl_crystal.pdbx_mosaicity_esd           ? 
_exptl_crystal.pdbx_mosaic_method           ? 
_exptl_crystal.pdbx_mosaic_block_size       ? 
_exptl_crystal.pdbx_mosaic_block_size_esd   ? 
# 
_exptl_crystal_grow.apparatus       ? 
_exptl_crystal_grow.atmosphere      ? 
_exptl_crystal_grow.crystal_id      1 
_exptl_crystal_grow.details         ? 
_exptl_crystal_grow.method          EVAPORATION 
_exptl_crystal_grow.method_ref      ? 
_exptl_crystal_grow.pH              ? 
_exptl_crystal_grow.pressure        ? 
_exptl_crystal_grow.pressure_esd    ? 
_exptl_crystal_grow.seeding         ? 
_exptl_crystal_grow.seeding_ref     ? 
_exptl_crystal_grow.temp_details    ? 
_exptl_crystal_grow.temp_esd        ? 
_exptl_crystal_grow.time            ? 
_exptl_crystal_grow.pdbx_details    '2 M MgCl2, 0.1 M Bicine, pH 9.0' 
_exptl_crystal_grow.pdbx_pH_range   ? 
_exptl_crystal_grow.temp            283 
# 
_diffrn.ambient_environment              ? 
_diffrn.ambient_temp                     93 
_diffrn.ambient_temp_details             ? 
_diffrn.ambient_temp_esd                 ? 
_diffrn.crystal_id                       1 
_diffrn.crystal_support                  ? 
_diffrn.crystal_treatment                ? 
_diffrn.details                          ? 
_diffrn.id                               1 
_diffrn.ambient_pressure                 ? 
_diffrn.ambient_pressure_esd             ? 
_diffrn.ambient_pressure_gt              ? 
_diffrn.ambient_pressure_lt              ? 
_diffrn.ambient_temp_gt                  ? 
_diffrn.ambient_temp_lt                  ? 
_diffrn.pdbx_serial_crystal_experiment   N 
# 
_diffrn_detector.details                      ? 
_diffrn_detector.detector                     'AREA DETECTOR' 
_diffrn_detector.diffrn_id                    1 
_diffrn_detector.type                         RIGAKU 
_diffrn_detector.area_resol_mean              ? 
_diffrn_detector.dtime                        ? 
_diffrn_detector.pdbx_frames_total            ? 
_diffrn_detector.pdbx_collection_time_total   ? 
_diffrn_detector.pdbx_collection_date         2022-06-22 
_diffrn_detector.pdbx_frequency               ? 
_diffrn_detector.id                           ? 
_diffrn_detector.number_of_axes               ? 
# 
_diffrn_radiation.collimation                      ? 
_diffrn_radiation.diffrn_id                        1 
_diffrn_radiation.filter_edge                      ? 
_diffrn_radiation.inhomogeneity                    ? 
_diffrn_radiation.monochromator                    ? 
_diffrn_radiation.polarisn_norm                    ? 
_diffrn_radiation.polarisn_ratio                   ? 
_diffrn_radiation.probe                            ? 
_diffrn_radiation.type                             ? 
_diffrn_radiation.xray_symbol                      ? 
_diffrn_radiation.wavelength_id                    1 
_diffrn_radiation.pdbx_monochromatic_or_laue_m_l   M 
_diffrn_radiation.pdbx_wavelength_list             ? 
_diffrn_radiation.pdbx_wavelength                  ? 
_diffrn_radiation.pdbx_diffrn_protocol             'SINGLE WAVELENGTH' 
_diffrn_radiation.pdbx_analyzer                    ? 
_diffrn_radiation.pdbx_scattering_type             x-ray 
# 
_diffrn_radiation_wavelength.id           1 
_diffrn_radiation_wavelength.wavelength   1.5418 
_diffrn_radiation_wavelength.wt           1.0 
# 
_diffrn_source.current                     ? 
_diffrn_source.details                     ? 
_diffrn_source.diffrn_id                   1 
_diffrn_source.power                       ? 
_diffrn_source.size                        ? 
_diffrn_source.source                      'ROTATING ANODE' 
_diffrn_source.target                      ? 
_diffrn_source.type                        'RIGAKU MICROMAX-007 HF' 
_diffrn_source.voltage                     ? 
_diffrn_source.take-off_angle              ? 
_diffrn_source.pdbx_wavelength_list        1.5418 
_diffrn_source.pdbx_wavelength             ? 
_diffrn_source.pdbx_synchrotron_beamline   ? 
_diffrn_source.pdbx_synchrotron_site       ? 
# 
_reflns.B_iso_Wilson_estimate                          ? 
_reflns.entry_id                                       9JGO 
_reflns.data_reduction_details                         ? 
_reflns.data_reduction_method                          ? 
_reflns.d_resolution_high                              1.851 
_reflns.d_resolution_low                               45.99 
_reflns.details                                        ? 
_reflns.limit_h_max                                    ? 
_reflns.limit_h_min                                    ? 
_reflns.limit_k_max                                    ? 
_reflns.limit_k_min                                    ? 
_reflns.limit_l_max                                    ? 
_reflns.limit_l_min                                    ? 
_reflns.number_all                                     ? 
_reflns.number_obs                                     23326 
_reflns.observed_criterion                             ? 
_reflns.observed_criterion_F_max                       ? 
_reflns.observed_criterion_F_min                       ? 
_reflns.observed_criterion_I_max                       ? 
_reflns.observed_criterion_I_min                       ? 
_reflns.observed_criterion_sigma_F                     ? 
_reflns.observed_criterion_sigma_I                     ? 
_reflns.percent_possible_obs                           99.65 
_reflns.R_free_details                                 ? 
_reflns.Rmerge_F_all                                   ? 
_reflns.Rmerge_F_obs                                   ? 
_reflns.Friedel_coverage                               ? 
_reflns.number_gt                                      ? 
_reflns.threshold_expression                           ? 
_reflns.pdbx_redundancy                                39.9 
_reflns.pdbx_netI_over_av_sigmaI                       ? 
_reflns.pdbx_netI_over_sigmaI                          37.65 
_reflns.pdbx_res_netI_over_av_sigmaI_2                 ? 
_reflns.pdbx_res_netI_over_sigmaI_2                    ? 
_reflns.pdbx_chi_squared                               ? 
_reflns.pdbx_scaling_rejects                           ? 
_reflns.pdbx_d_res_high_opt                            ? 
_reflns.pdbx_d_res_low_opt                             ? 
_reflns.pdbx_d_res_opt_method                          ? 
_reflns.phase_calculation_details                      ? 
_reflns.pdbx_Rrim_I_all                                ? 
_reflns.pdbx_Rpim_I_all                                ? 
_reflns.pdbx_d_opt                                     ? 
_reflns.pdbx_number_measured_all                       ? 
_reflns.pdbx_diffrn_id                                 1 
_reflns.pdbx_ordinal                                   1 
_reflns.pdbx_CC_half                                   1 
_reflns.pdbx_CC_star                                   ? 
_reflns.pdbx_R_split                                   ? 
_reflns.pdbx_Rmerge_I_obs                              0.09046 
_reflns.pdbx_Rmerge_I_all                              ? 
_reflns.pdbx_Rsym_value                                ? 
_reflns.pdbx_CC_split_method                           ? 
_reflns.pdbx_aniso_diffraction_limit_axis_1_ortho[1]   ? 
_reflns.pdbx_aniso_diffraction_limit_axis_1_ortho[2]   ? 
_reflns.pdbx_aniso_diffraction_limit_axis_1_ortho[3]   ? 
_reflns.pdbx_aniso_diffraction_limit_axis_2_ortho[1]   ? 
_reflns.pdbx_aniso_diffraction_limit_axis_2_ortho[2]   ? 
_reflns.pdbx_aniso_diffraction_limit_axis_2_ortho[3]   ? 
_reflns.pdbx_aniso_diffraction_limit_axis_3_ortho[1]   ? 
_reflns.pdbx_aniso_diffraction_limit_axis_3_ortho[2]   ? 
_reflns.pdbx_aniso_diffraction_limit_axis_3_ortho[3]   ? 
_reflns.pdbx_aniso_diffraction_limit_1                 ? 
_reflns.pdbx_aniso_diffraction_limit_2                 ? 
_reflns.pdbx_aniso_diffraction_limit_3                 ? 
_reflns.pdbx_aniso_B_tensor_eigenvector_1_ortho[1]     ? 
_reflns.pdbx_aniso_B_tensor_eigenvector_1_ortho[2]     ? 
_reflns.pdbx_aniso_B_tensor_eigenvector_1_ortho[3]     ? 
_reflns.pdbx_aniso_B_tensor_eigenvector_2_ortho[1]     ? 
_reflns.pdbx_aniso_B_tensor_eigenvector_2_ortho[2]     ? 
_reflns.pdbx_aniso_B_tensor_eigenvector_2_ortho[3]     ? 
_reflns.pdbx_aniso_B_tensor_eigenvector_3_ortho[1]     ? 
_reflns.pdbx_aniso_B_tensor_eigenvector_3_ortho[2]     ? 
_reflns.pdbx_aniso_B_tensor_eigenvector_3_ortho[3]     ? 
_reflns.pdbx_aniso_B_tensor_eigenvalue_1               ? 
_reflns.pdbx_aniso_B_tensor_eigenvalue_2               ? 
_reflns.pdbx_aniso_B_tensor_eigenvalue_3               ? 
_reflns.pdbx_orthogonalization_convention              ? 
_reflns.pdbx_percent_possible_ellipsoidal              ? 
_reflns.pdbx_percent_possible_spherical                ? 
_reflns.pdbx_percent_possible_ellipsoidal_anomalous    ? 
_reflns.pdbx_percent_possible_spherical_anomalous      ? 
_reflns.pdbx_redundancy_anomalous                      ? 
_reflns.pdbx_CC_half_anomalous                         ? 
_reflns.pdbx_absDiff_over_sigma_anomalous              ? 
_reflns.pdbx_percent_possible_anomalous                ? 
_reflns.pdbx_observed_signal_threshold                 ? 
_reflns.pdbx_signal_type                               ? 
_reflns.pdbx_signal_details                            ? 
_reflns.pdbx_signal_software_id                        ? 
# 
_reflns_shell.d_res_high                                    1.851 
_reflns_shell.d_res_low                                     1.917 
_reflns_shell.meanI_over_sigI_all                           ? 
_reflns_shell.meanI_over_sigI_obs                           ? 
_reflns_shell.number_measured_all                           ? 
_reflns_shell.number_measured_obs                           ? 
_reflns_shell.number_possible                               ? 
_reflns_shell.number_unique_all                             ? 
_reflns_shell.number_unique_obs                             2277 
_reflns_shell.percent_possible_obs                          ? 
_reflns_shell.Rmerge_F_all                                  ? 
_reflns_shell.Rmerge_F_obs                                  ? 
_reflns_shell.meanI_over_sigI_gt                            ? 
_reflns_shell.meanI_over_uI_all                             ? 
_reflns_shell.meanI_over_uI_gt                              ? 
_reflns_shell.number_measured_gt                            ? 
_reflns_shell.number_unique_gt                              ? 
_reflns_shell.percent_possible_gt                           ? 
_reflns_shell.Rmerge_F_gt                                   ? 
_reflns_shell.Rmerge_I_gt                                   ? 
_reflns_shell.pdbx_redundancy                               ? 
_reflns_shell.pdbx_chi_squared                              ? 
_reflns_shell.pdbx_netI_over_sigmaI_all                     ? 
_reflns_shell.pdbx_netI_over_sigmaI_obs                     ? 
_reflns_shell.pdbx_Rrim_I_all                               ? 
_reflns_shell.pdbx_Rpim_I_all                               ? 
_reflns_shell.pdbx_rejects                                  ? 
_reflns_shell.pdbx_ordinal                                  1 
_reflns_shell.pdbx_diffrn_id                                1 
_reflns_shell.pdbx_CC_half                                  0.984 
_reflns_shell.pdbx_CC_star                                  ? 
_reflns_shell.pdbx_R_split                                  ? 
_reflns_shell.percent_possible_all                          99.91 
_reflns_shell.Rmerge_I_all                                  ? 
_reflns_shell.Rmerge_I_obs                                  0.4385 
_reflns_shell.pdbx_Rsym_value                               ? 
_reflns_shell.pdbx_percent_possible_ellipsoidal             ? 
_reflns_shell.pdbx_percent_possible_spherical               ? 
_reflns_shell.pdbx_percent_possible_ellipsoidal_anomalous   ? 
_reflns_shell.pdbx_percent_possible_spherical_anomalous     ? 
_reflns_shell.pdbx_redundancy_anomalous                     ? 
_reflns_shell.pdbx_CC_half_anomalous                        ? 
_reflns_shell.pdbx_absDiff_over_sigma_anomalous             ? 
_reflns_shell.pdbx_percent_possible_anomalous               ? 
# 
_refine.aniso_B[1][1]                            ? 
_refine.aniso_B[1][2]                            ? 
_refine.aniso_B[1][3]                            ? 
_refine.aniso_B[2][2]                            ? 
_refine.aniso_B[2][3]                            ? 
_refine.aniso_B[3][3]                            ? 
_refine.B_iso_max                                ? 
_refine.B_iso_mean                               ? 
_refine.B_iso_min                                ? 
_refine.correlation_coeff_Fo_to_Fc               ? 
_refine.correlation_coeff_Fo_to_Fc_free          ? 
_refine.details                                  ? 
_refine.diff_density_max                         ? 
_refine.diff_density_max_esd                     ? 
_refine.diff_density_min                         ? 
_refine.diff_density_min_esd                     ? 
_refine.diff_density_rms                         ? 
_refine.diff_density_rms_esd                     ? 
_refine.entry_id                                 9JGO 
_refine.pdbx_refine_id                           'X-RAY DIFFRACTION' 
_refine.ls_abs_structure_details                 ? 
_refine.ls_abs_structure_Flack                   ? 
_refine.ls_abs_structure_Flack_esd               ? 
_refine.ls_abs_structure_Rogers                  ? 
_refine.ls_abs_structure_Rogers_esd              ? 
_refine.ls_d_res_high                            1.851 
_refine.ls_d_res_low                             45.99 
_refine.ls_extinction_coef                       ? 
_refine.ls_extinction_coef_esd                   ? 
_refine.ls_extinction_expression                 ? 
_refine.ls_extinction_method                     ? 
_refine.ls_goodness_of_fit_all                   ? 
_refine.ls_goodness_of_fit_all_esd               ? 
_refine.ls_goodness_of_fit_obs                   ? 
_refine.ls_goodness_of_fit_obs_esd               ? 
_refine.ls_hydrogen_treatment                    ? 
_refine.ls_matrix_type                           ? 
_refine.ls_number_constraints                    ? 
_refine.ls_number_parameters                     ? 
_refine.ls_number_reflns_all                     ? 
_refine.ls_number_reflns_obs                     23249 
_refine.ls_number_reflns_R_free                  1207 
_refine.ls_number_reflns_R_work                  ? 
_refine.ls_number_restraints                     ? 
_refine.ls_percent_reflns_obs                    99.65 
_refine.ls_percent_reflns_R_free                 ? 
_refine.ls_R_factor_all                          ? 
_refine.ls_R_factor_obs                          ? 
_refine.ls_R_factor_R_free                       0.1974 
_refine.ls_R_factor_R_free_error                 ? 
_refine.ls_R_factor_R_free_error_details         ? 
_refine.ls_R_factor_R_work                       0.1787 
_refine.ls_R_Fsqd_factor_obs                     ? 
_refine.ls_R_I_factor_obs                        ? 
_refine.ls_redundancy_reflns_all                 ? 
_refine.ls_redundancy_reflns_obs                 ? 
_refine.ls_restrained_S_all                      ? 
_refine.ls_restrained_S_obs                      ? 
_refine.ls_shift_over_esd_max                    ? 
_refine.ls_shift_over_esd_mean                   ? 
_refine.ls_structure_factor_coef                 ? 
_refine.ls_weighting_details                     ? 
_refine.ls_weighting_scheme                      ? 
_refine.ls_wR_factor_all                         ? 
_refine.ls_wR_factor_obs                         ? 
_refine.ls_wR_factor_R_free                      ? 
_refine.ls_wR_factor_R_work                      ? 
_refine.occupancy_max                            ? 
_refine.occupancy_min                            ? 
_refine.solvent_model_details                    ? 
_refine.solvent_model_param_bsol                 ? 
_refine.solvent_model_param_ksol                 ? 
_refine.pdbx_R_complete                          ? 
_refine.ls_R_factor_gt                           ? 
_refine.ls_goodness_of_fit_gt                    ? 
_refine.ls_goodness_of_fit_ref                   ? 
_refine.ls_shift_over_su_max                     ? 
_refine.ls_shift_over_su_max_lt                  ? 
_refine.ls_shift_over_su_mean                    ? 
_refine.ls_shift_over_su_mean_lt                 ? 
_refine.pdbx_ls_sigma_I                          ? 
_refine.pdbx_ls_sigma_F                          ? 
_refine.pdbx_ls_sigma_Fsqd                       ? 
_refine.pdbx_data_cutoff_high_absF               ? 
_refine.pdbx_data_cutoff_high_rms_absF           ? 
_refine.pdbx_data_cutoff_low_absF                ? 
_refine.pdbx_isotropic_thermal_model             ? 
_refine.pdbx_ls_cross_valid_method               'FREE R-VALUE' 
_refine.pdbx_method_to_determine_struct          SAD 
_refine.pdbx_starting_model                      ? 
_refine.pdbx_stereochemistry_target_values       ? 
_refine.pdbx_R_Free_selection_details            1201 
_refine.pdbx_stereochem_target_val_spec_case     ? 
_refine.pdbx_overall_ESU_R                       ? 
_refine.pdbx_overall_ESU_R_Free                  ? 
_refine.pdbx_solvent_vdw_probe_radii             ? 
_refine.pdbx_solvent_ion_probe_radii             ? 
_refine.pdbx_solvent_shrinkage_radii             ? 
_refine.pdbx_real_space_R                        ? 
_refine.pdbx_density_correlation                 ? 
_refine.pdbx_pd_number_of_powder_patterns        ? 
_refine.pdbx_pd_number_of_points                 ? 
_refine.pdbx_pd_meas_number_of_points            ? 
_refine.pdbx_pd_proc_ls_prof_R_factor            ? 
_refine.pdbx_pd_proc_ls_prof_wR_factor           ? 
_refine.pdbx_pd_Marquardt_correlation_coeff      ? 
_refine.pdbx_pd_Fsqrd_R_factor                   ? 
_refine.pdbx_pd_ls_matrix_band_width             ? 
_refine.pdbx_overall_phase_error                 ? 
_refine.pdbx_overall_SU_R_free_Cruickshank_DPI   ? 
_refine.pdbx_overall_SU_R_free_Blow_DPI          ? 
_refine.pdbx_overall_SU_R_Blow_DPI               ? 
_refine.pdbx_TLS_residual_ADP_flag               ? 
_refine.pdbx_diffrn_id                           1 
_refine.overall_SU_B                             ? 
_refine.overall_SU_ML                            ? 
_refine.overall_SU_R_Cruickshank_DPI             ? 
_refine.overall_SU_R_free                        ? 
_refine.overall_FOM_free_R_set                   ? 
_refine.overall_FOM_work_R_set                   ? 
_refine.pdbx_average_fsc_overall                 ? 
_refine.pdbx_average_fsc_work                    ? 
_refine.pdbx_average_fsc_free                    ? 
# 
_refine_hist.pdbx_refine_id                   'X-RAY DIFFRACTION' 
_refine_hist.cycle_id                         LAST 
_refine_hist.pdbx_number_atoms_protein        1414 
_refine_hist.pdbx_number_atoms_nucleic_acid   0 
_refine_hist.pdbx_number_atoms_ligand         5 
_refine_hist.number_atoms_solvent             141 
_refine_hist.number_atoms_total               1560 
_refine_hist.d_res_high                       1.851 
_refine_hist.d_res_low                        45.99 
# 
_struct.entry_id                     9JGO 
_struct.title                        'Structure of Pd ions bound to human heavy chain ferritin nanocage.' 
_struct.pdbx_model_details           ? 
_struct.pdbx_formula_weight          ? 
_struct.pdbx_formula_weight_method   ? 
_struct.pdbx_model_type_details      ? 
_struct.pdbx_CASP_flag               N 
# 
_struct_keywords.entry_id        9JGO 
_struct_keywords.text            'granzyme B; nanovesicles; ferritin; Palladium, APOPTOSIS' 
_struct_keywords.pdbx_keywords   APOPTOSIS 
# 
loop_
_struct_asym.id 
_struct_asym.pdbx_blank_PDB_chainid_flag 
_struct_asym.pdbx_modified 
_struct_asym.entity_id 
_struct_asym.details 
A N N 1 ? 
B N N 2 ? 
C N N 2 ? 
D N N 2 ? 
E N N 3 ? 
F N N 3 ? 
G N N 4 ? 
# 
_struct_ref.id                         1 
_struct_ref.db_name                    UNP 
_struct_ref.db_code                    FRIH_HUMAN 
_struct_ref.pdbx_db_accession          P02794 
_struct_ref.pdbx_db_isoform            ? 
_struct_ref.entity_id                  1 
_struct_ref.pdbx_seq_one_letter_code   
;TTASTSQVRQNYHQDSEAAINRQINLELYASYVYLSMSYYFDRDDVALKNFAKYFLHQSHEEREHAEKLMKLQNQRGGRI
FLQDIKKPDCDDWESGLNAMECALHLEKNVNQSLLELHKLATDKNDPHLCDFIETHYLNEQVKAIKELGDHVTNLRKMGA
PESGLAEYLFDKHTLGDSDNES
;
_struct_ref.pdbx_align_begin           2 
# 
_struct_ref_seq.align_id                      1 
_struct_ref_seq.ref_id                        1 
_struct_ref_seq.pdbx_PDB_id_code              9JGO 
_struct_ref_seq.pdbx_strand_id                A 
_struct_ref_seq.seq_align_beg                 1 
_struct_ref_seq.pdbx_seq_align_beg_ins_code   ? 
_struct_ref_seq.seq_align_end                 182 
_struct_ref_seq.pdbx_seq_align_end_ins_code   ? 
_struct_ref_seq.pdbx_db_accession             P02794 
_struct_ref_seq.db_align_beg                  2 
_struct_ref_seq.pdbx_db_align_beg_ins_code    ? 
_struct_ref_seq.db_align_end                  183 
_struct_ref_seq.pdbx_db_align_end_ins_code    ? 
_struct_ref_seq.pdbx_auth_seq_align_beg       1 
_struct_ref_seq.pdbx_auth_seq_align_end       182 
# 
_pdbx_struct_assembly.id                   1 
_pdbx_struct_assembly.details              author_and_software_defined_assembly 
_pdbx_struct_assembly.method_details       PISA 
_pdbx_struct_assembly.oligomeric_details   24-meric 
_pdbx_struct_assembly.oligomeric_count     24 
# 
loop_
_pdbx_struct_assembly_prop.biol_id 
_pdbx_struct_assembly_prop.type 
_pdbx_struct_assembly_prop.value 
_pdbx_struct_assembly_prop.details 
1 'ABSA (A^2)' 96290  ? 
1 MORE         -844   ? 
1 'SSA (A^2)'  144150 ? 
# 
_pdbx_struct_assembly_gen.assembly_id       1 
_pdbx_struct_assembly_gen.oper_expression   1,2,3,4,5,6,7,8,9,10,11,12,13,14,15,16,17,18,19,20,21,22,23,24 
_pdbx_struct_assembly_gen.asym_id_list      A,B,C,D,E,F,G 
# 
_pdbx_struct_assembly_auth_evidence.id                     1 
_pdbx_struct_assembly_auth_evidence.assembly_id            1 
_pdbx_struct_assembly_auth_evidence.experimental_support   'electron microscopy' 
_pdbx_struct_assembly_auth_evidence.details                ? 
# 
loop_
_pdbx_struct_oper_list.id 
_pdbx_struct_oper_list.type 
_pdbx_struct_oper_list.name 
_pdbx_struct_oper_list.symmetry_operation 
_pdbx_struct_oper_list.matrix[1][1] 
_pdbx_struct_oper_list.matrix[1][2] 
_pdbx_struct_oper_list.matrix[1][3] 
_pdbx_struct_oper_list.vector[1] 
_pdbx_struct_oper_list.matrix[2][1] 
_pdbx_struct_oper_list.matrix[2][2] 
_pdbx_struct_oper_list.matrix[2][3] 
_pdbx_struct_oper_list.vector[2] 
_pdbx_struct_oper_list.matrix[3][1] 
_pdbx_struct_oper_list.matrix[3][2] 
_pdbx_struct_oper_list.matrix[3][3] 
_pdbx_struct_oper_list.vector[3] 
1  'identity operation'         1_555  x,y,z    1.0000000000  0.0000000000  0.0000000000  0.0000000000   0.0000000000  1.0000000000  0.0000000000  0.0000000000   0.0000000000  0.0000000000  1.0000000000  0.0000000000   
2  'crystal symmetry operation' 2_555  -x,-y,z  0.6346711581  -0.7723220940 0.0266665355  24.0019184216  -0.7723220940 -0.6351061717 -0.0125989588 52.7843733051  0.0266665355  -0.0125989588 -0.9995649864 57.4238051723  
3  'crystal symmetry operation' 3_555  -x,y,-z  -0.8954498106 0.2076923865  -0.3937429482 80.4188619947  0.2076923865  -0.5874122499 -0.7821833041 37.3644705419  -0.3937429482 -0.7821833041 0.4828620605  41.0626358701  
4  'crystal symmetry operation' 4_555  x,-y,-z  -0.7392213475 0.5646297075  0.3670764127  47.2790428066  0.5646297075  0.2225184216  0.7947822629  -33.5726428887 0.3670764127  0.7947822629  -0.4832970741 18.0527711183  
5  'crystal symmetry operation' 5_555  z,x,y    0.6157165806  0.4351416310  -0.6569207359 27.5585228613  0.7731745572  -0.1728497102 0.6101836459  -30.5113460307 0.1519677481  -0.8836145871 -0.4428668704 48.7721610649  
6  'crystal symmetry operation' 6_555  z,-x,-y  0.0371902595  -0.7436161370 0.6675716631  27.5826919390  0.6404787256  -0.4950495539 -0.5871225947 13.9616297930  0.7670748898  0.4494006897  0.4578592944  -19.6524645522 
7  'crystal symmetry operation' 7_555  -z,-x,y  -0.2023097844 0.3861045533  -0.8999966806 66.3576892639  -0.9684940873 -0.2151589542 0.1254026604  50.2637829458  -0.1452238064 0.8970116489  0.4174687386  9.7921621769   
8  'crystal symmetry operation' 8_555  -z,x,-y  -0.4505970557 -0.0776300473 0.8893457534  30.2009191587  -0.4451591955 0.8830582183  -0.1484637117 22.8621342502  -0.7738188315 -0.4627977515 -0.4324611626 77.6273534711  
9  'crystal symmetry operation' 9_555  y,z,x    0.6157165806  0.7731745572  0.1519677481  -0.7894384931  0.4351416310  -0.1728497102 -0.8836145871 25.8300550580  -0.6569207359 0.6101836459  -0.4428668704 58.3208638174  
10 'crystal symmetry operation' 10_555 -y,z,-x  -0.2023097844 -0.9684940873 -0.1452238064 63.5270414626  0.3861045533  -0.2151589542 0.8970116489  -23.5899865401 -0.8999966806 0.1254026604  0.4174687386  49.3305663723  
11 'crystal symmetry operation' 11_555 y,-z,-x  -0.4505970557 -0.4451591955 -0.7738188315 83.8552425012  -0.0776300473 0.8830582183  -0.4627977515 18.0816678866  0.8893457534  -0.1484637117 -0.4324611626 10.1059536379  
12 'crystal symmetry operation' 12_555 -y,-z,x  0.0371902595  0.6404787256  0.7670748898  5.1069777523   -0.7436161370 -0.4950495539 0.4494006897  36.2544645538  0.6675716631  -0.5871225947 0.4578592944  -1.2181716670  
13 'crystal symmetry operation' 13_555 y,x,-z   -0.6522160542 0.7289245197  -0.2080463007 58.4116638032  0.7289245197  0.5277615940  -0.4360467228 -8.2609310705  -0.2080463007 -0.4360467228 -0.8755455398 68.7012634095  
14 'crystal symmetry operation' 14_555 -y,-x,-z -0.9824551040 0.0433975743  0.1813797652  69.2862409981  0.0433975743  -0.8926554223 0.4486456816  12.0527587237  0.1813797652  0.4486456816  0.8751105263  -9.5858564211  
15 'crystal symmetry operation' 15_555 y,-x,z   0.8173355791  -0.4009091580 -0.4138047827 24.6541402049  -0.3714129360 0.1824469141  -0.9103656158 52.1726540150  0.4404713182  0.8977666571  0.0002175068  -0.2744459542  
16 'crystal symmetry operation' 16_555 -y,x,z   0.8173355791  -0.3714129360 0.4404713182  -0.6522217832  -0.4009091580 0.1824469141  0.8977666571  0.6117192900   -0.4138047827 -0.9103656158 0.0002175068  57.6982511265  
17 'crystal symmetry operation' 17_555 x,z,-y   0.1303893262  -0.2259680035 0.9653688855  8.0502168254   0.7905977110  0.6112592108  0.0362965092  -25.5425056430 -0.5982924728 0.7584857537  0.2583514630  33.5699390331  
18 'crystal symmetry operation' 18_555 -x,z,y   0.2830174700  0.0306484734  -0.9586249438 54.6873861440  0.0306484734  -0.9992678752 -0.0228994474 27.7825741608  -0.9586249438 -0.0228994474 -0.2837495948 74.0814911566  
19 'crystal symmetry operation' 19_555 -x,-z,-y -0.5437961224 -0.5952781809 0.5915485311  49.7333942723  -0.5952781809 -0.2232505464 -0.7718828155 62.3662696861  0.5915485311  -0.7718828155 -0.2329533312 24.4049498858  
20 'crystal symmetry operation' 20_555 x,-z,y   0.1303893262  0.7905977110  -0.5982924728 39.2288259812  -0.2259680035 0.6112592108  0.7584857537  -8.0301372458  0.9653688855  0.0362965092  0.2583514630  -15.5171679148 
21 'crystal symmetry operation' 21_555 z,y,-x   0.0522750947  -0.7572177012 -0.6510673295 65.6212687680  0.9649100877  0.2062938751  -0.1624541777 -20.6348826538 0.2573243813  -0.6197291264 0.7414310303  6.5398201162   
22 'crystal symmetry operation' 22_555 z,-y,x   0.6006317454  0.4487431952  0.6617182566  -10.4800539676 0.4487431952  -0.8741931392 0.1855152290  4.0851664160   0.6617182566  0.1855152290  -0.7264386063 22.5798763965  
23 'crystal symmetry operation' 23_555 -z,y,x   0.0522750947  0.9649100877  0.2573243813  14.7975932268  -0.7572177012 0.2062938751  -0.6197291264 57.9993531957  -0.6510673295 -0.1624541777 0.7414310303  34.5228157539  
24 'crystal symmetry operation' 24_555 -z,-y,-x -0.7051819348 -0.6564355817 -0.2679753085 81.7610151958  -0.6564355817 0.4616053891  0.5966680751  15.1265640003  -0.2679753085 0.5966680751  -0.7564234543 52.8966998941 
# 
loop_
_struct_conf.conf_type_id 
_struct_conf.id 
_struct_conf.pdbx_PDB_helix_id 
_struct_conf.beg_label_comp_id 
_struct_conf.beg_label_asym_id 
_struct_conf.beg_label_seq_id 
_struct_conf.pdbx_beg_PDB_ins_code 
_struct_conf.end_label_comp_id 
_struct_conf.end_label_asym_id 
_struct_conf.end_label_seq_id 
_struct_conf.pdbx_end_PDB_ins_code 
_struct_conf.beg_auth_comp_id 
_struct_conf.beg_auth_asym_id 
_struct_conf.beg_auth_seq_id 
_struct_conf.end_auth_comp_id 
_struct_conf.end_auth_asym_id 
_struct_conf.end_auth_seq_id 
_struct_conf.pdbx_PDB_helix_class 
_struct_conf.details 
_struct_conf.pdbx_PDB_helix_length 
HELX_P HELX_P1 AA1 HIS A 13  ? PHE A 41  ? HIS A 13  PHE A 41  1 ? 29 
HELX_P HELX_P2 AA2 LEU A 48  ? GLY A 77  ? LEU A 48  GLY A 77  1 ? 30 
HELX_P HELX_P3 AA3 SER A 95  ? LYS A 124 ? SER A 95  LYS A 124 1 ? 30 
HELX_P HELX_P4 AA4 ASP A 126 ? TYR A 137 ? ASP A 126 TYR A 137 1 ? 12 
HELX_P HELX_P5 AA5 TYR A 137 ? GLY A 159 ? TYR A 137 GLY A 159 1 ? 23 
HELX_P HELX_P6 AA6 SER A 163 ? THR A 174 ? SER A 163 THR A 174 1 ? 12 
# 
_struct_conf_type.id          HELX_P 
_struct_conf_type.criteria    ? 
_struct_conf_type.reference   ? 
# 
loop_
_struct_conn.id 
_struct_conn.conn_type_id 
_struct_conn.pdbx_leaving_atom_flag 
_struct_conn.pdbx_PDB_id 
_struct_conn.ptnr1_label_asym_id 
_struct_conn.ptnr1_label_comp_id 
_struct_conn.ptnr1_label_seq_id 
_struct_conn.ptnr1_label_atom_id 
_struct_conn.pdbx_ptnr1_label_alt_id 
_struct_conn.pdbx_ptnr1_PDB_ins_code 
_struct_conn.pdbx_ptnr1_standard_comp_id 
_struct_conn.ptnr1_symmetry 
_struct_conn.ptnr2_label_asym_id 
_struct_conn.ptnr2_label_comp_id 
_struct_conn.ptnr2_label_seq_id 
_struct_conn.ptnr2_label_atom_id 
_struct_conn.pdbx_ptnr2_label_alt_id 
_struct_conn.pdbx_ptnr2_PDB_ins_code 
_struct_conn.ptnr1_auth_asym_id 
_struct_conn.ptnr1_auth_comp_id 
_struct_conn.ptnr1_auth_seq_id 
_struct_conn.ptnr2_auth_asym_id 
_struct_conn.ptnr2_auth_comp_id 
_struct_conn.ptnr2_auth_seq_id 
_struct_conn.ptnr2_symmetry 
_struct_conn.pdbx_ptnr3_label_atom_id 
_struct_conn.pdbx_ptnr3_label_seq_id 
_struct_conn.pdbx_ptnr3_label_comp_id 
_struct_conn.pdbx_ptnr3_label_asym_id 
_struct_conn.pdbx_ptnr3_label_alt_id 
_struct_conn.pdbx_ptnr3_PDB_ins_code 
_struct_conn.details 
_struct_conn.pdbx_dist_value 
_struct_conn.pdbx_value_order 
_struct_conn.pdbx_role 
metalc1  metalc ? ? A MET 37  SD  ? ? ? 1_555 F PD  . PD ? ? A MET 37  A PD  205 1_555  ? ? ? ? ? ? ? 2.451 ? ? 
metalc2  metalc ? ? A GLN 58  OE1 ? ? ? 1_555 B MG  . MG ? ? A GLN 58  A MG  201 1_555  ? ? ? ? ? ? ? 2.121 ? ? 
metalc3  metalc ? ? A GLU 61  OE1 ? ? ? 1_555 B MG  . MG ? ? A GLU 61  A MG  201 1_555  ? ? ? ? ? ? ? 2.967 ? ? 
metalc4  metalc ? ? A CYS 90  SG  ? ? ? 1_555 E PD  . PD ? ? A CYS 90  A PD  204 1_555  ? ? ? ? ? ? ? 2.301 ? ? 
metalc5  metalc ? ? A CYS 90  SG  ? ? ? 1_555 F PD  . PD ? ? A CYS 90  A PD  205 1_555  ? ? ? ? ? ? ? 2.392 ? ? 
metalc6  metalc ? ? A CYS 102 SG  ? ? ? 1_555 E PD  . PD ? ? A CYS 102 A PD  204 1_555  ? ? ? ? ? ? ? 2.366 ? ? 
metalc7  metalc ? ? A CYS 102 SG  ? ? ? 1_555 F PD  . PD ? ? A CYS 102 A PD  205 1_555  ? ? ? ? ? ? ? 2.348 ? ? 
metalc8  metalc ? ? A HIS 105 NE2 ? ? ? 1_555 E PD  . PD ? ? A HIS 105 A PD  204 1_555  ? ? ? ? ? ? ? 2.104 ? ? 
metalc9  metalc ? ? A GLU 107 OE2 ? ? ? 1_555 B MG  . MG ? ? A GLU 107 A MG  201 1_555  ? ? ? ? ? ? ? 2.494 ? ? 
metalc10 metalc ? ? B MG  .   MG  ? ? ? 1_555 G HOH . O  ? ? A MG  201 A HOH 318 1_555  ? ? ? ? ? ? ? 2.162 ? ? 
metalc11 metalc ? ? B MG  .   MG  ? ? ? 1_555 G HOH . O  ? ? A MG  201 A HOH 319 1_555  ? ? ? ? ? ? ? 2.085 ? ? 
metalc12 metalc ? ? B MG  .   MG  ? ? ? 1_555 G HOH . O  ? ? A MG  201 A HOH 364 1_555  ? ? ? ? ? ? ? 2.075 ? ? 
metalc13 metalc ? ? C MG  .   MG  ? ? ? 1_555 G HOH . O  ? ? A MG  202 A HOH 307 22_555 ? ? ? ? ? ? ? 2.085 ? ? 
metalc14 metalc ? ? C MG  .   MG  ? ? ? 1_555 G HOH . O  ? ? A MG  202 A HOH 327 22_555 ? ? ? ? ? ? ? 2.146 ? ? 
metalc15 metalc ? ? C MG  .   MG  ? ? ? 1_555 G HOH . O  ? ? A MG  202 A HOH 419 1_555  ? ? ? ? ? ? ? 2.185 ? ? 
metalc16 metalc ? ? C MG  .   MG  ? ? ? 1_555 G HOH . O  ? ? A MG  202 A HOH 419 72_555 ? ? ? ? ? ? ? 2.185 ? ? 
metalc17 metalc ? ? C MG  .   MG  ? ? ? 1_555 G HOH . O  ? ? A MG  202 A HOH 438 1_555  ? ? ? ? ? ? ? 2.144 ? ? 
metalc18 metalc ? ? C MG  .   MG  ? ? ? 1_555 G HOH . O  ? ? A MG  202 A HOH 438 72_555 ? ? ? ? ? ? ? 2.144 ? ? 
metalc19 metalc ? ? D MG  .   MG  ? ? ? 1_555 G HOH . O  ? ? A MG  203 A HOH 310 1_555  ? ? ? ? ? ? ? 2.214 ? ? 
metalc20 metalc ? ? D MG  .   MG  ? ? ? 1_555 G HOH . O  ? ? A MG  203 A HOH 310 6_555  ? ? ? ? ? ? ? 2.214 ? ? 
metalc21 metalc ? ? D MG  .   MG  ? ? ? 1_555 G HOH . O  ? ? A MG  203 A HOH 411 1_555  ? ? ? ? ? ? ? 2.259 ? ? 
metalc22 metalc ? ? D MG  .   MG  ? ? ? 1_555 G HOH . O  ? ? A MG  203 A HOH 411 6_555  ? ? ? ? ? ? ? 2.259 ? ? 
metalc23 metalc ? ? E PD  .   PD  ? ? ? 1_555 G HOH . O  ? ? A PD  204 A HOH 393 1_555  ? ? ? ? ? ? ? 2.378 ? ? 
metalc24 metalc ? ? F PD  .   PD  ? ? ? 1_555 G HOH . O  ? ? A PD  205 A HOH 424 1_555  ? ? ? ? ? ? ? 2.382 ? ? 
# 
_struct_conn_type.id          metalc 
_struct_conn_type.criteria    ? 
_struct_conn_type.reference   ? 
# 
loop_
_pdbx_struct_conn_angle.id 
_pdbx_struct_conn_angle.ptnr1_label_atom_id 
_pdbx_struct_conn_angle.ptnr1_label_alt_id 
_pdbx_struct_conn_angle.ptnr1_label_asym_id 
_pdbx_struct_conn_angle.ptnr1_label_comp_id 
_pdbx_struct_conn_angle.ptnr1_label_seq_id 
_pdbx_struct_conn_angle.ptnr1_auth_atom_id 
_pdbx_struct_conn_angle.ptnr1_auth_asym_id 
_pdbx_struct_conn_angle.ptnr1_auth_comp_id 
_pdbx_struct_conn_angle.ptnr1_auth_seq_id 
_pdbx_struct_conn_angle.ptnr1_PDB_ins_code 
_pdbx_struct_conn_angle.ptnr1_symmetry 
_pdbx_struct_conn_angle.ptnr2_label_atom_id 
_pdbx_struct_conn_angle.ptnr2_label_alt_id 
_pdbx_struct_conn_angle.ptnr2_label_asym_id 
_pdbx_struct_conn_angle.ptnr2_label_comp_id 
_pdbx_struct_conn_angle.ptnr2_label_seq_id 
_pdbx_struct_conn_angle.ptnr2_auth_atom_id 
_pdbx_struct_conn_angle.ptnr2_auth_asym_id 
_pdbx_struct_conn_angle.ptnr2_auth_comp_id 
_pdbx_struct_conn_angle.ptnr2_auth_seq_id 
_pdbx_struct_conn_angle.ptnr2_PDB_ins_code 
_pdbx_struct_conn_angle.ptnr2_symmetry 
_pdbx_struct_conn_angle.ptnr3_label_atom_id 
_pdbx_struct_conn_angle.ptnr3_label_alt_id 
_pdbx_struct_conn_angle.ptnr3_label_asym_id 
_pdbx_struct_conn_angle.ptnr3_label_comp_id 
_pdbx_struct_conn_angle.ptnr3_label_seq_id 
_pdbx_struct_conn_angle.ptnr3_auth_atom_id 
_pdbx_struct_conn_angle.ptnr3_auth_asym_id 
_pdbx_struct_conn_angle.ptnr3_auth_comp_id 
_pdbx_struct_conn_angle.ptnr3_auth_seq_id 
_pdbx_struct_conn_angle.ptnr3_PDB_ins_code 
_pdbx_struct_conn_angle.ptnr3_symmetry 
_pdbx_struct_conn_angle.value 
_pdbx_struct_conn_angle.value_esd 
1  SD  ? A MET 37  ? A MET 37  ? 1_555  PD ? F PD . ? A PD 205 ? 1_555 SG  ? A CYS 90  ? A CYS 90  ? 1_555  177.0 ? 
2  SD  ? A MET 37  ? A MET 37  ? 1_555  PD ? F PD . ? A PD 205 ? 1_555 SG  ? A CYS 102 ? A CYS 102 ? 1_555  94.9  ? 
3  SG  ? A CYS 90  ? A CYS 90  ? 1_555  PD ? F PD . ? A PD 205 ? 1_555 SG  ? A CYS 102 ? A CYS 102 ? 1_555  82.2  ? 
4  SD  ? A MET 37  ? A MET 37  ? 1_555  PD ? F PD . ? A PD 205 ? 1_555 O   ? G HOH .   ? A HOH 424 ? 1_555  94.4  ? 
5  SG  ? A CYS 90  ? A CYS 90  ? 1_555  PD ? F PD . ? A PD 205 ? 1_555 O   ? G HOH .   ? A HOH 424 ? 1_555  88.4  ? 
6  SG  ? A CYS 102 ? A CYS 102 ? 1_555  PD ? F PD . ? A PD 205 ? 1_555 O   ? G HOH .   ? A HOH 424 ? 1_555  169.0 ? 
7  OE1 ? A GLN 58  ? A GLN 58  ? 1_555  MG ? B MG . ? A MG 201 ? 1_555 OE1 ? A GLU 61  ? A GLU 61  ? 1_555  83.0  ? 
8  OE1 ? A GLN 58  ? A GLN 58  ? 1_555  MG ? B MG . ? A MG 201 ? 1_555 OE2 ? A GLU 107 ? A GLU 107 ? 1_555  92.3  ? 
9  OE1 ? A GLU 61  ? A GLU 61  ? 1_555  MG ? B MG . ? A MG 201 ? 1_555 OE2 ? A GLU 107 ? A GLU 107 ? 1_555  163.3 ? 
10 OE1 ? A GLN 58  ? A GLN 58  ? 1_555  MG ? B MG . ? A MG 201 ? 1_555 O   ? G HOH .   ? A HOH 318 ? 1_555  84.4  ? 
11 OE1 ? A GLU 61  ? A GLU 61  ? 1_555  MG ? B MG . ? A MG 201 ? 1_555 O   ? G HOH .   ? A HOH 318 ? 1_555  71.4  ? 
12 OE2 ? A GLU 107 ? A GLU 107 ? 1_555  MG ? B MG . ? A MG 201 ? 1_555 O   ? G HOH .   ? A HOH 318 ? 1_555  92.3  ? 
13 OE1 ? A GLN 58  ? A GLN 58  ? 1_555  MG ? B MG . ? A MG 201 ? 1_555 O   ? G HOH .   ? A HOH 319 ? 1_555  76.8  ? 
14 OE1 ? A GLU 61  ? A GLU 61  ? 1_555  MG ? B MG . ? A MG 201 ? 1_555 O   ? G HOH .   ? A HOH 319 ? 1_555  90.6  ? 
15 OE2 ? A GLU 107 ? A GLU 107 ? 1_555  MG ? B MG . ? A MG 201 ? 1_555 O   ? G HOH .   ? A HOH 319 ? 1_555  104.0 ? 
16 O   ? G HOH .   ? A HOH 318 ? 1_555  MG ? B MG . ? A MG 201 ? 1_555 O   ? G HOH .   ? A HOH 319 ? 1_555  155.4 ? 
17 OE1 ? A GLN 58  ? A GLN 58  ? 1_555  MG ? B MG . ? A MG 201 ? 1_555 O   ? G HOH .   ? A HOH 364 ? 1_555  176.8 ? 
18 OE1 ? A GLU 61  ? A GLU 61  ? 1_555  MG ? B MG . ? A MG 201 ? 1_555 O   ? G HOH .   ? A HOH 364 ? 1_555  97.4  ? 
19 OE2 ? A GLU 107 ? A GLU 107 ? 1_555  MG ? B MG . ? A MG 201 ? 1_555 O   ? G HOH .   ? A HOH 364 ? 1_555  88.2  ? 
20 O   ? G HOH .   ? A HOH 318 ? 1_555  MG ? B MG . ? A MG 201 ? 1_555 O   ? G HOH .   ? A HOH 364 ? 1_555  98.8  ? 
21 O   ? G HOH .   ? A HOH 319 ? 1_555  MG ? B MG . ? A MG 201 ? 1_555 O   ? G HOH .   ? A HOH 364 ? 1_555  100.0 ? 
22 SG  ? A CYS 90  ? A CYS 90  ? 1_555  PD ? E PD . ? A PD 204 ? 1_555 SG  ? A CYS 102 ? A CYS 102 ? 1_555  83.8  ? 
23 SG  ? A CYS 90  ? A CYS 90  ? 1_555  PD ? E PD . ? A PD 204 ? 1_555 NE2 ? A HIS 105 ? A HIS 105 ? 1_555  177.9 ? 
24 SG  ? A CYS 102 ? A CYS 102 ? 1_555  PD ? E PD . ? A PD 204 ? 1_555 NE2 ? A HIS 105 ? A HIS 105 ? 1_555  96.4  ? 
25 SG  ? A CYS 90  ? A CYS 90  ? 1_555  PD ? E PD . ? A PD 204 ? 1_555 O   ? G HOH .   ? A HOH 393 ? 1_555  94.2  ? 
26 SG  ? A CYS 102 ? A CYS 102 ? 1_555  PD ? E PD . ? A PD 204 ? 1_555 O   ? G HOH .   ? A HOH 393 ? 1_555  174.3 ? 
27 NE2 ? A HIS 105 ? A HIS 105 ? 1_555  PD ? E PD . ? A PD 204 ? 1_555 O   ? G HOH .   ? A HOH 393 ? 1_555  85.5  ? 
28 O   ? G HOH .   ? A HOH 307 ? 22_555 MG ? C MG . ? A MG 202 ? 1_555 O   ? G HOH .   ? A HOH 327 ? 22_555 91.4  ? 
29 O   ? G HOH .   ? A HOH 307 ? 22_555 MG ? C MG . ? A MG 202 ? 1_555 O   ? G HOH .   ? A HOH 419 ? 1_555  92.5  ? 
30 O   ? G HOH .   ? A HOH 327 ? 22_555 MG ? C MG . ? A MG 202 ? 1_555 O   ? G HOH .   ? A HOH 419 ? 1_555  89.7  ? 
31 O   ? G HOH .   ? A HOH 307 ? 22_555 MG ? C MG . ? A MG 202 ? 1_555 O   ? G HOH .   ? A HOH 419 ? 72_555 92.4  ? 
32 O   ? G HOH .   ? A HOH 327 ? 22_555 MG ? C MG . ? A MG 202 ? 1_555 O   ? G HOH .   ? A HOH 419 ? 72_555 90.2  ? 
33 O   ? G HOH .   ? A HOH 419 ? 1_555  MG ? C MG . ? A MG 202 ? 1_555 O   ? G HOH .   ? A HOH 419 ? 72_555 175.1 ? 
34 O   ? G HOH .   ? A HOH 307 ? 22_555 MG ? C MG . ? A MG 202 ? 1_555 O   ? G HOH .   ? A HOH 438 ? 1_555  179.7 ? 
35 O   ? G HOH .   ? A HOH 327 ? 22_555 MG ? C MG . ? A MG 202 ? 1_555 O   ? G HOH .   ? A HOH 438 ? 1_555  88.4  ? 
36 O   ? G HOH .   ? A HOH 419 ? 1_555  MG ? C MG . ? A MG 202 ? 1_555 O   ? G HOH .   ? A HOH 438 ? 1_555  87.4  ? 
37 O   ? G HOH .   ? A HOH 419 ? 72_555 MG ? C MG . ? A MG 202 ? 1_555 O   ? G HOH .   ? A HOH 438 ? 1_555  87.7  ? 
38 O   ? G HOH .   ? A HOH 307 ? 22_555 MG ? C MG . ? A MG 202 ? 1_555 O   ? G HOH .   ? A HOH 438 ? 72_555 179.8 ? 
39 O   ? G HOH .   ? A HOH 327 ? 22_555 MG ? C MG . ? A MG 202 ? 1_555 O   ? G HOH .   ? A HOH 438 ? 72_555 88.6  ? 
40 O   ? G HOH .   ? A HOH 419 ? 1_555  MG ? C MG . ? A MG 202 ? 1_555 O   ? G HOH .   ? A HOH 438 ? 72_555 87.7  ? 
41 O   ? G HOH .   ? A HOH 419 ? 72_555 MG ? C MG . ? A MG 202 ? 1_555 O   ? G HOH .   ? A HOH 438 ? 72_555 87.4  ? 
42 O   ? G HOH .   ? A HOH 438 ? 1_555  MG ? C MG . ? A MG 202 ? 1_555 O   ? G HOH .   ? A HOH 438 ? 72_555 0.4   ? 
43 O   ? G HOH .   ? A HOH 310 ? 1_555  MG ? D MG . ? A MG 203 ? 1_555 O   ? G HOH .   ? A HOH 310 ? 6_555  97.6  ? 
44 O   ? G HOH .   ? A HOH 310 ? 1_555  MG ? D MG . ? A MG 203 ? 1_555 O   ? G HOH .   ? A HOH 411 ? 1_555  87.6  ? 
45 O   ? G HOH .   ? A HOH 310 ? 6_555  MG ? D MG . ? A MG 203 ? 1_555 O   ? G HOH .   ? A HOH 411 ? 1_555  85.0  ? 
46 O   ? G HOH .   ? A HOH 310 ? 1_555  MG ? D MG . ? A MG 203 ? 1_555 O   ? G HOH .   ? A HOH 411 ? 6_555  173.8 ? 
47 O   ? G HOH .   ? A HOH 310 ? 6_555  MG ? D MG . ? A MG 203 ? 1_555 O   ? G HOH .   ? A HOH 411 ? 6_555  87.6  ? 
48 O   ? G HOH .   ? A HOH 411 ? 1_555  MG ? D MG . ? A MG 203 ? 1_555 O   ? G HOH .   ? A HOH 411 ? 6_555  89.5  ? 
# 
_struct_mon_prot_cis.pdbx_id                1 
_struct_mon_prot_cis.label_comp_id          ALA 
_struct_mon_prot_cis.label_seq_id           160 
_struct_mon_prot_cis.label_asym_id          A 
_struct_mon_prot_cis.label_alt_id           . 
_struct_mon_prot_cis.pdbx_PDB_ins_code      ? 
_struct_mon_prot_cis.auth_comp_id           ALA 
_struct_mon_prot_cis.auth_seq_id            160 
_struct_mon_prot_cis.auth_asym_id           A 
_struct_mon_prot_cis.pdbx_label_comp_id_2   PRO 
_struct_mon_prot_cis.pdbx_label_seq_id_2    161 
_struct_mon_prot_cis.pdbx_label_asym_id_2   A 
_struct_mon_prot_cis.pdbx_PDB_ins_code_2    ? 
_struct_mon_prot_cis.pdbx_auth_comp_id_2    PRO 
_struct_mon_prot_cis.pdbx_auth_seq_id_2     161 
_struct_mon_prot_cis.pdbx_auth_asym_id_2    A 
_struct_mon_prot_cis.pdbx_PDB_model_num     1 
_struct_mon_prot_cis.pdbx_omega_angle       1.77 
# 
_pdbx_entry_details.entry_id                   9JGO 
_pdbx_entry_details.has_ligand_of_interest     Y 
_pdbx_entry_details.compound_details           ? 
_pdbx_entry_details.source_details             ? 
_pdbx_entry_details.nonpolymer_details         ? 
_pdbx_entry_details.sequence_details           ? 
_pdbx_entry_details.has_protein_modification   N 
# 
_pdbx_validate_symm_contact.id                1 
_pdbx_validate_symm_contact.PDB_model_num     1 
_pdbx_validate_symm_contact.auth_atom_id_1    O 
_pdbx_validate_symm_contact.auth_asym_id_1    A 
_pdbx_validate_symm_contact.auth_comp_id_1    HOH 
_pdbx_validate_symm_contact.auth_seq_id_1     301 
_pdbx_validate_symm_contact.PDB_ins_code_1    ? 
_pdbx_validate_symm_contact.label_alt_id_1    ? 
_pdbx_validate_symm_contact.site_symmetry_1   1_555 
_pdbx_validate_symm_contact.auth_atom_id_2    O 
_pdbx_validate_symm_contact.auth_asym_id_2    A 
_pdbx_validate_symm_contact.auth_comp_id_2    HOH 
_pdbx_validate_symm_contact.auth_seq_id_2     301 
_pdbx_validate_symm_contact.PDB_ins_code_2    ? 
_pdbx_validate_symm_contact.label_alt_id_2    ? 
_pdbx_validate_symm_contact.site_symmetry_2   6_555 
_pdbx_validate_symm_contact.dist              2.16 
# 
_pdbx_validate_torsion.id              1 
_pdbx_validate_torsion.PDB_model_num   1 
_pdbx_validate_torsion.auth_comp_id    VAL 
_pdbx_validate_torsion.auth_asym_id    A 
_pdbx_validate_torsion.auth_seq_id     46 
_pdbx_validate_torsion.PDB_ins_code    ? 
_pdbx_validate_torsion.label_alt_id    ? 
_pdbx_validate_torsion.phi             -129.13 
_pdbx_validate_torsion.psi             -62.87 
# 
loop_
_pdbx_struct_special_symmetry.id 
_pdbx_struct_special_symmetry.PDB_model_num 
_pdbx_struct_special_symmetry.auth_asym_id 
_pdbx_struct_special_symmetry.auth_comp_id 
_pdbx_struct_special_symmetry.auth_seq_id 
_pdbx_struct_special_symmetry.PDB_ins_code 
_pdbx_struct_special_symmetry.label_asym_id 
_pdbx_struct_special_symmetry.label_comp_id 
_pdbx_struct_special_symmetry.label_seq_id 
1 1 A MG  202 ? C MG  . 
2 1 A MG  203 ? D MG  . 
3 1 A HOH 307 ? G HOH . 
4 1 A HOH 395 ? G HOH . 
5 1 A HOH 438 ? G HOH . 
# 
loop_
_pdbx_unobs_or_zero_occ_residues.id 
_pdbx_unobs_or_zero_occ_residues.PDB_model_num 
_pdbx_unobs_or_zero_occ_residues.polymer_flag 
_pdbx_unobs_or_zero_occ_residues.occupancy_flag 
_pdbx_unobs_or_zero_occ_residues.auth_asym_id 
_pdbx_unobs_or_zero_occ_residues.auth_comp_id 
_pdbx_unobs_or_zero_occ_residues.auth_seq_id 
_pdbx_unobs_or_zero_occ_residues.PDB_ins_code 
_pdbx_unobs_or_zero_occ_residues.label_asym_id 
_pdbx_unobs_or_zero_occ_residues.label_comp_id 
_pdbx_unobs_or_zero_occ_residues.label_seq_id 
1  1 Y 1 A THR 1   ? A THR 1   
2  1 Y 1 A THR 2   ? A THR 2   
3  1 Y 1 A ALA 3   ? A ALA 3   
4  1 Y 1 A SER 4   ? A SER 4   
5  1 Y 1 A ASP 177 ? A ASP 177 
6  1 Y 1 A SER 178 ? A SER 178 
7  1 Y 1 A ASP 179 ? A ASP 179 
8  1 Y 1 A ASN 180 ? A ASN 180 
9  1 Y 1 A GLU 181 ? A GLU 181 
10 1 Y 1 A SER 182 ? A SER 182 
11 1 N 0 A MG  202 ? C MG  ?   
12 1 N 0 A MG  203 ? D MG  ?   
# 
loop_
_chem_comp_atom.comp_id 
_chem_comp_atom.atom_id 
_chem_comp_atom.type_symbol 
_chem_comp_atom.pdbx_aromatic_flag 
_chem_comp_atom.pdbx_stereo_config 
_chem_comp_atom.pdbx_ordinal 
ALA N    N  N N 1   
ALA CA   C  N S 2   
ALA C    C  N N 3   
ALA O    O  N N 4   
ALA CB   C  N N 5   
ALA OXT  O  N N 6   
ALA H    H  N N 7   
ALA H2   H  N N 8   
ALA HA   H  N N 9   
ALA HB1  H  N N 10  
ALA HB2  H  N N 11  
ALA HB3  H  N N 12  
ALA HXT  H  N N 13  
ARG N    N  N N 14  
ARG CA   C  N S 15  
ARG C    C  N N 16  
ARG O    O  N N 17  
ARG CB   C  N N 18  
ARG CG   C  N N 19  
ARG CD   C  N N 20  
ARG NE   N  N N 21  
ARG CZ   C  N N 22  
ARG NH1  N  N N 23  
ARG NH2  N  N N 24  
ARG OXT  O  N N 25  
ARG H    H  N N 26  
ARG H2   H  N N 27  
ARG HA   H  N N 28  
ARG HB2  H  N N 29  
ARG HB3  H  N N 30  
ARG HG2  H  N N 31  
ARG HG3  H  N N 32  
ARG HD2  H  N N 33  
ARG HD3  H  N N 34  
ARG HE   H  N N 35  
ARG HH11 H  N N 36  
ARG HH12 H  N N 37  
ARG HH21 H  N N 38  
ARG HH22 H  N N 39  
ARG HXT  H  N N 40  
ASN N    N  N N 41  
ASN CA   C  N S 42  
ASN C    C  N N 43  
ASN O    O  N N 44  
ASN CB   C  N N 45  
ASN CG   C  N N 46  
ASN OD1  O  N N 47  
ASN ND2  N  N N 48  
ASN OXT  O  N N 49  
ASN H    H  N N 50  
ASN H2   H  N N 51  
ASN HA   H  N N 52  
ASN HB2  H  N N 53  
ASN HB3  H  N N 54  
ASN HD21 H  N N 55  
ASN HD22 H  N N 56  
ASN HXT  H  N N 57  
ASP N    N  N N 58  
ASP CA   C  N S 59  
ASP C    C  N N 60  
ASP O    O  N N 61  
ASP CB   C  N N 62  
ASP CG   C  N N 63  
ASP OD1  O  N N 64  
ASP OD2  O  N N 65  
ASP OXT  O  N N 66  
ASP H    H  N N 67  
ASP H2   H  N N 68  
ASP HA   H  N N 69  
ASP HB2  H  N N 70  
ASP HB3  H  N N 71  
ASP HD2  H  N N 72  
ASP HXT  H  N N 73  
CYS N    N  N N 74  
CYS CA   C  N R 75  
CYS C    C  N N 76  
CYS O    O  N N 77  
CYS CB   C  N N 78  
CYS SG   S  N N 79  
CYS OXT  O  N N 80  
CYS H    H  N N 81  
CYS H2   H  N N 82  
CYS HA   H  N N 83  
CYS HB2  H  N N 84  
CYS HB3  H  N N 85  
CYS HG   H  N N 86  
CYS HXT  H  N N 87  
GLN N    N  N N 88  
GLN CA   C  N S 89  
GLN C    C  N N 90  
GLN O    O  N N 91  
GLN CB   C  N N 92  
GLN CG   C  N N 93  
GLN CD   C  N N 94  
GLN OE1  O  N N 95  
GLN NE2  N  N N 96  
GLN OXT  O  N N 97  
GLN H    H  N N 98  
GLN H2   H  N N 99  
GLN HA   H  N N 100 
GLN HB2  H  N N 101 
GLN HB3  H  N N 102 
GLN HG2  H  N N 103 
GLN HG3  H  N N 104 
GLN HE21 H  N N 105 
GLN HE22 H  N N 106 
GLN HXT  H  N N 107 
GLU N    N  N N 108 
GLU CA   C  N S 109 
GLU C    C  N N 110 
GLU O    O  N N 111 
GLU CB   C  N N 112 
GLU CG   C  N N 113 
GLU CD   C  N N 114 
GLU OE1  O  N N 115 
GLU OE2  O  N N 116 
GLU OXT  O  N N 117 
GLU H    H  N N 118 
GLU H2   H  N N 119 
GLU HA   H  N N 120 
GLU HB2  H  N N 121 
GLU HB3  H  N N 122 
GLU HG2  H  N N 123 
GLU HG3  H  N N 124 
GLU HE2  H  N N 125 
GLU HXT  H  N N 126 
GLY N    N  N N 127 
GLY CA   C  N N 128 
GLY C    C  N N 129 
GLY O    O  N N 130 
GLY OXT  O  N N 131 
GLY H    H  N N 132 
GLY H2   H  N N 133 
GLY HA2  H  N N 134 
GLY HA3  H  N N 135 
GLY HXT  H  N N 136 
HIS N    N  N N 137 
HIS CA   C  N S 138 
HIS C    C  N N 139 
HIS O    O  N N 140 
HIS CB   C  N N 141 
HIS CG   C  Y N 142 
HIS ND1  N  Y N 143 
HIS CD2  C  Y N 144 
HIS CE1  C  Y N 145 
HIS NE2  N  Y N 146 
HIS OXT  O  N N 147 
HIS H    H  N N 148 
HIS H2   H  N N 149 
HIS HA   H  N N 150 
HIS HB2  H  N N 151 
HIS HB3  H  N N 152 
HIS HD1  H  N N 153 
HIS HD2  H  N N 154 
HIS HE1  H  N N 155 
HIS HE2  H  N N 156 
HIS HXT  H  N N 157 
HOH O    O  N N 158 
HOH H1   H  N N 159 
HOH H2   H  N N 160 
ILE N    N  N N 161 
ILE CA   C  N S 162 
ILE C    C  N N 163 
ILE O    O  N N 164 
ILE CB   C  N S 165 
ILE CG1  C  N N 166 
ILE CG2  C  N N 167 
ILE CD1  C  N N 168 
ILE OXT  O  N N 169 
ILE H    H  N N 170 
ILE H2   H  N N 171 
ILE HA   H  N N 172 
ILE HB   H  N N 173 
ILE HG12 H  N N 174 
ILE HG13 H  N N 175 
ILE HG21 H  N N 176 
ILE HG22 H  N N 177 
ILE HG23 H  N N 178 
ILE HD11 H  N N 179 
ILE HD12 H  N N 180 
ILE HD13 H  N N 181 
ILE HXT  H  N N 182 
LEU N    N  N N 183 
LEU CA   C  N S 184 
LEU C    C  N N 185 
LEU O    O  N N 186 
LEU CB   C  N N 187 
LEU CG   C  N N 188 
LEU CD1  C  N N 189 
LEU CD2  C  N N 190 
LEU OXT  O  N N 191 
LEU H    H  N N 192 
LEU H2   H  N N 193 
LEU HA   H  N N 194 
LEU HB2  H  N N 195 
LEU HB3  H  N N 196 
LEU HG   H  N N 197 
LEU HD11 H  N N 198 
LEU HD12 H  N N 199 
LEU HD13 H  N N 200 
LEU HD21 H  N N 201 
LEU HD22 H  N N 202 
LEU HD23 H  N N 203 
LEU HXT  H  N N 204 
LYS N    N  N N 205 
LYS CA   C  N S 206 
LYS C    C  N N 207 
LYS O    O  N N 208 
LYS CB   C  N N 209 
LYS CG   C  N N 210 
LYS CD   C  N N 211 
LYS CE   C  N N 212 
LYS NZ   N  N N 213 
LYS OXT  O  N N 214 
LYS H    H  N N 215 
LYS H2   H  N N 216 
LYS HA   H  N N 217 
LYS HB2  H  N N 218 
LYS HB3  H  N N 219 
LYS HG2  H  N N 220 
LYS HG3  H  N N 221 
LYS HD2  H  N N 222 
LYS HD3  H  N N 223 
LYS HE2  H  N N 224 
LYS HE3  H  N N 225 
LYS HZ1  H  N N 226 
LYS HZ2  H  N N 227 
LYS HZ3  H  N N 228 
LYS HXT  H  N N 229 
MET N    N  N N 230 
MET CA   C  N S 231 
MET C    C  N N 232 
MET O    O  N N 233 
MET CB   C  N N 234 
MET CG   C  N N 235 
MET SD   S  N N 236 
MET CE   C  N N 237 
MET OXT  O  N N 238 
MET H    H  N N 239 
MET H2   H  N N 240 
MET HA   H  N N 241 
MET HB2  H  N N 242 
MET HB3  H  N N 243 
MET HG2  H  N N 244 
MET HG3  H  N N 245 
MET HE1  H  N N 246 
MET HE2  H  N N 247 
MET HE3  H  N N 248 
MET HXT  H  N N 249 
MG  MG   MG N N 250 
PD  PD   PD N N 251 
PHE N    N  N N 252 
PHE CA   C  N S 253 
PHE C    C  N N 254 
PHE O    O  N N 255 
PHE CB   C  N N 256 
PHE CG   C  Y N 257 
PHE CD1  C  Y N 258 
PHE CD2  C  Y N 259 
PHE CE1  C  Y N 260 
PHE CE2  C  Y N 261 
PHE CZ   C  Y N 262 
PHE OXT  O  N N 263 
PHE H    H  N N 264 
PHE H2   H  N N 265 
PHE HA   H  N N 266 
PHE HB2  H  N N 267 
PHE HB3  H  N N 268 
PHE HD1  H  N N 269 
PHE HD2  H  N N 270 
PHE HE1  H  N N 271 
PHE HE2  H  N N 272 
PHE HZ   H  N N 273 
PHE HXT  H  N N 274 
PRO N    N  N N 275 
PRO CA   C  N S 276 
PRO C    C  N N 277 
PRO O    O  N N 278 
PRO CB   C  N N 279 
PRO CG   C  N N 280 
PRO CD   C  N N 281 
PRO OXT  O  N N 282 
PRO H    H  N N 283 
PRO HA   H  N N 284 
PRO HB2  H  N N 285 
PRO HB3  H  N N 286 
PRO HG2  H  N N 287 
PRO HG3  H  N N 288 
PRO HD2  H  N N 289 
PRO HD3  H  N N 290 
PRO HXT  H  N N 291 
SER N    N  N N 292 
SER CA   C  N S 293 
SER C    C  N N 294 
SER O    O  N N 295 
SER CB   C  N N 296 
SER OG   O  N N 297 
SER OXT  O  N N 298 
SER H    H  N N 299 
SER H2   H  N N 300 
SER HA   H  N N 301 
SER HB2  H  N N 302 
SER HB3  H  N N 303 
SER HG   H  N N 304 
SER HXT  H  N N 305 
THR N    N  N N 306 
THR CA   C  N S 307 
THR C    C  N N 308 
THR O    O  N N 309 
THR CB   C  N R 310 
THR OG1  O  N N 311 
THR CG2  C  N N 312 
THR OXT  O  N N 313 
THR H    H  N N 314 
THR H2   H  N N 315 
THR HA   H  N N 316 
THR HB   H  N N 317 
THR HG1  H  N N 318 
THR HG21 H  N N 319 
THR HG22 H  N N 320 
THR HG23 H  N N 321 
THR HXT  H  N N 322 
TRP N    N  N N 323 
TRP CA   C  N S 324 
TRP C    C  N N 325 
TRP O    O  N N 326 
TRP CB   C  N N 327 
TRP CG   C  Y N 328 
TRP CD1  C  Y N 329 
TRP CD2  C  Y N 330 
TRP NE1  N  Y N 331 
TRP CE2  C  Y N 332 
TRP CE3  C  Y N 333 
TRP CZ2  C  Y N 334 
TRP CZ3  C  Y N 335 
TRP CH2  C  Y N 336 
TRP OXT  O  N N 337 
TRP H    H  N N 338 
TRP H2   H  N N 339 
TRP HA   H  N N 340 
TRP HB2  H  N N 341 
TRP HB3  H  N N 342 
TRP HD1  H  N N 343 
TRP HE1  H  N N 344 
TRP HE3  H  N N 345 
TRP HZ2  H  N N 346 
TRP HZ3  H  N N 347 
TRP HH2  H  N N 348 
TRP HXT  H  N N 349 
TYR N    N  N N 350 
TYR CA   C  N S 351 
TYR C    C  N N 352 
TYR O    O  N N 353 
TYR CB   C  N N 354 
TYR CG   C  Y N 355 
TYR CD1  C  Y N 356 
TYR CD2  C  Y N 357 
TYR CE1  C  Y N 358 
TYR CE2  C  Y N 359 
TYR CZ   C  Y N 360 
TYR OH   O  N N 361 
TYR OXT  O  N N 362 
TYR H    H  N N 363 
TYR H2   H  N N 364 
TYR HA   H  N N 365 
TYR HB2  H  N N 366 
TYR HB3  H  N N 367 
TYR HD1  H  N N 368 
TYR HD2  H  N N 369 
TYR HE1  H  N N 370 
TYR HE2  H  N N 371 
TYR HH   H  N N 372 
TYR HXT  H  N N 373 
VAL N    N  N N 374 
VAL CA   C  N S 375 
VAL C    C  N N 376 
VAL O    O  N N 377 
VAL CB   C  N N 378 
VAL CG1  C  N N 379 
VAL CG2  C  N N 380 
VAL OXT  O  N N 381 
VAL H    H  N N 382 
VAL H2   H  N N 383 
VAL HA   H  N N 384 
VAL HB   H  N N 385 
VAL HG11 H  N N 386 
VAL HG12 H  N N 387 
VAL HG13 H  N N 388 
VAL HG21 H  N N 389 
VAL HG22 H  N N 390 
VAL HG23 H  N N 391 
VAL HXT  H  N N 392 
# 
loop_
_chem_comp_bond.comp_id 
_chem_comp_bond.atom_id_1 
_chem_comp_bond.atom_id_2 
_chem_comp_bond.value_order 
_chem_comp_bond.pdbx_aromatic_flag 
_chem_comp_bond.pdbx_stereo_config 
_chem_comp_bond.pdbx_ordinal 
ALA N   CA   sing N N 1   
ALA N   H    sing N N 2   
ALA N   H2   sing N N 3   
ALA CA  C    sing N N 4   
ALA CA  CB   sing N N 5   
ALA CA  HA   sing N N 6   
ALA C   O    doub N N 7   
ALA C   OXT  sing N N 8   
ALA CB  HB1  sing N N 9   
ALA CB  HB2  sing N N 10  
ALA CB  HB3  sing N N 11  
ALA OXT HXT  sing N N 12  
ARG N   CA   sing N N 13  
ARG N   H    sing N N 14  
ARG N   H2   sing N N 15  
ARG CA  C    sing N N 16  
ARG CA  CB   sing N N 17  
ARG CA  HA   sing N N 18  
ARG C   O    doub N N 19  
ARG C   OXT  sing N N 20  
ARG CB  CG   sing N N 21  
ARG CB  HB2  sing N N 22  
ARG CB  HB3  sing N N 23  
ARG CG  CD   sing N N 24  
ARG CG  HG2  sing N N 25  
ARG CG  HG3  sing N N 26  
ARG CD  NE   sing N N 27  
ARG CD  HD2  sing N N 28  
ARG CD  HD3  sing N N 29  
ARG NE  CZ   sing N N 30  
ARG NE  HE   sing N N 31  
ARG CZ  NH1  sing N N 32  
ARG CZ  NH2  doub N N 33  
ARG NH1 HH11 sing N N 34  
ARG NH1 HH12 sing N N 35  
ARG NH2 HH21 sing N N 36  
ARG NH2 HH22 sing N N 37  
ARG OXT HXT  sing N N 38  
ASN N   CA   sing N N 39  
ASN N   H    sing N N 40  
ASN N   H2   sing N N 41  
ASN CA  C    sing N N 42  
ASN CA  CB   sing N N 43  
ASN CA  HA   sing N N 44  
ASN C   O    doub N N 45  
ASN C   OXT  sing N N 46  
ASN CB  CG   sing N N 47  
ASN CB  HB2  sing N N 48  
ASN CB  HB3  sing N N 49  
ASN CG  OD1  doub N N 50  
ASN CG  ND2  sing N N 51  
ASN ND2 HD21 sing N N 52  
ASN ND2 HD22 sing N N 53  
ASN OXT HXT  sing N N 54  
ASP N   CA   sing N N 55  
ASP N   H    sing N N 56  
ASP N   H2   sing N N 57  
ASP CA  C    sing N N 58  
ASP CA  CB   sing N N 59  
ASP CA  HA   sing N N 60  
ASP C   O    doub N N 61  
ASP C   OXT  sing N N 62  
ASP CB  CG   sing N N 63  
ASP CB  HB2  sing N N 64  
ASP CB  HB3  sing N N 65  
ASP CG  OD1  doub N N 66  
ASP CG  OD2  sing N N 67  
ASP OD2 HD2  sing N N 68  
ASP OXT HXT  sing N N 69  
CYS N   CA   sing N N 70  
CYS N   H    sing N N 71  
CYS N   H2   sing N N 72  
CYS CA  C    sing N N 73  
CYS CA  CB   sing N N 74  
CYS CA  HA   sing N N 75  
CYS C   O    doub N N 76  
CYS C   OXT  sing N N 77  
CYS CB  SG   sing N N 78  
CYS CB  HB2  sing N N 79  
CYS CB  HB3  sing N N 80  
CYS SG  HG   sing N N 81  
CYS OXT HXT  sing N N 82  
GLN N   CA   sing N N 83  
GLN N   H    sing N N 84  
GLN N   H2   sing N N 85  
GLN CA  C    sing N N 86  
GLN CA  CB   sing N N 87  
GLN CA  HA   sing N N 88  
GLN C   O    doub N N 89  
GLN C   OXT  sing N N 90  
GLN CB  CG   sing N N 91  
GLN CB  HB2  sing N N 92  
GLN CB  HB3  sing N N 93  
GLN CG  CD   sing N N 94  
GLN CG  HG2  sing N N 95  
GLN CG  HG3  sing N N 96  
GLN CD  OE1  doub N N 97  
GLN CD  NE2  sing N N 98  
GLN NE2 HE21 sing N N 99  
GLN NE2 HE22 sing N N 100 
GLN OXT HXT  sing N N 101 
GLU N   CA   sing N N 102 
GLU N   H    sing N N 103 
GLU N   H2   sing N N 104 
GLU CA  C    sing N N 105 
GLU CA  CB   sing N N 106 
GLU CA  HA   sing N N 107 
GLU C   O    doub N N 108 
GLU C   OXT  sing N N 109 
GLU CB  CG   sing N N 110 
GLU CB  HB2  sing N N 111 
GLU CB  HB3  sing N N 112 
GLU CG  CD   sing N N 113 
GLU CG  HG2  sing N N 114 
GLU CG  HG3  sing N N 115 
GLU CD  OE1  doub N N 116 
GLU CD  OE2  sing N N 117 
GLU OE2 HE2  sing N N 118 
GLU OXT HXT  sing N N 119 
GLY N   CA   sing N N 120 
GLY N   H    sing N N 121 
GLY N   H2   sing N N 122 
GLY CA  C    sing N N 123 
GLY CA  HA2  sing N N 124 
GLY CA  HA3  sing N N 125 
GLY C   O    doub N N 126 
GLY C   OXT  sing N N 127 
GLY OXT HXT  sing N N 128 
HIS N   CA   sing N N 129 
HIS N   H    sing N N 130 
HIS N   H2   sing N N 131 
HIS CA  C    sing N N 132 
HIS CA  CB   sing N N 133 
HIS CA  HA   sing N N 134 
HIS C   O    doub N N 135 
HIS C   OXT  sing N N 136 
HIS CB  CG   sing N N 137 
HIS CB  HB2  sing N N 138 
HIS CB  HB3  sing N N 139 
HIS CG  ND1  sing Y N 140 
HIS CG  CD2  doub Y N 141 
HIS ND1 CE1  doub Y N 142 
HIS ND1 HD1  sing N N 143 
HIS CD2 NE2  sing Y N 144 
HIS CD2 HD2  sing N N 145 
HIS CE1 NE2  sing Y N 146 
HIS CE1 HE1  sing N N 147 
HIS NE2 HE2  sing N N 148 
HIS OXT HXT  sing N N 149 
HOH O   H1   sing N N 150 
HOH O   H2   sing N N 151 
ILE N   CA   sing N N 152 
ILE N   H    sing N N 153 
ILE N   H2   sing N N 154 
ILE CA  C    sing N N 155 
ILE CA  CB   sing N N 156 
ILE CA  HA   sing N N 157 
ILE C   O    doub N N 158 
ILE C   OXT  sing N N 159 
ILE CB  CG1  sing N N 160 
ILE CB  CG2  sing N N 161 
ILE CB  HB   sing N N 162 
ILE CG1 CD1  sing N N 163 
ILE CG1 HG12 sing N N 164 
ILE CG1 HG13 sing N N 165 
ILE CG2 HG21 sing N N 166 
ILE CG2 HG22 sing N N 167 
ILE CG2 HG23 sing N N 168 
ILE CD1 HD11 sing N N 169 
ILE CD1 HD12 sing N N 170 
ILE CD1 HD13 sing N N 171 
ILE OXT HXT  sing N N 172 
LEU N   CA   sing N N 173 
LEU N   H    sing N N 174 
LEU N   H2   sing N N 175 
LEU CA  C    sing N N 176 
LEU CA  CB   sing N N 177 
LEU CA  HA   sing N N 178 
LEU C   O    doub N N 179 
LEU C   OXT  sing N N 180 
LEU CB  CG   sing N N 181 
LEU CB  HB2  sing N N 182 
LEU CB  HB3  sing N N 183 
LEU CG  CD1  sing N N 184 
LEU CG  CD2  sing N N 185 
LEU CG  HG   sing N N 186 
LEU CD1 HD11 sing N N 187 
LEU CD1 HD12 sing N N 188 
LEU CD1 HD13 sing N N 189 
LEU CD2 HD21 sing N N 190 
LEU CD2 HD22 sing N N 191 
LEU CD2 HD23 sing N N 192 
LEU OXT HXT  sing N N 193 
LYS N   CA   sing N N 194 
LYS N   H    sing N N 195 
LYS N   H2   sing N N 196 
LYS CA  C    sing N N 197 
LYS CA  CB   sing N N 198 
LYS CA  HA   sing N N 199 
LYS C   O    doub N N 200 
LYS C   OXT  sing N N 201 
LYS CB  CG   sing N N 202 
LYS CB  HB2  sing N N 203 
LYS CB  HB3  sing N N 204 
LYS CG  CD   sing N N 205 
LYS CG  HG2  sing N N 206 
LYS CG  HG3  sing N N 207 
LYS CD  CE   sing N N 208 
LYS CD  HD2  sing N N 209 
LYS CD  HD3  sing N N 210 
LYS CE  NZ   sing N N 211 
LYS CE  HE2  sing N N 212 
LYS CE  HE3  sing N N 213 
LYS NZ  HZ1  sing N N 214 
LYS NZ  HZ2  sing N N 215 
LYS NZ  HZ3  sing N N 216 
LYS OXT HXT  sing N N 217 
MET N   CA   sing N N 218 
MET N   H    sing N N 219 
MET N   H2   sing N N 220 
MET CA  C    sing N N 221 
MET CA  CB   sing N N 222 
MET CA  HA   sing N N 223 
MET C   O    doub N N 224 
MET C   OXT  sing N N 225 
MET CB  CG   sing N N 226 
MET CB  HB2  sing N N 227 
MET CB  HB3  sing N N 228 
MET CG  SD   sing N N 229 
MET CG  HG2  sing N N 230 
MET CG  HG3  sing N N 231 
MET SD  CE   sing N N 232 
MET CE  HE1  sing N N 233 
MET CE  HE2  sing N N 234 
MET CE  HE3  sing N N 235 
MET OXT HXT  sing N N 236 
PHE N   CA   sing N N 237 
PHE N   H    sing N N 238 
PHE N   H2   sing N N 239 
PHE CA  C    sing N N 240 
PHE CA  CB   sing N N 241 
PHE CA  HA   sing N N 242 
PHE C   O    doub N N 243 
PHE C   OXT  sing N N 244 
PHE CB  CG   sing N N 245 
PHE CB  HB2  sing N N 246 
PHE CB  HB3  sing N N 247 
PHE CG  CD1  doub Y N 248 
PHE CG  CD2  sing Y N 249 
PHE CD1 CE1  sing Y N 250 
PHE CD1 HD1  sing N N 251 
PHE CD2 CE2  doub Y N 252 
PHE CD2 HD2  sing N N 253 
PHE CE1 CZ   doub Y N 254 
PHE CE1 HE1  sing N N 255 
PHE CE2 CZ   sing Y N 256 
PHE CE2 HE2  sing N N 257 
PHE CZ  HZ   sing N N 258 
PHE OXT HXT  sing N N 259 
PRO N   CA   sing N N 260 
PRO N   CD   sing N N 261 
PRO N   H    sing N N 262 
PRO CA  C    sing N N 263 
PRO CA  CB   sing N N 264 
PRO CA  HA   sing N N 265 
PRO C   O    doub N N 266 
PRO C   OXT  sing N N 267 
PRO CB  CG   sing N N 268 
PRO CB  HB2  sing N N 269 
PRO CB  HB3  sing N N 270 
PRO CG  CD   sing N N 271 
PRO CG  HG2  sing N N 272 
PRO CG  HG3  sing N N 273 
PRO CD  HD2  sing N N 274 
PRO CD  HD3  sing N N 275 
PRO OXT HXT  sing N N 276 
SER N   CA   sing N N 277 
SER N   H    sing N N 278 
SER N   H2   sing N N 279 
SER CA  C    sing N N 280 
SER CA  CB   sing N N 281 
SER CA  HA   sing N N 282 
SER C   O    doub N N 283 
SER C   OXT  sing N N 284 
SER CB  OG   sing N N 285 
SER CB  HB2  sing N N 286 
SER CB  HB3  sing N N 287 
SER OG  HG   sing N N 288 
SER OXT HXT  sing N N 289 
THR N   CA   sing N N 290 
THR N   H    sing N N 291 
THR N   H2   sing N N 292 
THR CA  C    sing N N 293 
THR CA  CB   sing N N 294 
THR CA  HA   sing N N 295 
THR C   O    doub N N 296 
THR C   OXT  sing N N 297 
THR CB  OG1  sing N N 298 
THR CB  CG2  sing N N 299 
THR CB  HB   sing N N 300 
THR OG1 HG1  sing N N 301 
THR CG2 HG21 sing N N 302 
THR CG2 HG22 sing N N 303 
THR CG2 HG23 sing N N 304 
THR OXT HXT  sing N N 305 
TRP N   CA   sing N N 306 
TRP N   H    sing N N 307 
TRP N   H2   sing N N 308 
TRP CA  C    sing N N 309 
TRP CA  CB   sing N N 310 
TRP CA  HA   sing N N 311 
TRP C   O    doub N N 312 
TRP C   OXT  sing N N 313 
TRP CB  CG   sing N N 314 
TRP CB  HB2  sing N N 315 
TRP CB  HB3  sing N N 316 
TRP CG  CD1  doub Y N 317 
TRP CG  CD2  sing Y N 318 
TRP CD1 NE1  sing Y N 319 
TRP CD1 HD1  sing N N 320 
TRP CD2 CE2  doub Y N 321 
TRP CD2 CE3  sing Y N 322 
TRP NE1 CE2  sing Y N 323 
TRP NE1 HE1  sing N N 324 
TRP CE2 CZ2  sing Y N 325 
TRP CE3 CZ3  doub Y N 326 
TRP CE3 HE3  sing N N 327 
TRP CZ2 CH2  doub Y N 328 
TRP CZ2 HZ2  sing N N 329 
TRP CZ3 CH2  sing Y N 330 
TRP CZ3 HZ3  sing N N 331 
TRP CH2 HH2  sing N N 332 
TRP OXT HXT  sing N N 333 
TYR N   CA   sing N N 334 
TYR N   H    sing N N 335 
TYR N   H2   sing N N 336 
TYR CA  C    sing N N 337 
TYR CA  CB   sing N N 338 
TYR CA  HA   sing N N 339 
TYR C   O    doub N N 340 
TYR C   OXT  sing N N 341 
TYR CB  CG   sing N N 342 
TYR CB  HB2  sing N N 343 
TYR CB  HB3  sing N N 344 
TYR CG  CD1  doub Y N 345 
TYR CG  CD2  sing Y N 346 
TYR CD1 CE1  sing Y N 347 
TYR CD1 HD1  sing N N 348 
TYR CD2 CE2  doub Y N 349 
TYR CD2 HD2  sing N N 350 
TYR CE1 CZ   doub Y N 351 
TYR CE1 HE1  sing N N 352 
TYR CE2 CZ   sing Y N 353 
TYR CE2 HE2  sing N N 354 
TYR CZ  OH   sing N N 355 
TYR OH  HH   sing N N 356 
TYR OXT HXT  sing N N 357 
VAL N   CA   sing N N 358 
VAL N   H    sing N N 359 
VAL N   H2   sing N N 360 
VAL CA  C    sing N N 361 
VAL CA  CB   sing N N 362 
VAL CA  HA   sing N N 363 
VAL C   O    doub N N 364 
VAL C   OXT  sing N N 365 
VAL CB  CG1  sing N N 366 
VAL CB  CG2  sing N N 367 
VAL CB  HB   sing N N 368 
VAL CG1 HG11 sing N N 369 
VAL CG1 HG12 sing N N 370 
VAL CG1 HG13 sing N N 371 
VAL CG2 HG21 sing N N 372 
VAL CG2 HG22 sing N N 373 
VAL CG2 HG23 sing N N 374 
VAL OXT HXT  sing N N 375 
# 
loop_
_pdbx_audit_support.funding_organization 
_pdbx_audit_support.country 
_pdbx_audit_support.grant_number 
_pdbx_audit_support.ordinal 
'National Natural Science Foundation of China (NSFC)' China 32271448    1 
'National Natural Science Foundation of China (NSFC)' China 82072054    2 
'National Natural Science Foundation of China (NSFC)' China ?           3 
'National Natural Science Foundation of China (NSFC)' China 21877065    4 
'National Natural Science Foundation of China (NSFC)' China 82111530210 5 
# 
_atom_sites.entry_id                    9JGO 
_atom_sites.Cartn_transf_matrix[1][1]   ? 
_atom_sites.Cartn_transf_matrix[1][2]   ? 
_atom_sites.Cartn_transf_matrix[1][3]   ? 
_atom_sites.Cartn_transf_matrix[2][1]   ? 
_atom_sites.Cartn_transf_matrix[2][2]   ? 
_atom_sites.Cartn_transf_matrix[2][3]   ? 
_atom_sites.Cartn_transf_matrix[3][1]   ? 
_atom_sites.Cartn_transf_matrix[3][2]   ? 
_atom_sites.Cartn_transf_matrix[3][3]   ? 
_atom_sites.Cartn_transf_vector[1]      ? 
_atom_sites.Cartn_transf_vector[2]      ? 
_atom_sites.Cartn_transf_vector[3]      ? 
_atom_sites.Cartn_transform_axes        ? 
_atom_sites.fract_transf_matrix[1][1]   -0.00196291 
_atom_sites.fract_transf_matrix[1][2]   -0.00425003 
_atom_sites.fract_transf_matrix[1][3]   -0.00276303 
_atom_sites.fract_transf_matrix[2][1]   -0.00124287 
_atom_sites.fract_transf_matrix[2][2]   -0.00246901 
_atom_sites.fract_transf_matrix[2][3]   0.00468074 
_atom_sites.fract_transf_matrix[3][1]   -0.00491450 
_atom_sites.fract_transf_matrix[3][2]   0.00232192 
_atom_sites.fract_transf_matrix[3][3]   -0.00008017 
_atom_sites.fract_transf_vector[1]      0.215056 
_atom_sites.fract_transf_vector[2]      -0.054315 
_atom_sites.fract_transf_vector[3]      0.155877 
_atom_sites.solution_primary            ? 
_atom_sites.solution_secondary          ? 
_atom_sites.solution_hydrogens          ? 
_atom_sites.special_details             ? 
# 
loop_
_atom_type.symbol 
C  
MG 
N  
O  
PD 
S  
# 
loop_
_atom_site.group_PDB 
_atom_site.id 
_atom_site.type_symbol 
_atom_site.label_atom_id 
_atom_site.label_alt_id 
_atom_site.label_comp_id 
_atom_site.label_asym_id 
_atom_site.label_entity_id 
_atom_site.label_seq_id 
_atom_site.pdbx_PDB_ins_code 
_atom_site.Cartn_x 
_atom_site.Cartn_y 
_atom_site.Cartn_z 
_atom_site.occupancy 
_atom_site.B_iso_or_equiv 
_atom_site.pdbx_formal_charge 
_atom_site.auth_seq_id 
_atom_site.auth_comp_id 
_atom_site.auth_asym_id 
_atom_site.auth_atom_id 
_atom_site.pdbx_PDB_model_num 
ATOM   1    N  N   . THR A 1 5   ? -15.488 28.055  -1.289  1.00 44.85 0  5   THR A N   1 
ATOM   2    C  CA  . THR A 1 5   ? -15.835 28.404  0.086   1.00 39.38 0  5   THR A CA  1 
ATOM   3    C  C   . THR A 1 5   ? -14.585 28.535  0.967   1.00 26.50 0  5   THR A C   1 
ATOM   4    O  O   . THR A 1 5   ? -14.455 29.524  1.679   1.00 33.81 0  5   THR A O   1 
ATOM   5    C  CB  . THR A 1 5   ? -16.821 27.370  0.712   1.00 46.62 0  5   THR A CB  1 
ATOM   6    O  OG1 . THR A 1 5   ? -18.155 27.630  0.254   1.00 59.13 0  5   THR A OG1 1 
ATOM   7    C  CG2 . THR A 1 5   ? -16.796 27.426  2.235   1.00 43.23 0  5   THR A CG2 1 
ATOM   8    N  N   . SER A 1 6   ? -13.669 27.565  0.923   1.00 23.79 0  6   SER A N   1 
ATOM   9    C  CA  . SER A 1 6   ? -12.488 27.638  1.780   1.00 20.85 0  6   SER A CA  1 
ATOM   10   C  C   . SER A 1 6   ? -11.607 28.815  1.390   1.00 19.39 0  6   SER A C   1 
ATOM   11   O  O   . SER A 1 6   ? -11.285 28.996  0.209   1.00 18.50 0  6   SER A O   1 
ATOM   12   C  CB  . SER A 1 6   ? -11.666 26.357  1.708   1.00 18.73 0  6   SER A CB  1 
ATOM   13   O  OG  . SER A 1 6   ? -10.469 26.526  2.457   1.00 19.65 0  6   SER A OG  1 
ATOM   14   N  N   . GLN A 1 7   ? -11.160 29.571  2.397   1.00 17.80 0  7   GLN A N   1 
ATOM   15   C  CA  . GLN A 1 7   ? -10.329 30.746  2.156   1.00 16.93 0  7   GLN A CA  1 
ATOM   16   C  C   . GLN A 1 7   ? -8.973  30.399  1.556   1.00 15.56 0  7   GLN A C   1 
ATOM   17   O  O   . GLN A 1 7   ? -8.333  31.280  0.975   1.00 16.75 0  7   GLN A O   1 
ATOM   18   C  CB  . GLN A 1 7   ? -10.123 31.530  3.461   1.00 15.64 0  7   GLN A CB  1 
ATOM   19   C  CG  . GLN A 1 7   ? -9.192  30.829  4.452   1.00 16.50 0  7   GLN A CG  1 
ATOM   20   C  CD  . GLN A 1 7   ? -9.150  31.493  5.816   1.00 18.35 0  7   GLN A CD  1 
ATOM   21   O  OE1 . GLN A 1 7   ? -9.289  32.715  5.939   1.00 16.76 0  7   GLN A OE1 1 
ATOM   22   N  NE2 . GLN A 1 7   ? -8.971  30.683  6.855   1.00 14.76 0  7   GLN A NE2 1 
ATOM   23   N  N   . VAL A 1 8   ? -8.508  29.153  1.689   1.00 14.04 0  8   VAL A N   1 
ATOM   24   C  CA  . VAL A 1 8   ? -7.212  28.768  1.131   1.00 15.00 0  8   VAL A CA  1 
ATOM   25   C  C   . VAL A 1 8   ? -7.333  28.131  -0.247  1.00 15.46 0  8   VAL A C   1 
ATOM   26   O  O   . VAL A 1 8   ? -6.312  27.972  -0.930  1.00 14.33 0  8   VAL A O   1 
ATOM   27   C  CB  . VAL A 1 8   ? -6.436  27.801  2.057   1.00 15.51 0  8   VAL A CB  1 
ATOM   28   C  CG1 . VAL A 1 8   ? -6.321  28.368  3.464   1.00 14.89 0  8   VAL A CG1 1 
ATOM   29   C  CG2 . VAL A 1 8   ? -7.073  26.413  2.071   1.00 15.16 0  8   VAL A CG2 1 
ATOM   30   N  N   . ARG A 1 9   ? -8.535  27.757  -0.674  1.00 15.59 0  9   ARG A N   1 
ATOM   31   C  CA  . ARG A 1 9   ? -8.679  26.941  -1.871  1.00 15.43 0  9   ARG A CA  1 
ATOM   32   C  C   . ARG A 1 9   ? -8.275  27.725  -3.114  1.00 16.82 0  9   ARG A C   1 
ATOM   33   O  O   . ARG A 1 9   ? -8.685  28.878  -3.303  1.00 15.59 0  9   ARG A O   1 
ATOM   34   C  CB  . ARG A 1 9   ? -10.120 26.442  -2.005  1.00 15.81 0  9   ARG A CB  1 
ATOM   35   C  CG  . ARG A 1 9   ? -10.279 25.358  -3.064  1.00 13.42 0  9   ARG A CG  1 
ATOM   36   C  CD  . ARG A 1 9   ? -11.740 24.972  -3.266  1.00 17.67 0  9   ARG A CD  1 
ATOM   37   N  NE  . ARG A 1 9   ? -11.848 23.760  -4.074  1.00 16.11 0  9   ARG A NE  1 
ATOM   38   C  CZ  . ARG A 1 9   ? -12.403 22.636  -3.648  1.00 15.43 0  9   ARG A CZ  1 
ATOM   39   N  NH1 . ARG A 1 9   ? -12.985 22.563  -2.461  1.00 15.64 1  9   ARG A NH1 1 
ATOM   40   N  NH2 . ARG A 1 9   ? -12.357 21.554  -4.423  1.00 14.45 0  9   ARG A NH2 1 
ATOM   41   N  N   . GLN A 1 10  ? -7.474  27.096  -3.973  1.00 13.63 0  10  GLN A N   1 
ATOM   42   C  CA  . GLN A 1 10  ? -7.068  27.758  -5.211  1.00 14.20 0  10  GLN A CA  1 
ATOM   43   C  C   . GLN A 1 10  ? -6.608  26.693  -6.194  1.00 15.11 0  10  GLN A C   1 
ATOM   44   O  O   . GLN A 1 10  ? -5.746  25.872  -5.853  1.00 13.54 0  10  GLN A O   1 
ATOM   45   C  CB  . GLN A 1 10  ? -5.954  28.779  -4.912  1.00 15.49 0  10  GLN A CB  1 
ATOM   46   C  CG  . GLN A 1 10  ? -5.387  29.548  -6.092  1.00 18.05 0  10  GLN A CG  1 
ATOM   47   C  CD  . GLN A 1 10  ? -4.498  30.702  -5.620  1.00 16.41 0  10  GLN A CD  1 
ATOM   48   O  OE1 . GLN A 1 10  ? -3.769  30.570  -4.640  1.00 16.27 0  10  GLN A OE1 1 
ATOM   49   N  NE2 . GLN A 1 10  ? -4.570  31.835  -6.309  1.00 18.12 0  10  GLN A NE2 1 
ATOM   50   N  N   . ASN A 1 11  ? -7.216  26.683  -7.388  1.00 15.04 0  11  ASN A N   1 
ATOM   51   C  CA  . ASN A 1 11  ? -6.875  25.749  -8.470  1.00 14.64 0  11  ASN A CA  1 
ATOM   52   C  C   . ASN A 1 11  ? -7.064  24.284  -8.066  1.00 14.61 0  11  ASN A C   1 
ATOM   53   O  O   . ASN A 1 11  ? -6.370  23.394  -8.576  1.00 14.43 0  11  ASN A O   1 
ATOM   54   C  CB  . ASN A 1 11  ? -5.450  25.970  -8.976  1.00 13.78 0  11  ASN A CB  1 
ATOM   55   C  CG  . ASN A 1 11  ? -5.216  25.307  -10.312 1.00 16.63 0  11  ASN A CG  1 
ATOM   56   O  OD1 . ASN A 1 11  ? -6.109  25.296  -11.144 1.00 16.25 0  11  ASN A OD1 1 
ATOM   57   N  ND2 . ASN A 1 11  ? -4.026  24.727  -10.516 1.00 15.17 0  11  ASN A ND2 1 
ATOM   58   N  N   . TYR A 1 12  ? -8.024  24.008  -7.186  1.00 13.40 0  12  TYR A N   1 
ATOM   59   C  CA  . TYR A 1 12  ? -8.250  22.663  -6.649  1.00 14.11 0  12  TYR A CA  1 
ATOM   60   C  C   . TYR A 1 12  ? -9.644  22.196  -7.062  1.00 14.29 0  12  TYR A C   1 
ATOM   61   O  O   . TYR A 1 12  ? -10.650 22.618  -6.482  1.00 16.65 0  12  TYR A O   1 
ATOM   62   C  CB  . TYR A 1 12  ? -8.080  22.669  -5.130  1.00 13.41 0  12  TYR A CB  1 
ATOM   63   C  CG  . TYR A 1 12  ? -8.011  21.306  -4.492  1.00 14.81 0  12  TYR A CG  1 
ATOM   64   C  CD1 . TYR A 1 12  ? -7.053  20.376  -4.889  1.00 14.29 0  12  TYR A CD1 1 
ATOM   65   C  CD2 . TYR A 1 12  ? -8.863  20.966  -3.446  1.00 15.64 0  12  TYR A CD2 1 
ATOM   66   C  CE1 . TYR A 1 12  ? -6.971  19.123  -4.279  1.00 14.51 0  12  TYR A CE1 1 
ATOM   67   C  CE2 . TYR A 1 12  ? -8.779  19.721  -2.823  1.00 13.68 0  12  TYR A CE2 1 
ATOM   68   C  CZ  . TYR A 1 12  ? -7.831  18.807  -3.246  1.00 15.54 0  12  TYR A CZ  1 
ATOM   69   O  OH  . TYR A 1 12  ? -7.743  17.571  -2.626  1.00 15.91 0  12  TYR A OH  1 
ATOM   70   N  N   . HIS A 1 13  ? -9.704  21.307  -8.053  1.00 13.87 0  13  HIS A N   1 
ATOM   71   C  CA  . HIS A 1 13  ? -10.984 20.924  -8.638  1.00 15.58 0  13  HIS A CA  1 
ATOM   72   C  C   . HIS A 1 13  ? -11.760 20.015  -7.692  1.00 15.71 0  13  HIS A C   1 
ATOM   73   O  O   . HIS A 1 13  ? -11.182 19.221  -6.942  1.00 14.71 0  13  HIS A O   1 
ATOM   74   C  CB  . HIS A 1 13  ? -10.767 20.215  -9.983  1.00 15.92 0  13  HIS A CB  1 
ATOM   75   C  CG  . HIS A 1 13  ? -11.982 20.190  -10.866 1.00 17.80 0  13  HIS A CG  1 
ATOM   76   N  ND1 . HIS A 1 13  ? -13.054 19.350  -10.645 1.00 17.85 0  13  HIS A ND1 1 
ATOM   77   C  CD2 . HIS A 1 13  ? -12.293 20.912  -11.972 1.00 17.65 0  13  HIS A CD2 1 
ATOM   78   C  CE1 . HIS A 1 13  ? -13.977 19.562  -11.572 1.00 19.54 0  13  HIS A CE1 1 
ATOM   79   N  NE2 . HIS A 1 13  ? -13.537 20.502  -12.391 1.00 18.63 0  13  HIS A NE2 1 
ATOM   80   N  N   . GLN A 1 14  ? -13.094 20.133  -7.744  1.00 12.72 0  14  GLN A N   1 
ATOM   81   C  CA  . GLN A 1 14  ? -13.942 19.249  -6.946  1.00 16.47 0  14  GLN A CA  1 
ATOM   82   C  C   . GLN A 1 14  ? -13.654 17.781  -7.236  1.00 15.16 0  14  GLN A C   1 
ATOM   83   O  O   . GLN A 1 14  ? -13.733 16.937  -6.334  1.00 14.17 0  14  GLN A O   1 
ATOM   84   C  CB  . GLN A 1 14  ? -15.419 19.559  -7.212  1.00 19.90 0  14  GLN A CB  1 
ATOM   85   C  CG  . GLN A 1 14  ? -15.990 20.652  -6.331  1.00 28.65 0  14  GLN A CG  1 
ATOM   86   C  CD  . GLN A 1 14  ? -17.488 20.829  -6.521  1.00 37.05 0  14  GLN A CD  1 
ATOM   87   O  OE1 . GLN A 1 14  ? -18.047 20.441  -7.551  1.00 39.28 0  14  GLN A OE1 1 
ATOM   88   N  NE2 . GLN A 1 14  ? -18.147 21.392  -5.516  1.00 44.10 0  14  GLN A NE2 1 
ATOM   89   N  N   . ASP A 1 15  ? -13.357 17.450  -8.498  1.00 14.29 0  15  ASP A N   1 
ATOM   90   C  CA  . ASP A 1 15  ? -13.093 16.055  -8.841  1.00 16.31 0  15  ASP A CA  1 
ATOM   91   C  C   . ASP A 1 15  ? -11.818 15.578  -8.171  1.00 14.08 0  15  ASP A C   1 
ATOM   92   O  O   . ASP A 1 15  ? -11.699 14.406  -7.796  1.00 13.74 0  15  ASP A O   1 
ATOM   93   C  CB  . ASP A 1 15  ? -12.945 15.876  -10.354 1.00 17.06 0  15  ASP A CB  1 
ATOM   94   C  CG  . ASP A 1 15  ? -14.234 16.104  -11.112 1.00 22.77 0  15  ASP A CG  1 
ATOM   95   O  OD1 . ASP A 1 15  ? -15.283 16.334  -10.482 1.00 18.96 0  15  ASP A OD1 1 
ATOM   96   O  OD2 . ASP A 1 15  ? -14.179 16.048  -12.355 1.00 23.68 -1 15  ASP A OD2 1 
ATOM   97   N  N   . SER A 1 16  ? -10.822 16.460  -8.081  1.00 13.46 0  16  SER A N   1 
ATOM   98   C  CA  . SER A 1 16  ? -9.571  16.094  -7.428  1.00 14.20 0  16  SER A CA  1 
ATOM   99   C  C   . SER A 1 16  ? -9.799  15.849  -5.945  1.00 14.43 0  16  SER A C   1 
ATOM   100  O  O   . SER A 1 16  ? -9.290  14.874  -5.381  1.00 13.67 0  16  SER A O   1 
ATOM   101  C  CB  . SER A 1 16  ? -8.543  17.207  -7.639  1.00 15.87 0  16  SER A CB  1 
ATOM   102  O  OG  . SER A 1 16  ? -8.308  17.410  -9.025  1.00 14.22 0  16  SER A OG  1 
ATOM   103  N  N   . GLU A 1 17  ? -10.556 16.744  -5.306  1.00 14.17 0  17  GLU A N   1 
ATOM   104  C  CA  . GLU A 1 17  ? -10.923 16.589  -3.906  1.00 13.60 0  17  GLU A CA  1 
ATOM   105  C  C   . GLU A 1 17  ? -11.560 15.229  -3.659  1.00 14.60 0  17  GLU A C   1 
ATOM   106  O  O   . GLU A 1 17  ? -11.181 14.508  -2.731  1.00 13.64 0  17  GLU A O   1 
ATOM   107  C  CB  . GLU A 1 17  ? -11.874 17.721  -3.516  1.00 13.68 0  17  GLU A CB  1 
ATOM   108  C  CG  . GLU A 1 17  ? -12.358 17.702  -2.088  1.00 12.56 0  17  GLU A CG  1 
ATOM   109  C  CD  . GLU A 1 17  ? -13.287 18.866  -1.777  1.00 16.70 0  17  GLU A CD  1 
ATOM   110  O  OE1 . GLU A 1 17  ? -13.566 19.680  -2.683  1.00 18.32 0  17  GLU A OE1 1 
ATOM   111  O  OE2 . GLU A 1 17  ? -13.731 18.978  -0.624  1.00 17.02 -1 17  GLU A OE2 1 
ATOM   112  N  N   . ALA A 1 18  ? -12.524 14.854  -4.504  1.00 13.73 0  18  ALA A N   1 
ATOM   113  C  CA  . ALA A 1 18  ? -13.183 13.563  -4.334  1.00 13.38 0  18  ALA A CA  1 
ATOM   114  C  C   . ALA A 1 18  ? -12.208 12.413  -4.542  1.00 13.64 0  18  ALA A C   1 
ATOM   115  O  O   . ALA A 1 18  ? -12.250 11.410  -3.812  1.00 13.52 0  18  ALA A O   1 
ATOM   116  C  CB  . ALA A 1 18  ? -14.359 13.445  -5.305  1.00 16.19 0  18  ALA A CB  1 
ATOM   117  N  N   . ALA A 1 19  ? -11.339 12.523  -5.551  1.00 13.34 0  19  ALA A N   1 
ATOM   118  C  CA  . ALA A 1 19  ? -10.386 11.451  -5.829  1.00 15.95 0  19  ALA A CA  1 
ATOM   119  C  C   . ALA A 1 19  ? -9.405  11.269  -4.677  1.00 14.43 0  19  ALA A C   1 
ATOM   120  O  O   . ALA A 1 19  ? -8.975  10.143  -4.382  1.00 13.99 0  19  ALA A O   1 
ATOM   121  C  CB  . ALA A 1 19  ? -9.638  11.746  -7.132  1.00 16.31 0  19  ALA A CB  1 
ATOM   122  N  N   . ILE A 1 20  ? -9.014  12.371  -4.029  1.00 12.59 0  20  ILE A N   1 
ATOM   123  C  CA  . ILE A 1 20  ? -8.120  12.285  -2.875  1.00 13.06 0  20  ILE A CA  1 
ATOM   124  C  C   . ILE A 1 20  ? -8.803  11.540  -1.735  1.00 12.75 0  20  ILE A C   1 
ATOM   125  O  O   . ILE A 1 20  ? -8.179  10.727  -1.038  1.00 12.97 0  20  ILE A O   1 
ATOM   126  C  CB  . ILE A 1 20  ? -7.661  13.695  -2.451  1.00 12.52 0  20  ILE A CB  1 
ATOM   127  C  CG1 . ILE A 1 20  ? -6.704  14.275  -3.502  1.00 14.00 0  20  ILE A CG1 1 
ATOM   128  C  CG2 . ILE A 1 20  ? -7.026  13.684  -1.041  1.00 12.87 0  20  ILE A CG2 1 
ATOM   129  C  CD1 . ILE A 1 20  ? -5.318  13.651  -3.475  1.00 17.13 0  20  ILE A CD1 1 
ATOM   130  N  N   . ASN A 1 21  ? -10.093 11.795  -1.526  1.00 13.50 0  21  ASN A N   1 
ATOM   131  C  CA  . ASN A 1 21  ? -10.820 11.048  -0.506  1.00 11.75 0  21  ASN A CA  1 
ATOM   132  C  C   . ASN A 1 21  ? -10.885 9.556   -0.840  1.00 13.00 0  21  ASN A C   1 
ATOM   133  O  O   . ASN A 1 21  ? -10.745 8.708   0.048   1.00 11.93 0  21  ASN A O   1 
ATOM   134  C  CB  . ASN A 1 21  ? -12.222 11.636  -0.316  1.00 13.69 0  21  ASN A CB  1 
ATOM   135  C  CG  . ASN A 1 21  ? -12.206 12.931  0.487   1.00 13.93 0  21  ASN A CG  1 
ATOM   136  O  OD1 . ASN A 1 21  ? -11.372 13.099  1.368   1.00 13.39 0  21  ASN A OD1 1 
ATOM   137  N  ND2 . ASN A 1 21  ? -13.144 13.842  0.198   1.00 12.48 0  21  ASN A ND2 1 
ATOM   138  N  N   . ARG A 1 22  ? -11.099 9.209   -2.110  1.00 13.67 0  22  ARG A N   1 
ATOM   139  C  CA  . ARG A 1 22  ? -11.084 7.793   -2.467  1.00 14.23 0  22  ARG A CA  1 
ATOM   140  C  C   . ARG A 1 22  ? -9.705  7.183   -2.232  1.00 14.00 0  22  ARG A C   1 
ATOM   141  O  O   . ARG A 1 22  ? -9.592  6.054   -1.725  1.00 13.83 0  22  ARG A O   1 
ATOM   142  C  CB  . ARG A 1 22  ? -11.548 7.618   -3.914  1.00 16.00 0  22  ARG A CB  1 
ATOM   143  C  CG  . ARG A 1 22  ? -12.992 8.099   -4.104  1.00 18.64 0  22  ARG A CG  1 
ATOM   144  C  CD  . ARG A 1 22  ? -13.555 7.653   -5.430  1.00 24.80 0  22  ARG A CD  1 
ATOM   145  N  NE  . ARG A 1 22  ? -12.571 7.841   -6.492  1.00 31.02 0  22  ARG A NE  1 
ATOM   146  C  CZ  . ARG A 1 22  ? -12.556 8.869   -7.332  1.00 28.83 0  22  ARG A CZ  1 
ATOM   147  N  NH1 . ARG A 1 22  ? -13.451 9.845   -7.249  1.00 21.10 1  22  ARG A NH1 1 
ATOM   148  N  NH2 . ARG A 1 22  ? -11.618 8.919   -8.279  1.00 28.35 0  22  ARG A NH2 1 
ATOM   149  N  N   . GLN A 1 23  ? -8.641  7.935   -2.538  1.00 11.95 0  23  GLN A N   1 
ATOM   150  C  CA  . GLN A 1 23  ? -7.293  7.418   -2.314  1.00 12.70 0  23  GLN A CA  1 
ATOM   151  C  C   . GLN A 1 23  ? -7.020  7.211   -0.823  1.00 13.77 0  23  GLN A C   1 
ATOM   152  O  O   . GLN A 1 23  ? -6.357  6.242   -0.441  1.00 12.57 0  23  GLN A O   1 
ATOM   153  C  CB  . GLN A 1 23  ? -6.254  8.364   -2.934  1.00 16.02 0  23  GLN A CB  1 
ATOM   154  C  CG  . GLN A 1 23  ? -4.812  7.826   -2.930  1.00 14.96 0  23  GLN A CG  1 
ATOM   155  C  CD  . GLN A 1 23  ? -4.647  6.653   -3.889  1.00 15.22 0  23  GLN A CD  1 
ATOM   156  O  OE1 . GLN A 1 23  ? -5.273  6.624   -4.951  1.00 15.94 0  23  GLN A OE1 1 
ATOM   157  N  NE2 . GLN A 1 23  ? -3.814  5.679   -3.519  1.00 13.90 0  23  GLN A NE2 1 
ATOM   158  N  N   . ILE A 1 24  ? -7.521  8.108   0.036   1.00 12.80 0  24  ILE A N   1 
ATOM   159  C  CA  . ILE A 1 24  ? -7.354  7.923   1.478   1.00 11.95 0  24  ILE A CA  1 
ATOM   160  C  C   . ILE A 1 24  ? -7.938  6.581   1.914   1.00 12.92 0  24  ILE A C   1 
ATOM   161  O  O   . ILE A 1 24  ? -7.323  5.837   2.690   1.00 12.38 0  24  ILE A O   1 
ATOM   162  C  CB  . ILE A 1 24  ? -7.990  9.091   2.255   1.00 11.06 0  24  ILE A CB  1 
ATOM   163  C  CG1 . ILE A 1 24  ? -7.178  10.382  2.063   1.00 11.76 0  24  ILE A CG1 1 
ATOM   164  C  CG2 . ILE A 1 24  ? -8.115  8.742   3.749   1.00 11.24 0  24  ILE A CG2 1 
ATOM   165  C  CD1 . ILE A 1 24  ? -7.989  11.679  2.376   1.00 11.03 0  24  ILE A CD1 1 
ATOM   166  N  N   . ASN A 1 25  ? -9.136  6.251   1.421   1.00 12.86 0  25  ASN A N   1 
ATOM   167  C  CA  . ASN A 1 25  ? -9.752  4.978   1.790   1.00 11.79 0  25  ASN A CA  1 
ATOM   168  C  C   . ASN A 1 25  ? -8.911  3.800   1.313   1.00 12.00 0  25  ASN A C   1 
ATOM   169  O  O   . ASN A 1 25  ? -8.762  2.798   2.028   1.00 12.15 0  25  ASN A O   1 
ATOM   170  C  CB  . ASN A 1 25  ? -11.162 4.883   1.218   1.00 11.53 0  25  ASN A CB  1 
ATOM   171  C  CG  . ASN A 1 25  ? -11.910 3.674   1.742   1.00 13.57 0  25  ASN A CG  1 
ATOM   172  O  OD1 . ASN A 1 25  ? -12.004 2.659   1.059   1.00 12.90 0  25  ASN A OD1 1 
ATOM   173  N  ND2 . ASN A 1 25  ? -12.464 3.782   2.951   1.00 11.19 0  25  ASN A ND2 1 
ATOM   174  N  N   . LEU A 1 26  ? -8.341  3.907   0.115   1.00 12.32 0  26  LEU A N   1 
ATOM   175  C  CA  . LEU A 1 26  ? -7.540  2.812   -0.422  1.00 12.10 0  26  LEU A CA  1 
ATOM   176  C  C   . LEU A 1 26  ? -6.255  2.615   0.378   1.00 11.67 0  26  LEU A C   1 
ATOM   177  O  O   . LEU A 1 26  ? -5.814  1.476   0.571   1.00 13.25 0  26  LEU A O   1 
ATOM   178  C  CB  . LEU A 1 26  ? -7.218  3.079   -1.890  1.00 12.82 0  26  LEU A CB  1 
ATOM   179  C  CG  . LEU A 1 26  ? -6.451  1.966   -2.615  1.00 14.44 0  26  LEU A CG  1 
ATOM   180  C  CD1 . LEU A 1 26  ? -7.228  0.660   -2.538  1.00 14.90 0  26  LEU A CD1 1 
ATOM   181  C  CD2 . LEU A 1 26  ? -6.171  2.362   -4.066  1.00 13.85 0  26  LEU A CD2 1 
ATOM   182  N  N   . GLU A 1 27  ? -5.610  3.711   0.802   1.00 10.48 0  27  GLU A N   1 
ATOM   183  C  CA  . GLU A 1 27  ? -4.422  3.579   1.643   1.00 12.39 0  27  GLU A CA  1 
ATOM   184  C  C   . GLU A 1 27  ? -4.768  2.915   2.976   1.00 13.25 0  27  GLU A C   1 
ATOM   185  O  O   . GLU A 1 27  ? -4.008  2.080   3.483   1.00 12.72 0  27  GLU A O   1 
ATOM   186  C  CB  . GLU A 1 27  ? -3.777  4.948   1.889   1.00 12.86 0  27  GLU A CB  1 
ATOM   187  C  CG  . GLU A 1 27  ? -3.397  5.763   0.637   1.00 12.77 0  27  GLU A CG  1 
ATOM   188  C  CD  . GLU A 1 27  ? -2.244  5.162   -0.148  1.00 14.87 0  27  GLU A CD  1 
ATOM   189  O  OE1 . GLU A 1 27  ? -1.561  4.275   0.391   1.00 13.57 0  27  GLU A OE1 1 
ATOM   190  O  OE2 . GLU A 1 27  ? -1.994  5.612   -1.288  1.00 14.55 -1 27  GLU A OE2 1 
ATOM   191  N  N   . LEU A 1 28  ? -5.917  3.279   3.560   1.00 11.20 0  28  LEU A N   1 
ATOM   192  C  CA  . LEU A 1 28  ? -6.349  2.652   4.810   1.00 11.89 0  28  LEU A CA  1 
ATOM   193  C  C   . LEU A 1 28  ? -6.690  1.185   4.596   1.00 13.20 0  28  LEU A C   1 
ATOM   194  O  O   . LEU A 1 28  ? -6.373  0.335   5.439   1.00 12.13 0  28  LEU A O   1 
ATOM   195  C  CB  . LEU A 1 28  ? -7.554  3.402   5.392   1.00 10.24 0  28  LEU A CB  1 
ATOM   196  C  CG  . LEU A 1 28  ? -7.287  4.834   5.875   1.00 11.35 0  28  LEU A CG  1 
ATOM   197  C  CD1 . LEU A 1 28  ? -8.571  5.616   6.134   1.00 10.71 0  28  LEU A CD1 1 
ATOM   198  C  CD2 . LEU A 1 28  ? -6.431  4.811   7.135   1.00 14.38 0  28  LEU A CD2 1 
ATOM   199  N  N   . TYR A 1 29  ? -7.324  0.864   3.467   1.00 11.61 0  29  TYR A N   1 
ATOM   200  C  CA  . TYR A 1 29  ? -7.567  -0.536  3.140   1.00 10.99 0  29  TYR A CA  1 
ATOM   201  C  C   . TYR A 1 29  ? -6.249  -1.309  3.026   1.00 13.11 0  29  TYR A C   1 
ATOM   202  O  O   . TYR A 1 29  ? -6.113  -2.409  3.577   1.00 12.06 0  29  TYR A O   1 
ATOM   203  C  CB  . TYR A 1 29  ? -8.376  -0.636  1.848   1.00 12.47 0  29  TYR A CB  1 
ATOM   204  C  CG  . TYR A 1 29  ? -8.541  -2.065  1.382   1.00 12.87 0  29  TYR A CG  1 
ATOM   205  C  CD1 . TYR A 1 29  ? -9.408  -2.942  2.042   1.00 12.09 0  29  TYR A CD1 1 
ATOM   206  C  CD2 . TYR A 1 29  ? -7.762  -2.562  0.344   1.00 14.14 0  29  TYR A CD2 1 
ATOM   207  C  CE1 . TYR A 1 29  ? -9.541  -4.256  1.635   1.00 12.00 0  29  TYR A CE1 1 
ATOM   208  C  CE2 . TYR A 1 29  ? -7.876  -3.880  -0.062  1.00 14.70 0  29  TYR A CE2 1 
ATOM   209  C  CZ  . TYR A 1 29  ? -8.763  -4.720  0.586   1.00 16.77 0  29  TYR A CZ  1 
ATOM   210  O  OH  . TYR A 1 29  ? -8.858  -6.027  0.175   1.00 15.75 0  29  TYR A OH  1 
ATOM   211  N  N   . ALA A 1 30  ? -5.253  -0.730  2.345   1.00 13.24 0  30  ALA A N   1 
ATOM   212  C  CA  . ALA A 1 30  ? -3.939  -1.370  2.245   1.00 11.37 0  30  ALA A CA  1 
ATOM   213  C  C   . ALA A 1 30  ? -3.312  -1.589  3.616   1.00 13.03 0  30  ALA A C   1 
ATOM   214  O  O   . ALA A 1 30  ? -2.698  -2.636  3.865   1.00 11.65 0  30  ALA A O   1 
ATOM   215  C  CB  . ALA A 1 30  ? -3.008  -0.527  1.367   1.00 13.26 0  30  ALA A CB  1 
ATOM   216  N  N   . SER A 1 31  ? -3.427  -0.600  4.511   1.00 11.56 0  31  SER A N   1 
ATOM   217  C  CA  . SER A 1 31  ? -2.930  -0.766  5.875   1.00 12.01 0  31  SER A CA  1 
ATOM   218  C  C   . SER A 1 31  ? -3.579  -1.964  6.556   1.00 13.70 0  31  SER A C   1 
ATOM   219  O  O   . SER A 1 31  ? -2.921  -2.693  7.307   1.00 13.97 0  31  SER A O   1 
ATOM   220  C  CB  . SER A 1 31  ? -3.207  0.507   6.683   1.00 15.39 0  31  SER A CB  1 
ATOM   221  O  OG  . SER A 1 31  ? -2.607  0.440   7.969   1.00 17.63 0  31  SER A OG  1 
ATOM   222  N  N   . TYR A 1 32  ? -4.886  -2.145  6.340   1.00 11.53 0  32  TYR A N   1 
ATOM   223  C  CA  . TYR A 1 32  ? -5.634  -3.230  6.975   1.00 13.21 0  32  TYR A CA  1 
ATOM   224  C  C   . TYR A 1 32  ? -5.232  -4.587  6.409   1.00 12.32 0  32  TYR A C   1 
ATOM   225  O  O   . TYR A 1 32  ? -5.067  -5.559  7.162   1.00 11.15 0  32  TYR A O   1 
ATOM   226  C  CB  . TYR A 1 32  ? -7.138  -2.979  6.784   1.00 11.70 0  32  TYR A CB  1 
ATOM   227  C  CG  . TYR A 1 32  ? -8.071  -3.583  7.822   1.00 11.03 0  32  TYR A CG  1 
ATOM   228  C  CD1 . TYR A 1 32  ? -7.600  -4.088  9.030   1.00 11.07 0  32  TYR A CD1 1 
ATOM   229  C  CD2 . TYR A 1 32  ? -9.447  -3.588  7.599   1.00 11.80 0  32  TYR A CD2 1 
ATOM   230  C  CE1 . TYR A 1 32  ? -8.478  -4.617  9.979   1.00 12.08 0  32  TYR A CE1 1 
ATOM   231  C  CE2 . TYR A 1 32  ? -10.327 -4.102  8.534   1.00 12.64 0  32  TYR A CE2 1 
ATOM   232  C  CZ  . TYR A 1 32  ? -9.842  -4.617  9.715   1.00 12.77 0  32  TYR A CZ  1 
ATOM   233  O  OH  . TYR A 1 32  ? -10.747 -5.114  10.621  1.00 13.88 0  32  TYR A OH  1 
ATOM   234  N  N   . VAL A 1 33  ? -5.060  -4.675  5.085   1.00 13.32 0  33  VAL A N   1 
ATOM   235  C  CA  . VAL A 1 33  ? -4.606  -5.925  4.474   1.00 12.98 0  33  VAL A CA  1 
ATOM   236  C  C   . VAL A 1 33  ? -3.267  -6.338  5.063   1.00 12.81 0  33  VAL A C   1 
ATOM   237  O  O   . VAL A 1 33  ? -3.072  -7.486  5.489   1.00 13.14 0  33  VAL A O   1 
ATOM   238  C  CB  . VAL A 1 33  ? -4.516  -5.785  2.944   1.00 12.95 0  33  VAL A CB  1 
ATOM   239  C  CG1 . VAL A 1 33  ? -3.849  -7.021  2.343   1.00 13.79 0  33  VAL A CG1 1 
ATOM   240  C  CG2 . VAL A 1 33  ? -5.893  -5.545  2.323   1.00 13.17 0  33  VAL A CG2 1 
ATOM   241  N  N   . TYR A 1 34  ? -2.324  -5.400  5.103   1.00 12.38 0  34  TYR A N   1 
ATOM   242  C  CA  . TYR A 1 34  ? -1.004  -5.699  5.637   1.00 12.03 0  34  TYR A CA  1 
ATOM   243  C  C   . TYR A 1 34  ? -1.071  -6.091  7.105   1.00 12.67 0  34  TYR A C   1 
ATOM   244  O  O   . TYR A 1 34  ? -0.318  -6.958  7.553   1.00 13.14 0  34  TYR A O   1 
ATOM   245  C  CB  . TYR A 1 34  ? -0.086  -4.498  5.455   1.00 14.07 0  34  TYR A CB  1 
ATOM   246  C  CG  . TYR A 1 34  ? 0.655   -4.448  4.143   1.00 12.16 0  34  TYR A CG  1 
ATOM   247  C  CD1 . TYR A 1 34  ? 1.439   -5.517  3.736   1.00 13.73 0  34  TYR A CD1 1 
ATOM   248  C  CD2 . TYR A 1 34  ? 0.644   -3.304  3.352   1.00 15.39 0  34  TYR A CD2 1 
ATOM   249  C  CE1 . TYR A 1 34  ? 2.163   -5.465  2.560   1.00 17.08 0  34  TYR A CE1 1 
ATOM   250  C  CE2 . TYR A 1 34  ? 1.371   -3.241  2.168   1.00 15.30 0  34  TYR A CE2 1 
ATOM   251  C  CZ  . TYR A 1 34  ? 2.134   -4.325  1.779   1.00 17.67 0  34  TYR A CZ  1 
ATOM   252  O  OH  . TYR A 1 34  ? 2.889   -4.279  0.608   1.00 16.43 0  34  TYR A OH  1 
ATOM   253  N  N   . LEU A 1 35  ? -1.958  -5.452  7.875   1.00 12.24 0  35  LEU A N   1 
ATOM   254  C  CA  . LEU A 1 35  ? -2.102  -5.815  9.282   1.00 12.24 0  35  LEU A CA  1 
ATOM   255  C  C   . LEU A 1 35  ? -2.605  -7.245  9.425   1.00 14.32 0  35  LEU A C   1 
ATOM   256  O  O   . LEU A 1 35  ? -2.097  -8.019  10.248  1.00 14.42 0  35  LEU A O   1 
ATOM   257  C  CB  . LEU A 1 35  ? -3.057  -4.831  9.976   1.00 14.62 0  35  LEU A CB  1 
ATOM   258  C  CG  . LEU A 1 35  ? -3.464  -5.195  11.409  1.00 16.47 0  35  LEU A CG  1 
ATOM   259  C  CD1 . LEU A 1 35  ? -2.252  -5.118  12.332  1.00 17.09 0  35  LEU A CD1 1 
ATOM   260  C  CD2 . LEU A 1 35  ? -4.595  -4.281  11.901  1.00 14.94 0  35  LEU A CD2 1 
ATOM   261  N  N   . SER A 1 36  ? -3.599  -7.613  8.620   1.00 12.24 0  36  SER A N   1 
ATOM   262  C  CA  . SER A 1 36  ? -4.134  -8.967  8.637   1.00 13.76 0  36  SER A CA  1 
ATOM   263  C  C   . SER A 1 36  ? -3.058  -9.980  8.268   1.00 15.10 0  36  SER A C   1 
ATOM   264  O  O   . SER A 1 36  ? -2.865  -10.986 8.961   1.00 14.94 0  36  SER A O   1 
ATOM   265  C  CB  . SER A 1 36  ? -5.308  -9.058  7.667   1.00 17.20 0  36  SER A CB  1 
ATOM   266  O  OG  . SER A 1 36  ? -5.858  -10.357 7.671   1.00 16.48 0  36  SER A OG  1 
ATOM   267  N  N   . MET A 1 37  ? -2.324  -9.718  7.188   1.00 13.15 0  37  MET A N   1 
ATOM   268  C  CA  . MET A 1 37  ? -1.350  -10.695 6.733   1.00 14.03 0  37  MET A CA  1 
ATOM   269  C  C   . MET A 1 37  ? -0.204  -10.797 7.735   1.00 15.62 0  37  MET A C   1 
ATOM   270  O  O   . MET A 1 37  ? 0.374   -11.874 7.910   1.00 13.80 0  37  MET A O   1 
ATOM   271  C  CB  . MET A 1 37  ? -0.860  -10.272 5.348   1.00 15.69 0  37  MET A CB  1 
ATOM   272  C  CG  . MET A 1 37  ? -2.007  -10.376 4.323   1.00 16.81 0  37  MET A CG  1 
ATOM   273  S  SD  . MET A 1 37  ? -1.599  -10.723 2.618   1.00 18.38 0  37  MET A SD  1 
ATOM   274  C  CE  . MET A 1 37  ? -0.587  -9.252  2.395   1.00 14.40 0  37  MET A CE  1 
ATOM   275  N  N   . SER A 1 38  ? 0.110   -9.696  8.427   1.00 12.05 0  38  SER A N   1 
ATOM   276  C  CA  . SER A 1 38  ? 1.155   -9.722  9.448   1.00 13.44 0  38  SER A CA  1 
ATOM   277  C  C   . SER A 1 38  ? 0.840   -10.729 10.550  1.00 13.80 0  38  SER A C   1 
ATOM   278  O  O   . SER A 1 38  ? 1.671   -11.583 10.874  1.00 12.85 0  38  SER A O   1 
ATOM   279  C  CB  . SER A 1 38  ? 1.351   -8.334  10.051  1.00 14.43 0  38  SER A CB  1 
ATOM   280  O  OG  . SER A 1 38  ? 2.279   -8.376  11.126  1.00 13.78 0  38  SER A OG  1 
ATOM   281  N  N   . TYR A 1 39  ? -0.343  -10.635 11.154  1.00 13.36 0  39  TYR A N   1 
ATOM   282  C  CA  . TYR A 1 39  ? -0.617  -11.501 12.297  1.00 13.06 0  39  TYR A CA  1 
ATOM   283  C  C   . TYR A 1 39  ? -0.894  -12.942 11.893  1.00 13.65 0  39  TYR A C   1 
ATOM   284  O  O   . TYR A 1 39  ? -0.871  -13.823 12.759  1.00 13.69 0  39  TYR A O   1 
ATOM   285  C  CB  . TYR A 1 39  ? -1.767  -10.929 13.138  1.00 13.82 0  39  TYR A CB  1 
ATOM   286  C  CG  . TYR A 1 39  ? -1.246  -9.846  14.048  1.00 13.83 0  39  TYR A CG  1 
ATOM   287  C  CD1 . TYR A 1 39  ? -1.160  -8.524  13.612  1.00 15.32 0  39  TYR A CD1 1 
ATOM   288  C  CD2 . TYR A 1 39  ? -0.760  -10.157 15.317  1.00 14.49 0  39  TYR A CD2 1 
ATOM   289  C  CE1 . TYR A 1 39  ? -0.642  -7.539  14.424  1.00 15.12 0  39  TYR A CE1 1 
ATOM   290  C  CE2 . TYR A 1 39  ? -0.249  -9.169  16.142  1.00 14.67 0  39  TYR A CE2 1 
ATOM   291  C  CZ  . TYR A 1 39  ? -0.190  -7.864  15.686  1.00 16.43 0  39  TYR A CZ  1 
ATOM   292  O  OH  . TYR A 1 39  ? 0.333   -6.881  16.504  1.00 18.90 0  39  TYR A OH  1 
ATOM   293  N  N   . TYR A 1 40  ? -1.111  -13.214 10.606  1.00 13.09 0  40  TYR A N   1 
ATOM   294  C  CA  . TYR A 1 40  ? -1.124  -14.601 10.154  1.00 14.20 0  40  TYR A CA  1 
ATOM   295  C  C   . TYR A 1 40  ? 0.206   -15.276 10.465  1.00 14.38 0  40  TYR A C   1 
ATOM   296  O  O   . TYR A 1 40  ? 0.236   -16.429 10.901  1.00 14.42 0  40  TYR A O   1 
ATOM   297  C  CB  . TYR A 1 40  ? -1.416  -14.673 8.655   1.00 15.94 0  40  TYR A CB  1 
ATOM   298  C  CG  . TYR A 1 40  ? -1.298  -16.069 8.095   1.00 15.78 0  40  TYR A CG  1 
ATOM   299  C  CD1 . TYR A 1 40  ? -2.304  -17.006 8.295   1.00 18.58 0  40  TYR A CD1 1 
ATOM   300  C  CD2 . TYR A 1 40  ? -0.166  -16.461 7.383   1.00 17.12 0  40  TYR A CD2 1 
ATOM   301  C  CE1 . TYR A 1 40  ? -2.196  -18.294 7.798   1.00 20.55 0  40  TYR A CE1 1 
ATOM   302  C  CE2 . TYR A 1 40  ? -0.045  -17.754 6.891   1.00 19.20 0  40  TYR A CE2 1 
ATOM   303  C  CZ  . TYR A 1 40  ? -1.064  -18.659 7.096   1.00 20.53 0  40  TYR A CZ  1 
ATOM   304  O  OH  . TYR A 1 40  ? -0.956  -19.937 6.604   1.00 21.74 0  40  TYR A OH  1 
ATOM   305  N  N   . PHE A 1 41  ? 1.322   -14.570 10.249  1.00 12.48 0  41  PHE A N   1 
ATOM   306  C  CA  . PHE A 1 41  ? 2.633   -15.175 10.461  1.00 12.97 0  41  PHE A CA  1 
ATOM   307  C  C   . PHE A 1 41  ? 3.029   -15.215 11.933  1.00 14.06 0  41  PHE A C   1 
ATOM   308  O  O   . PHE A 1 41  ? 4.026   -15.856 12.287  1.00 12.56 0  41  PHE A O   1 
ATOM   309  C  CB  . PHE A 1 41  ? 3.651   -14.430 9.595   1.00 14.51 0  41  PHE A CB  1 
ATOM   310  C  CG  . PHE A 1 41  ? 3.416   -14.653 8.140   1.00 13.95 0  41  PHE A CG  1 
ATOM   311  C  CD1 . PHE A 1 41  ? 3.837   -15.823 7.533   1.00 14.23 0  41  PHE A CD1 1 
ATOM   312  C  CD2 . PHE A 1 41  ? 2.671   -13.741 7.396   1.00 13.58 0  41  PHE A CD2 1 
ATOM   313  C  CE1 . PHE A 1 41  ? 3.562   -16.071 6.189   1.00 14.39 0  41  PHE A CE1 1 
ATOM   314  C  CE2 . PHE A 1 41  ? 2.392   -13.971 6.057   1.00 15.10 0  41  PHE A CE2 1 
ATOM   315  C  CZ  . PHE A 1 41  ? 2.843   -15.144 5.446   1.00 14.04 0  41  PHE A CZ  1 
ATOM   316  N  N   . ASP A 1 42  ? 2.248   -14.562 12.786  1.00 12.90 0  42  ASP A N   1 
ATOM   317  C  CA  . ASP A 1 42  ? 2.351   -14.633 14.235  1.00 13.32 0  42  ASP A CA  1 
ATOM   318  C  C   . ASP A 1 42  ? 1.591   -15.821 14.824  1.00 13.14 0  42  ASP A C   1 
ATOM   319  O  O   . ASP A 1 42  ? 1.741   -16.101 16.019  1.00 13.06 0  42  ASP A O   1 
ATOM   320  C  CB  . ASP A 1 42  ? 1.839   -13.303 14.809  1.00 13.69 0  42  ASP A CB  1 
ATOM   321  C  CG  . ASP A 1 42  ? 1.963   -13.217 16.321  1.00 16.19 0  42  ASP A CG  1 
ATOM   322  O  OD1 . ASP A 1 42  ? 3.098   -13.236 16.827  1.00 14.66 0  42  ASP A OD1 1 
ATOM   323  O  OD2 . ASP A 1 42  ? 0.917   -13.094 17.001  1.00 15.66 -1 42  ASP A OD2 1 
ATOM   324  N  N   . ARG A 1 43  ? 0.780   -16.523 14.027  1.00 13.50 0  43  ARG A N   1 
ATOM   325  C  CA  . ARG A 1 43  ? 0.107   -17.731 14.504  1.00 14.06 0  43  ARG A CA  1 
ATOM   326  C  C   . ARG A 1 43  ? 1.116   -18.801 14.907  1.00 13.66 0  43  ARG A C   1 
ATOM   327  O  O   . ARG A 1 43  ? 2.180   -18.938 14.300  1.00 14.19 0  43  ARG A O   1 
ATOM   328  C  CB  . ARG A 1 43  ? -0.815  -18.285 13.417  1.00 15.26 0  43  ARG A CB  1 
ATOM   329  C  CG  . ARG A 1 43  ? -2.031  -17.435 13.136  1.00 15.75 0  43  ARG A CG  1 
ATOM   330  C  CD  . ARG A 1 43  ? -2.733  -17.892 11.866  1.00 17.77 0  43  ARG A CD  1 
ATOM   331  N  NE  . ARG A 1 43  ? -3.112  -19.302 11.842  1.00 21.07 0  43  ARG A NE  1 
ATOM   332  C  CZ  . ARG A 1 43  ? -4.036  -19.806 11.031  1.00 24.62 0  43  ARG A CZ  1 
ATOM   333  N  NH1 . ARG A 1 43  ? -4.796  -19.024 10.277  1.00 22.07 1  43  ARG A NH1 1 
ATOM   334  N  NH2 . ARG A 1 43  ? -4.208  -21.126 10.978  1.00 23.41 0  43  ARG A NH2 1 
ATOM   335  N  N   . ASP A 1 44  ? 0.757   -19.586 15.929  1.00 12.80 0  44  ASP A N   1 
ATOM   336  C  CA  . ASP A 1 44  ? 1.657   -20.643 16.388  1.00 13.83 0  44  ASP A CA  1 
ATOM   337  C  C   . ASP A 1 44  ? 1.858   -21.735 15.345  1.00 15.24 0  44  ASP A C   1 
ATOM   338  O  O   . ASP A 1 44  ? 2.871   -22.441 15.399  1.00 14.84 0  44  ASP A O   1 
ATOM   339  C  CB  . ASP A 1 44  ? 1.147   -21.266 17.698  1.00 14.62 0  44  ASP A CB  1 
ATOM   340  C  CG  . ASP A 1 44  ? -0.025  -22.229 17.490  1.00 17.79 0  44  ASP A CG  1 
ATOM   341  O  OD1 . ASP A 1 44  ? 0.204   -23.438 17.224  1.00 15.49 0  44  ASP A OD1 1 
ATOM   342  O  OD2 . ASP A 1 44  ? -1.179  -21.776 17.589  1.00 16.48 -1 44  ASP A OD2 1 
ATOM   343  N  N   . ASP A 1 45  ? 0.924   -21.899 14.410  1.00 14.08 0  45  ASP A N   1 
ATOM   344  C  CA  . ASP A 1 45  ? 1.035   -22.899 13.358  1.00 14.44 0  45  ASP A CA  1 
ATOM   345  C  C   . ASP A 1 45  ? 1.598   -22.328 12.056  1.00 16.55 0  45  ASP A C   1 
ATOM   346  O  O   . ASP A 1 45  ? 1.520   -22.990 11.015  1.00 12.24 0  45  ASP A O   1 
ATOM   347  C  CB  . ASP A 1 45  ? -0.332  -23.570 13.124  1.00 17.04 0  45  ASP A CB  1 
ATOM   348  C  CG  . ASP A 1 45  ? -1.407  -22.597 12.652  1.00 19.29 0  45  ASP A CG  1 
ATOM   349  O  OD1 . ASP A 1 45  ? -1.154  -21.384 12.581  1.00 17.27 0  45  ASP A OD1 1 
ATOM   350  O  OD2 . ASP A 1 45  ? -2.528  -23.059 12.366  1.00 22.95 -1 45  ASP A OD2 1 
ATOM   351  N  N   . VAL A 1 46  ? 2.178   -21.127 12.100  1.00 13.09 0  46  VAL A N   1 
ATOM   352  C  CA  . VAL A 1 46  ? 2.856   -20.506 10.962  1.00 13.64 0  46  VAL A CA  1 
ATOM   353  C  C   . VAL A 1 46  ? 4.228   -20.065 11.448  1.00 13.65 0  46  VAL A C   1 
ATOM   354  O  O   . VAL A 1 46  ? 5.255   -20.557 10.973  1.00 15.11 0  46  VAL A O   1 
ATOM   355  C  CB  . VAL A 1 46  ? 2.063   -19.324 10.372  1.00 15.50 0  46  VAL A CB  1 
ATOM   356  C  CG1 . VAL A 1 46  ? 2.796   -18.759 9.162   1.00 14.79 0  46  VAL A CG1 1 
ATOM   357  C  CG2 . VAL A 1 46  ? 0.630   -19.750 9.969   1.00 15.12 0  46  VAL A CG2 1 
ATOM   358  N  N   . ALA A 1 47  ? 4.242   -19.138 12.411  1.00 14.61 0  47  ALA A N   1 
ATOM   359  C  CA  . ALA A 1 47  ? 5.413   -18.835 13.240  1.00 15.63 0  47  ALA A CA  1 
ATOM   360  C  C   . ALA A 1 47  ? 6.625   -18.394 12.416  1.00 14.53 0  47  ALA A C   1 
ATOM   361  O  O   . ALA A 1 47  ? 7.742   -18.865 12.620  1.00 14.73 0  47  ALA A O   1 
ATOM   362  C  CB  . ALA A 1 47  ? 5.768   -20.032 14.133  1.00 13.81 0  47  ALA A CB  1 
ATOM   363  N  N   . LEU A 1 48  ? 6.413   -17.450 11.502  1.00 13.88 0  48  LEU A N   1 
ATOM   364  C  CA  . LEU A 1 48  ? 7.517   -16.800 10.792  1.00 14.29 0  48  LEU A CA  1 
ATOM   365  C  C   . LEU A 1 48  ? 7.582   -15.338 11.246  1.00 14.24 0  48  LEU A C   1 
ATOM   366  O  O   . LEU A 1 48  ? 6.937   -14.467 10.664  1.00 13.67 0  48  LEU A O   1 
ATOM   367  C  CB  . LEU A 1 48  ? 7.333   -16.926 9.273   1.00 12.92 0  48  LEU A CB  1 
ATOM   368  C  CG  . LEU A 1 48  ? 7.450   -18.355 8.719   1.00 14.56 0  48  LEU A CG  1 
ATOM   369  C  CD1 . LEU A 1 48  ? 6.854   -18.451 7.305   1.00 14.81 0  48  LEU A CD1 1 
ATOM   370  C  CD2 . LEU A 1 48  ? 8.906   -18.859 8.750   1.00 15.54 0  48  LEU A CD2 1 
ATOM   371  N  N   . LYS A 1 49  ? 8.381   -15.064 12.287  1.00 12.63 0  49  LYS A N   1 
ATOM   372  C  CA  . LYS A 1 49  ? 8.262   -13.763 12.949  1.00 15.48 0  49  LYS A CA  1 
ATOM   373  C  C   . LYS A 1 49  ? 8.792   -12.606 12.110  1.00 14.93 0  49  LYS A C   1 
ATOM   374  O  O   . LYS A 1 49  ? 8.375   -11.461 12.323  1.00 14.52 0  49  LYS A O   1 
ATOM   375  C  CB  . LYS A 1 49  ? 8.957   -13.787 14.319  1.00 18.60 0  49  LYS A CB  1 
ATOM   376  C  CG  . LYS A 1 49  ? 10.426  -14.063 14.306  1.00 24.90 0  49  LYS A CG  1 
ATOM   377  C  CD  . LYS A 1 49  ? 10.989  -14.101 15.741  1.00 31.84 0  49  LYS A CD  1 
ATOM   378  C  CE  . LYS A 1 49  ? 12.500  -13.888 15.763  1.00 40.92 0  49  LYS A CE  1 
ATOM   379  N  NZ  . LYS A 1 49  ? 12.994  -13.558 17.131  1.00 44.39 1  49  LYS A NZ  1 
ATOM   380  N  N   . ASN A 1 50  ? 9.681   -12.856 11.153  1.00 13.66 0  50  ASN A N   1 
ATOM   381  C  CA  . ASN A 1 50  ? 10.137  -11.735 10.341  1.00 13.95 0  50  ASN A CA  1 
ATOM   382  C  C   . ASN A 1 50  ? 9.191   -11.437 9.188   1.00 12.72 0  50  ASN A C   1 
ATOM   383  O  O   . ASN A 1 50  ? 9.096   -10.278 8.762   1.00 13.51 0  50  ASN A O   1 
ATOM   384  C  CB  . ASN A 1 50  ? 11.554  -12.001 9.853   1.00 14.27 0  50  ASN A CB  1 
ATOM   385  C  CG  . ASN A 1 50  ? 12.543  -11.995 10.989  1.00 15.65 0  50  ASN A CG  1 
ATOM   386  O  OD1 . ASN A 1 50  ? 12.538  -11.078 11.820  1.00 17.49 0  50  ASN A OD1 1 
ATOM   387  N  ND2 . ASN A 1 50  ? 13.384  -13.025 11.058  1.00 19.17 0  50  ASN A ND2 1 
ATOM   388  N  N   . PHE A 1 51  ? 8.492   -12.447 8.662   1.00 12.96 0  51  PHE A N   1 
ATOM   389  C  CA  . PHE A 1 51  ? 7.333   -12.158 7.818   1.00 12.80 0  51  PHE A CA  1 
ATOM   390  C  C   . PHE A 1 51  ? 6.333   -11.292 8.569   1.00 13.65 0  51  PHE A C   1 
ATOM   391  O  O   . PHE A 1 51  ? 5.806   -10.314 8.025   1.00 12.72 0  51  PHE A O   1 
ATOM   392  C  CB  . PHE A 1 51  ? 6.643   -13.442 7.358   1.00 11.56 0  51  PHE A CB  1 
ATOM   393  C  CG  . PHE A 1 51  ? 7.252   -14.068 6.129   1.00 13.65 0  51  PHE A CG  1 
ATOM   394  C  CD1 . PHE A 1 51  ? 8.301   -14.963 6.238   1.00 13.19 0  51  PHE A CD1 1 
ATOM   395  C  CD2 . PHE A 1 51  ? 6.754   -13.769 4.866   1.00 15.04 0  51  PHE A CD2 1 
ATOM   396  C  CE1 . PHE A 1 51  ? 8.851   -15.557 5.110   1.00 13.01 0  51  PHE A CE1 1 
ATOM   397  C  CE2 . PHE A 1 51  ? 7.297   -14.354 3.728   1.00 14.61 0  51  PHE A CE2 1 
ATOM   398  C  CZ  . PHE A 1 51  ? 8.343   -15.254 3.851   1.00 12.12 0  51  PHE A CZ  1 
ATOM   399  N  N   . ALA A 1 52  ? 6.031   -11.657 9.818   1.00 12.60 0  52  ALA A N   1 
ATOM   400  C  CA  . ALA A 1 52  ? 5.087   -10.859 10.605  1.00 11.78 0  52  ALA A CA  1 
ATOM   401  C  C   . ALA A 1 52  ? 5.582   -9.425  10.746  1.00 13.98 0  52  ALA A C   1 
ATOM   402  O  O   . ALA A 1 52  ? 4.830   -8.461  10.533  1.00 14.41 0  52  ALA A O   1 
ATOM   403  C  CB  . ALA A 1 52  ? 4.875   -11.500 11.983  1.00 15.00 0  52  ALA A CB  1 
ATOM   404  N  N   . LYS A 1 53  ? 6.857   -9.264  11.101  1.00 14.35 0  53  LYS A N   1 
ATOM   405  C  CA  . LYS A 1 53  ? 7.416   -7.934  11.312  1.00 13.74 0  53  LYS A CA  1 
ATOM   406  C  C   . LYS A 1 53  ? 7.408   -7.134  10.018  1.00 13.34 0  53  LYS A C   1 
ATOM   407  O  O   . LYS A 1 53  ? 7.096   -5.939  10.021  1.00 13.58 0  53  LYS A O   1 
ATOM   408  C  CB  . LYS A 1 53  ? 8.838   -8.068  11.869  1.00 19.19 0  53  LYS A CB  1 
ATOM   409  C  CG  . LYS A 1 53  ? 9.716   -6.829  11.751  1.00 28.67 0  53  LYS A CG  1 
ATOM   410  C  CD  . LYS A 1 53  ? 11.139  -7.128  12.275  1.00 35.86 0  53  LYS A CD  1 
ATOM   411  C  CE  . LYS A 1 53  ? 11.944  -5.868  12.625  1.00 49.04 0  53  LYS A CE  1 
ATOM   412  N  NZ  . LYS A 1 53  ? 11.135  -4.615  12.698  1.00 48.66 1  53  LYS A NZ  1 
ATOM   413  N  N   . TYR A 1 54  ? 7.742   -7.785  8.902   1.00 12.41 0  54  TYR A N   1 
ATOM   414  C  CA  . TYR A 1 54  ? 7.802   -7.100  7.615   1.00 14.58 0  54  TYR A CA  1 
ATOM   415  C  C   . TYR A 1 54  ? 6.450   -6.516  7.240   1.00 14.33 0  54  TYR A C   1 
ATOM   416  O  O   . TYR A 1 54  ? 6.349   -5.335  6.871   1.00 14.24 0  54  TYR A O   1 
ATOM   417  C  CB  . TYR A 1 54  ? 8.278   -8.077  6.538   1.00 13.82 0  54  TYR A CB  1 
ATOM   418  C  CG  . TYR A 1 54  ? 8.314   -7.493  5.135   1.00 12.21 0  54  TYR A CG  1 
ATOM   419  C  CD1 . TYR A 1 54  ? 9.346   -6.651  4.735   1.00 16.41 0  54  TYR A CD1 1 
ATOM   420  C  CD2 . TYR A 1 54  ? 7.330   -7.790  4.222   1.00 13.26 0  54  TYR A CD2 1 
ATOM   421  C  CE1 . TYR A 1 54  ? 9.383   -6.118  3.440   1.00 16.07 0  54  TYR A CE1 1 
ATOM   422  C  CE2 . TYR A 1 54  ? 7.352   -7.260  2.935   1.00 16.00 0  54  TYR A CE2 1 
ATOM   423  C  CZ  . TYR A 1 54  ? 8.380   -6.437  2.550   1.00 16.10 0  54  TYR A CZ  1 
ATOM   424  O  OH  . TYR A 1 54  ? 8.386   -5.930  1.266   1.00 16.15 0  54  TYR A OH  1 
ATOM   425  N  N   . PHE A 1 55  ? 5.392   -7.335  7.318   1.00 12.76 0  55  PHE A N   1 
ATOM   426  C  CA  . PHE A 1 55  ? 4.072   -6.858  6.932   1.00 13.83 0  55  PHE A CA  1 
ATOM   427  C  C   . PHE A 1 55  ? 3.527   -5.843  7.932   1.00 14.08 0  55  PHE A C   1 
ATOM   428  O  O   . PHE A 1 55  ? 2.765   -4.950  7.547   1.00 13.18 0  55  PHE A O   1 
ATOM   429  C  CB  . PHE A 1 55  ? 3.119   -8.044  6.771   1.00 13.17 0  55  PHE A CB  1 
ATOM   430  C  CG  . PHE A 1 55  ? 3.446   -8.934  5.593   1.00 13.16 0  55  PHE A CG  1 
ATOM   431  C  CD1 . PHE A 1 55  ? 3.735   -8.390  4.348   1.00 12.26 0  55  PHE A CD1 1 
ATOM   432  C  CD2 . PHE A 1 55  ? 3.465   -10.312 5.733   1.00 13.76 0  55  PHE A CD2 1 
ATOM   433  C  CE1 . PHE A 1 55  ? 4.035   -9.207  3.254   1.00 14.38 0  55  PHE A CE1 1 
ATOM   434  C  CE2 . PHE A 1 55  ? 3.759   -11.138 4.643   1.00 14.48 0  55  PHE A CE2 1 
ATOM   435  C  CZ  . PHE A 1 55  ? 4.046   -10.579 3.400   1.00 13.83 0  55  PHE A CZ  1 
ATOM   436  N  N   . LEU A 1 56  ? 3.906   -5.939  9.211   1.00 13.74 0  56  LEU A N   1 
ATOM   437  C  CA  . LEU A 1 56  ? 3.422   -4.942  10.167  1.00 16.90 0  56  LEU A CA  1 
ATOM   438  C  C   . LEU A 1 56  ? 3.995   -3.563  9.863   1.00 15.03 0  56  LEU A C   1 
ATOM   439  O  O   . LEU A 1 56  ? 3.275   -2.561  9.931   1.00 16.79 0  56  LEU A O   1 
ATOM   440  C  CB  . LEU A 1 56  ? 3.751   -5.360  11.603  1.00 16.13 0  56  LEU A CB  1 
ATOM   441  C  CG  . LEU A 1 56  ? 3.058   -4.553  12.712  1.00 17.69 0  56  LEU A CG  1 
ATOM   442  C  CD1 . LEU A 1 56  ? 1.543   -4.596  12.604  1.00 15.89 0  56  LEU A CD1 1 
ATOM   443  C  CD2 . LEU A 1 56  ? 3.489   -5.073  14.091  1.00 21.24 0  56  LEU A CD2 1 
ATOM   444  N  N   . HIS A 1 57  ? 5.290   -3.495  9.535   1.00 14.73 0  57  HIS A N   1 
ATOM   445  C  CA  . HIS A 1 57  ? 5.895   -2.238  9.098   1.00 17.84 0  57  HIS A CA  1 
ATOM   446  C  C   . HIS A 1 57  ? 5.216   -1.698  7.851   1.00 17.44 0  57  HIS A C   1 
ATOM   447  O  O   . HIS A 1 57  ? 4.923   -0.500  7.759   1.00 17.20 0  57  HIS A O   1 
ATOM   448  C  CB  . HIS A 1 57  ? 7.393   -2.437  8.850   1.00 20.69 0  57  HIS A CB  1 
ATOM   449  C  CG  . HIS A 1 57  ? 8.096   -1.199  8.374   1.00 29.05 0  57  HIS A CG  1 
ATOM   450  N  ND1 . HIS A 1 57  ? 8.571   -0.229  9.234   1.00 34.16 0  57  HIS A ND1 1 
ATOM   451  C  CD2 . HIS A 1 57  ? 8.427   -0.789  7.124   1.00 28.76 0  57  HIS A CD2 1 
ATOM   452  C  CE1 . HIS A 1 57  ? 9.139   0.737   8.533   1.00 31.51 0  57  HIS A CE1 1 
ATOM   453  N  NE2 . HIS A 1 57  ? 9.072   0.419   7.252   1.00 31.05 0  57  HIS A NE2 1 
ATOM   454  N  N   . GLN A 1 58  ? 4.981   -2.569  6.866   1.00 15.55 0  58  GLN A N   1 
ATOM   455  C  CA  . GLN A 1 58  ? 4.203   -2.184  5.690   1.00 15.71 0  58  GLN A CA  1 
ATOM   456  C  C   . GLN A 1 58  ? 2.859   -1.579  6.077   1.00 15.31 0  58  GLN A C   1 
ATOM   457  O  O   . GLN A 1 58  ? 2.437   -0.572  5.498   1.00 16.55 0  58  GLN A O   1 
ATOM   458  C  CB  . GLN A 1 58  ? 3.984   -3.402  4.795   1.00 14.52 0  58  GLN A CB  1 
ATOM   459  C  CG  . GLN A 1 58  ? 5.234   -3.940  4.130   1.00 17.07 0  58  GLN A CG  1 
ATOM   460  C  CD  . GLN A 1 58  ? 5.841   -2.902  3.217   1.00 24.23 0  58  GLN A CD  1 
ATOM   461  O  OE1 . GLN A 1 58  ? 5.170   -2.411  2.315   1.00 25.53 0  58  GLN A OE1 1 
ATOM   462  N  NE2 . GLN A 1 58  ? 7.096   -2.547  3.452   1.00 26.30 0  58  GLN A NE2 1 
ATOM   463  N  N   . SER A 1 59  ? 2.160   -2.204  7.035   1.00 14.43 0  59  SER A N   1 
ATOM   464  C  CA  . SER A 1 59  ? 0.874   -1.680  7.483   1.00 13.89 0  59  SER A CA  1 
ATOM   465  C  C   . SER A 1 59  ? 1.019   -0.278  8.052   1.00 16.21 0  59  SER A C   1 
ATOM   466  O  O   . SER A 1 59  ? 0.205   0.609   7.756   1.00 15.67 0  59  SER A O   1 
ATOM   467  C  CB  . SER A 1 59  ? 0.259   -2.606  8.536   1.00 14.18 0  59  SER A CB  1 
ATOM   468  O  OG  . SER A 1 59  ? -0.986  -2.082  8.987   1.00 14.85 0  59  SER A OG  1 
ATOM   469  N  N   . HIS A 1 60  ? 2.033   -0.068  8.896   1.00 14.65 0  60  HIS A N   1 
ATOM   470  C  CA  . HIS A 1 60  ? 2.256   1.254   9.466   1.00 16.12 0  60  HIS A CA  1 
ATOM   471  C  C   . HIS A 1 60  ? 2.564   2.279   8.378   1.00 18.31 0  60  HIS A C   1 
ATOM   472  O  O   . HIS A 1 60  ? 2.098   3.423   8.455   1.00 15.16 0  60  HIS A O   1 
ATOM   473  C  CB  . HIS A 1 60  ? 3.374   1.199   10.511  1.00 21.54 0  60  HIS A CB  1 
ATOM   474  C  CG  . HIS A 1 60  ? 3.054   0.323   11.689  1.00 23.27 0  60  HIS A CG  1 
ATOM   475  N  ND1 . HIS A 1 60  ? 1.769   0.143   12.156  1.00 28.11 0  60  HIS A ND1 1 
ATOM   476  C  CD2 . HIS A 1 60  ? 3.855   -0.385  12.520  1.00 26.42 0  60  HIS A CD2 1 
ATOM   477  C  CE1 . HIS A 1 60  ? 1.789   -0.661  13.205  1.00 25.27 0  60  HIS A CE1 1 
ATOM   478  N  NE2 . HIS A 1 60  ? 3.044   -0.991  13.448  1.00 31.41 0  60  HIS A NE2 1 
ATOM   479  N  N   . GLU A 1 61  ? 3.341   1.892   7.352   1.00 16.36 0  61  GLU A N   1 
ATOM   480  C  CA  . GLU A 1 61  ? 3.634   2.830   6.263   1.00 16.52 0  61  GLU A CA  1 
ATOM   481  C  C   . GLU A 1 61  ? 2.364   3.278   5.552   1.00 17.64 0  61  GLU A C   1 
ATOM   482  O  O   . GLU A 1 61  ? 2.241   4.454   5.191   1.00 15.24 0  61  GLU A O   1 
ATOM   483  C  CB  . GLU A 1 61  ? 4.578   2.251   5.204   1.00 18.07 0  61  GLU A CB  1 
ATOM   484  C  CG  . GLU A 1 61  ? 5.982   1.845   5.603   1.00 23.49 0  61  GLU A CG  1 
ATOM   485  C  CD  . GLU A 1 61  ? 6.715   1.115   4.450   1.00 32.97 0  61  GLU A CD  1 
ATOM   486  O  OE1 . GLU A 1 61  ? 6.065   0.705   3.438   1.00 31.50 0  61  GLU A OE1 1 
ATOM   487  O  OE2 . GLU A 1 61  ? 7.952   0.964   4.550   1.00 55.79 -1 61  GLU A OE2 1 
ATOM   488  N  N   . GLU A 1 62  ? 1.443   2.343   5.276   1.00 13.69 0  62  GLU A N   1 
ATOM   489  C  CA  . GLU A 1 62  ? 0.228   2.693   4.541   1.00 13.45 0  62  GLU A CA  1 
ATOM   490  C  C   . GLU A 1 62  ? -0.622  3.677   5.329   1.00 15.82 0  62  GLU A C   1 
ATOM   491  O  O   . GLU A 1 62  ? -1.240  4.578   4.749   1.00 15.69 0  62  GLU A O   1 
ATOM   492  C  CB  . GLU A 1 62  ? -0.592  1.439   4.225   1.00 15.30 0  62  GLU A CB  1 
ATOM   493  C  CG  . GLU A 1 62  ? 0.059   0.434   3.264   1.00 15.15 0  62  GLU A CG  1 
ATOM   494  C  CD  . GLU A 1 62  ? 0.343   1.004   1.885   1.00 17.94 0  62  GLU A CD  1 
ATOM   495  O  OE1 . GLU A 1 62  ? -0.267  2.023   1.514   1.00 17.14 0  62  GLU A OE1 1 
ATOM   496  O  OE2 . GLU A 1 62  ? 1.176   0.423   1.165   1.00 19.19 -1 62  GLU A OE2 1 
ATOM   497  N  N   . ARG A 1 63  ? -0.689  3.495   6.652   1.00 13.62 0  63  ARG A N   1 
ATOM   498  C  CA  . ARG A 1 63  ? -1.378  4.457   7.505   1.00 14.87 0  63  ARG A CA  1 
ATOM   499  C  C   . ARG A 1 63  ? -0.742  5.840   7.391   1.00 14.41 0  63  ARG A C   1 
ATOM   500  O  O   . ARG A 1 63  ? -1.448  6.854   7.346   1.00 15.32 0  63  ARG A O   1 
ATOM   501  C  CB  . ARG A 1 63  ? -1.367  3.943   8.948   1.00 17.67 0  63  ARG A CB  1 
ATOM   502  C  CG  . ARG A 1 63  ? -1.718  4.940   10.050  1.00 22.98 0  63  ARG A CG  1 
ATOM   503  C  CD  . ARG A 1 63  ? -3.210  5.152   10.242  1.00 27.25 0  63  ARG A CD  1 
ATOM   504  N  NE  . ARG A 1 63  ? -3.434  6.268   11.159  1.00 31.16 0  63  ARG A NE  1 
ATOM   505  C  CZ  . ARG A 1 63  ? -4.232  6.230   12.221  1.00 27.22 0  63  ARG A CZ  1 
ATOM   506  N  NH1 . ARG A 1 63  ? -5.049  5.210   12.442  1.00 25.12 1  63  ARG A NH1 1 
ATOM   507  N  NH2 . ARG A 1 63  ? -4.195  7.234   13.092  1.00 24.34 0  63  ARG A NH2 1 
ATOM   508  N  N   . GLU A 1 64  ? 0.592   5.902   7.318   1.00 15.11 0  64  GLU A N   1 
ATOM   509  C  CA  . GLU A 1 64  ? 1.253   7.185   7.076   1.00 15.49 0  64  GLU A CA  1 
ATOM   510  C  C   . GLU A 1 64  ? 0.887   7.750   5.704   1.00 14.98 0  64  GLU A C   1 
ATOM   511  O  O   . GLU A 1 64  ? 0.693   8.967   5.561   1.00 14.90 0  64  GLU A O   1 
ATOM   512  C  CB  . GLU A 1 64  ? 2.774   7.039   7.199   1.00 19.04 0  64  GLU A CB  1 
ATOM   513  C  CG  . GLU A 1 64  ? 3.253   6.816   8.620   1.00 23.26 0  64  GLU A CG  1 
ATOM   514  C  CD  . GLU A 1 64  ? 4.685   6.288   8.698   1.00 30.78 0  64  GLU A CD  1 
ATOM   515  O  OE1 . GLU A 1 64  ? 5.334   6.120   7.640   1.00 33.94 0  64  GLU A OE1 1 
ATOM   516  O  OE2 . GLU A 1 64  ? 5.156   6.031   9.826   1.00 37.27 -1 64  GLU A OE2 1 
ATOM   517  N  N   . HIS A 1 65  ? 0.804   6.890   4.675   1.00 13.87 0  65  HIS A N   1 
ATOM   518  C  CA  . HIS A 1 65  ? 0.373   7.374   3.363   1.00 13.47 0  65  HIS A CA  1 
ATOM   519  C  C   . HIS A 1 65  ? -1.010  8.014   3.442   1.00 14.82 0  65  HIS A C   1 
ATOM   520  O  O   . HIS A 1 65  ? -1.254  9.058   2.828   1.00 13.07 0  65  HIS A O   1 
ATOM   521  C  CB  . HIS A 1 65  ? 0.343   6.243   2.327   1.00 15.30 0  65  HIS A CB  1 
ATOM   522  C  CG  . HIS A 1 65  ? 1.653   5.552   2.123   1.00 16.28 0  65  HIS A CG  1 
ATOM   523  N  ND1 . HIS A 1 65  ? 1.758   4.361   1.435   1.00 16.75 0  65  HIS A ND1 1 
ATOM   524  C  CD2 . HIS A 1 65  ? 2.904   5.860   2.538   1.00 19.42 0  65  HIS A CD2 1 
ATOM   525  C  CE1 . HIS A 1 65  ? 3.019   3.965   1.432   1.00 20.13 0  65  HIS A CE1 1 
ATOM   526  N  NE2 . HIS A 1 65  ? 3.736   4.855   2.098   1.00 19.21 0  65  HIS A NE2 1 
ATOM   527  N  N   . ALA A 1 66  ? -1.935  7.385   4.180   1.00 13.33 0  66  ALA A N   1 
ATOM   528  C  CA  . ALA A 1 66  ? -3.284  7.933   4.319   1.00 13.41 0  66  ALA A CA  1 
ATOM   529  C  C   . ALA A 1 66  ? -3.267  9.275   5.032   1.00 13.80 0  66  ALA A C   1 
ATOM   530  O  O   . ALA A 1 66  ? -3.991  10.205  4.647   1.00 13.59 0  66  ALA A O   1 
ATOM   531  C  CB  . ALA A 1 66  ? -4.175  6.951   5.083   1.00 13.85 0  66  ALA A CB  1 
ATOM   532  N  N   . GLU A 1 67  ? -2.468  9.389   6.091   1.00 13.30 0  67  GLU A N   1 
ATOM   533  C  CA  . GLU A 1 67  ? -2.443  10.625  6.866   1.00 14.38 0  67  GLU A CA  1 
ATOM   534  C  C   . GLU A 1 67  ? -1.877  11.780  6.053   1.00 13.79 0  67  GLU A C   1 
ATOM   535  O  O   . GLU A 1 67  ? -2.339  12.921  6.180   1.00 13.86 0  67  GLU A O   1 
ATOM   536  C  CB  . GLU A 1 67  ? -1.648  10.411  8.155   1.00 14.51 0  67  GLU A CB  1 
ATOM   537  C  CG  . GLU A 1 67  ? -2.417  9.552   9.158   1.00 16.41 0  67  GLU A CG  1 
ATOM   538  C  CD  . GLU A 1 67  ? -1.672  9.346   10.471  1.00 22.10 0  67  GLU A CD  1 
ATOM   539  O  OE1 . GLU A 1 67  ? -0.701  10.072  10.738  1.00 25.23 0  67  GLU A OE1 1 
ATOM   540  O  OE2 . GLU A 1 67  ? -2.054  8.445   11.236  1.00 23.92 -1 67  GLU A OE2 1 
ATOM   541  N  N   . LYS A 1 68  ? -0.888  11.513  5.205   1.00 13.66 0  68  LYS A N   1 
ATOM   542  C  CA  . LYS A 1 68  ? -0.348  12.593  4.380   1.00 15.82 0  68  LYS A CA  1 
ATOM   543  C  C   . LYS A 1 68  ? -1.373  13.093  3.366   1.00 13.42 0  68  LYS A C   1 
ATOM   544  O  O   . LYS A 1 68  ? -1.392  14.288  3.032   1.00 12.17 0  68  LYS A O   1 
ATOM   545  C  CB  . LYS A 1 68  ? 0.919   12.124  3.667   1.00 14.29 0  68  LYS A CB  1 
ATOM   546  C  CG  . LYS A 1 68  ? 1.630   13.220  2.901   1.00 17.18 0  68  LYS A CG  1 
ATOM   547  C  CD  . LYS A 1 68  ? 2.964   12.740  2.355   1.00 25.75 0  68  LYS A CD  1 
ATOM   548  C  CE  . LYS A 1 68  ? 3.919   12.339  3.454   1.00 29.09 0  68  LYS A CE  1 
ATOM   549  N  NZ  . LYS A 1 68  ? 5.187   11.801  2.872   1.00 37.54 1  68  LYS A NZ  1 
ATOM   550  N  N   . LEU A 1 69  ? -2.220  12.197  2.853   1.00 11.98 0  69  LEU A N   1 
ATOM   551  C  CA  . LEU A 1 69  ? -3.297  12.615  1.960   1.00 12.92 0  69  LEU A CA  1 
ATOM   552  C  C   . LEU A 1 69  ? -4.361  13.412  2.704   1.00 11.95 0  69  LEU A C   1 
ATOM   553  O  O   . LEU A 1 69  ? -4.935  14.357  2.149   1.00 10.83 0  69  LEU A O   1 
ATOM   554  C  CB  . LEU A 1 69  ? -3.908  11.385  1.279   1.00 10.99 0  69  LEU A CB  1 
ATOM   555  C  CG  . LEU A 1 69  ? -3.048  10.793  0.159   1.00 14.48 0  69  LEU A CG  1 
ATOM   556  C  CD1 . LEU A 1 69  ? -3.353  9.322   -0.028  1.00 14.68 0  69  LEU A CD1 1 
ATOM   557  C  CD2 . LEU A 1 69  ? -3.299  11.539  -1.154  1.00 15.69 0  69  LEU A CD2 1 
ATOM   558  N  N   . MET A 1 70  ? -4.664  13.030  3.951   1.00 10.82 0  70  MET A N   1 
ATOM   559  C  CA  . MET A 1 70  ? -5.569  13.832  4.769   1.00 12.62 0  70  MET A CA  1 
ATOM   560  C  C   . MET A 1 70  ? -4.997  15.221  5.001   1.00 12.46 0  70  MET A C   1 
ATOM   561  O  O   . MET A 1 70  ? -5.714  16.225  4.904   1.00 11.97 0  70  MET A O   1 
ATOM   562  C  CB  . MET A 1 70  ? -5.832  13.109  6.093   1.00 11.56 0  70  MET A CB  1 
ATOM   563  C  CG  . MET A 1 70  ? -6.585  11.801  5.878   1.00 12.06 0  70  MET A CG  1 
ATOM   564  S  SD  . MET A 1 70  ? -6.834  10.806  7.374   1.00 15.51 0  70  MET A SD  1 
ATOM   565  C  CE  . MET A 1 70  ? -8.226  11.635  8.158   1.00 13.84 0  70  MET A CE  1 
ATOM   566  N  N   . LYS A 1 71  ? -3.698  15.295  5.296   1.00 12.80 0  71  LYS A N   1 
ATOM   567  C  CA  . LYS A 1 71  ? -3.039  16.591  5.438   1.00 12.39 0  71  LYS A CA  1 
ATOM   568  C  C   . LYS A 1 71  ? -3.138  17.394  4.146   1.00 13.26 0  71  LYS A C   1 
ATOM   569  O  O   . LYS A 1 71  ? -3.459  18.589  4.165   1.00 13.75 0  71  LYS A O   1 
ATOM   570  C  CB  . LYS A 1 71  ? -1.580  16.381  5.840   1.00 13.96 0  71  LYS A CB  1 
ATOM   571  C  CG  . LYS A 1 71  ? -0.777  17.676  5.962   1.00 13.79 0  71  LYS A CG  1 
ATOM   572  C  CD  . LYS A 1 71  ? 0.669   17.379  6.319   1.00 17.02 0  71  LYS A CD  1 
ATOM   573  C  CE  . LYS A 1 71  ? 1.464   18.663  6.484   1.00 21.28 0  71  LYS A CE  1 
ATOM   574  N  NZ  . LYS A 1 71  ? 2.919   18.379  6.583   1.00 27.37 1  71  LYS A NZ  1 
ATOM   575  N  N   . LEU A 1 72  ? -2.874  16.744  3.004   1.00 12.59 0  72  LEU A N   1 
ATOM   576  C  CA  . LEU A 1 72  ? -2.966  17.417  1.710   1.00 12.96 0  72  LEU A CA  1 
ATOM   577  C  C   . LEU A 1 72  ? -4.369  17.962  1.467   1.00 13.06 0  72  LEU A C   1 
ATOM   578  O  O   . LEU A 1 72  ? -4.538  19.101  1.010   1.00 13.70 0  72  LEU A O   1 
ATOM   579  C  CB  . LEU A 1 72  ? -2.559  16.448  0.589   1.00 12.47 0  72  LEU A CB  1 
ATOM   580  C  CG  . LEU A 1 72  ? -2.581  16.856  -0.902  1.00 15.28 0  72  LEU A CG  1 
ATOM   581  C  CD1 . LEU A 1 72  ? -3.981  16.939  -1.510  1.00 17.78 0  72  LEU A CD1 1 
ATOM   582  C  CD2 . LEU A 1 72  ? -1.825  18.169  -1.111  1.00 14.11 0  72  LEU A CD2 1 
ATOM   583  N  N   . GLN A 1 73  ? -5.390  17.148  1.735   1.00 11.96 0  73  GLN A N   1 
ATOM   584  C  CA  . GLN A 1 73  ? -6.766  17.589  1.546   1.00 14.06 0  73  GLN A CA  1 
ATOM   585  C  C   . GLN A 1 73  ? -7.018  18.903  2.280   1.00 11.89 0  73  GLN A C   1 
ATOM   586  O  O   . GLN A 1 73  ? -7.554  19.860  1.707   1.00 12.91 0  73  GLN A O   1 
ATOM   587  C  CB  . GLN A 1 73  ? -7.720  16.489  2.028   1.00 12.39 0  73  GLN A CB  1 
ATOM   588  C  CG  . GLN A 1 73  ? -9.200  16.751  1.777   1.00 13.21 0  73  GLN A CG  1 
ATOM   589  C  CD  . GLN A 1 73  ? -9.582  16.549  0.314   1.00 14.25 0  73  GLN A CD  1 
ATOM   590  O  OE1 . GLN A 1 73  ? -9.279  17.387  -0.535  1.00 14.08 0  73  GLN A OE1 1 
ATOM   591  N  NE2 . GLN A 1 73  ? -10.208 15.406  0.006   1.00 12.29 0  73  GLN A NE2 1 
ATOM   592  N  N   . ASN A 1 74  ? -6.594  18.980  3.543   1.00 10.84 0  74  ASN A N   1 
ATOM   593  C  CA  . ASN A 1 74  ? -6.761  20.214  4.306   1.00 12.51 0  74  ASN A CA  1 
ATOM   594  C  C   . ASN A 1 74  ? -5.862  21.332  3.793   1.00 12.46 0  74  ASN A C   1 
ATOM   595  O  O   . ASN A 1 74  ? -6.252  22.508  3.824   1.00 14.89 0  74  ASN A O   1 
ATOM   596  C  CB  . ASN A 1 74  ? -6.486  19.965  5.793   1.00 10.45 0  74  ASN A CB  1 
ATOM   597  C  CG  . ASN A 1 74  ? -7.643  19.272  6.490   1.00 14.90 0  74  ASN A CG  1 
ATOM   598  O  OD1 . ASN A 1 74  ? -8.777  19.277  5.999   1.00 13.33 0  74  ASN A OD1 1 
ATOM   599  N  ND2 . ASN A 1 74  ? -7.363  18.681  7.647   1.00 12.53 0  74  ASN A ND2 1 
ATOM   600  N  N   . GLN A 1 75  ? -4.636  21.003  3.369   1.00 13.81 0  75  GLN A N   1 
ATOM   601  C  CA  . GLN A 1 75  ? -3.750  22.038  2.834   1.00 12.16 0  75  GLN A CA  1 
ATOM   602  C  C   . GLN A 1 75  ? -4.388  22.767  1.664   1.00 13.16 0  75  GLN A C   1 
ATOM   603  O  O   . GLN A 1 75  ? -4.224  23.983  1.515   1.00 13.40 0  75  GLN A O   1 
ATOM   604  C  CB  . GLN A 1 75  ? -2.418  21.430  2.393   1.00 12.51 0  75  GLN A CB  1 
ATOM   605  C  CG  . GLN A 1 75  ? -1.489  21.068  3.524   1.00 13.17 0  75  GLN A CG  1 
ATOM   606  C  CD  . GLN A 1 75  ? -0.234  20.401  3.010   1.00 16.94 0  75  GLN A CD  1 
ATOM   607  O  OE1 . GLN A 1 75  ? -0.311  19.419  2.260   1.00 16.76 0  75  GLN A OE1 1 
ATOM   608  N  NE2 . GLN A 1 75  ? 0.931   20.936  3.390   1.00 15.04 0  75  GLN A NE2 1 
ATOM   609  N  N   . ARG A 1 76  ? -5.102  22.041  0.815   1.00 13.05 0  76  ARG A N   1 
ATOM   610  C  CA  . ARG A 1 76  ? -5.674  22.605  -0.399  1.00 14.11 0  76  ARG A CA  1 
ATOM   611  C  C   . ARG A 1 76  ? -7.078  23.161  -0.186  1.00 14.48 0  76  ARG A C   1 
ATOM   612  O  O   . ARG A 1 76  ? -7.642  23.749  -1.110  1.00 14.50 0  76  ARG A O   1 
ATOM   613  C  CB  . ARG A 1 76  ? -5.688  21.540  -1.508  1.00 12.93 0  76  ARG A CB  1 
ATOM   614  C  CG  . ARG A 1 76  ? -4.289  21.137  -2.034  1.00 12.68 0  76  ARG A CG  1 
ATOM   615  C  CD  . ARG A 1 76  ? -3.486  22.303  -2.624  1.00 13.11 0  76  ARG A CD  1 
ATOM   616  N  NE  . ARG A 1 76  ? -4.137  22.882  -3.798  1.00 13.49 0  76  ARG A NE  1 
ATOM   617  C  CZ  . ARG A 1 76  ? -4.022  22.413  -5.032  1.00 14.43 0  76  ARG A CZ  1 
ATOM   618  N  NH1 . ARG A 1 76  ? -3.230  21.385  -5.314  1.00 12.64 1  76  ARG A NH1 1 
ATOM   619  N  NH2 . ARG A 1 76  ? -4.718  22.990  -6.015  1.00 13.97 0  76  ARG A NH2 1 
ATOM   620  N  N   . GLY A 1 77  ? -7.648  23.011  1.008   1.00 14.21 0  77  GLY A N   1 
ATOM   621  C  CA  . GLY A 1 77  ? -8.973  23.527  1.276   1.00 12.93 0  77  GLY A CA  1 
ATOM   622  C  C   . GLY A 1 77  ? -10.100 22.572  0.951   1.00 14.86 0  77  GLY A C   1 
ATOM   623  O  O   . GLY A 1 77  ? -11.269 22.982  0.976   1.00 14.45 0  77  GLY A O   1 
ATOM   624  N  N   . GLY A 1 78  ? -9.794  21.319  0.638   1.00 12.07 0  78  GLY A N   1 
ATOM   625  C  CA  . GLY A 1 78  ? -10.820 20.315  0.470   1.00 13.64 0  78  GLY A CA  1 
ATOM   626  C  C   . GLY A 1 78  ? -11.312 19.839  1.818   1.00 14.35 0  78  GLY A C   1 
ATOM   627  O  O   . GLY A 1 78  ? -10.797 20.214  2.870   1.00 15.35 0  78  GLY A O   1 
ATOM   628  N  N   . ARG A 1 79  ? -12.329 18.987  1.790   1.00 15.77 0  79  ARG A N   1 
ATOM   629  C  CA  . ARG A 1 79  ? -12.900 18.476  3.029   1.00 14.48 0  79  ARG A CA  1 
ATOM   630  C  C   . ARG A 1 79  ? -12.848 16.953  3.006   1.00 14.15 0  79  ARG A C   1 
ATOM   631  O  O   . ARG A 1 79  ? -13.336 16.324  2.061   1.00 13.60 0  79  ARG A O   1 
ATOM   632  C  CB  . ARG A 1 79  ? -14.313 19.017  3.228   1.00 17.63 0  79  ARG A CB  1 
ATOM   633  C  CG  . ARG A 1 79  ? -14.241 20.510  3.607   1.00 20.04 0  79  ARG A CG  1 
ATOM   634  C  CD  . ARG A 1 79  ? -13.522 20.759  4.972   1.00 20.84 0  79  ARG A CD  1 
ATOM   635  N  NE  . ARG A 1 79  ? -13.296 22.187  5.222   1.00 25.03 0  79  ARG A NE  1 
ATOM   636  C  CZ  . ARG A 1 79  ? -12.132 22.817  5.071   1.00 23.51 0  79  ARG A CZ  1 
ATOM   637  N  NH1 . ARG A 1 79  ? -11.001 22.158  4.818   1.00 18.05 1  79  ARG A NH1 1 
ATOM   638  N  NH2 . ARG A 1 79  ? -12.089 24.140  5.210   1.00 24.17 0  79  ARG A NH2 1 
ATOM   639  N  N   . ILE A 1 80  ? -12.202 16.387  4.031   1.00 12.41 0  80  ILE A N   1 
ATOM   640  C  CA  . ILE A 1 80  ? -12.045 14.947  4.164   1.00 12.60 0  80  ILE A CA  1 
ATOM   641  C  C   . ILE A 1 80  ? -13.409 14.302  4.307   1.00 15.25 0  80  ILE A C   1 
ATOM   642  O  O   . ILE A 1 80  ? -14.265 14.777  5.063   1.00 13.96 0  80  ILE A O   1 
ATOM   643  C  CB  . ILE A 1 80  ? -11.139 14.633  5.368   1.00 13.83 0  80  ILE A CB  1 
ATOM   644  C  CG1 . ILE A 1 80  ? -9.729  15.195  5.142   1.00 13.21 0  80  ILE A CG1 1 
ATOM   645  C  CG2 . ILE A 1 80  ? -11.162 13.127  5.722   1.00 14.07 0  80  ILE A CG2 1 
ATOM   646  C  CD1 . ILE A 1 80  ? -8.868  15.279  6.439   1.00 14.29 0  80  ILE A CD1 1 
ATOM   647  N  N   . PHE A 1 81  ? -13.624 13.217  3.568   1.00 13.10 0  81  PHE A N   1 
ATOM   648  C  CA  . PHE A 1 81  ? -14.837 12.421  3.702   1.00 15.83 0  81  PHE A CA  1 
ATOM   649  C  C   . PHE A 1 81  ? -14.402 10.969  3.805   1.00 15.82 0  81  PHE A C   1 
ATOM   650  O  O   . PHE A 1 81  ? -13.736 10.458  2.902   1.00 14.27 0  81  PHE A O   1 
ATOM   651  C  CB  . PHE A 1 81  ? -15.771 12.666  2.510   1.00 19.25 0  81  PHE A CB  1 
ATOM   652  C  CG  . PHE A 1 81  ? -16.914 11.695  2.402   1.00 26.76 0  81  PHE A CG  1 
ATOM   653  C  CD1 . PHE A 1 81  ? -18.101 11.939  3.082   1.00 34.11 0  81  PHE A CD1 1 
ATOM   654  C  CD2 . PHE A 1 81  ? -16.839 10.586  1.567   1.00 38.60 0  81  PHE A CD2 1 
ATOM   655  C  CE1 . PHE A 1 81  ? -19.178 11.066  2.983   1.00 35.53 0  81  PHE A CE1 1 
ATOM   656  C  CE2 . PHE A 1 81  ? -17.915 9.712   1.455   1.00 42.64 0  81  PHE A CE2 1 
ATOM   657  C  CZ  . PHE A 1 81  ? -19.086 9.955   2.166   1.00 41.59 0  81  PHE A CZ  1 
ATOM   658  N  N   . LEU A 1 82  ? -14.754 10.321  4.904   1.00 14.96 0  82  LEU A N   1 
ATOM   659  C  CA  . LEU A 1 82  ? -14.280 8.978   5.203   1.00 15.47 0  82  LEU A CA  1 
ATOM   660  C  C   . LEU A 1 82  ? -15.374 7.952   4.908   1.00 18.33 0  82  LEU A C   1 
ATOM   661  O  O   . LEU A 1 82  ? -16.569 8.249   4.981   1.00 15.62 0  82  LEU A O   1 
ATOM   662  C  CB  . LEU A 1 82  ? -13.845 8.896   6.666   1.00 13.32 0  82  LEU A CB  1 
ATOM   663  C  CG  . LEU A 1 82  ? -12.647 9.777   7.061   1.00 15.88 0  82  LEU A CG  1 
ATOM   664  C  CD1 . LEU A 1 82  ? -12.430 9.733   8.577   1.00 14.29 0  82  LEU A CD1 1 
ATOM   665  C  CD2 . LEU A 1 82  ? -11.367 9.406   6.334   1.00 14.56 0  82  LEU A CD2 1 
ATOM   666  N  N   . GLN A 1 83  ? -14.949 6.735   4.563   1.00 13.59 0  83  GLN A N   1 
ATOM   667  C  CA  . GLN A 1 83  ? -15.834 5.603   4.332   1.00 15.38 0  83  GLN A CA  1 
ATOM   668  C  C   . GLN A 1 83  ? -15.352 4.426   5.166   1.00 13.11 0  83  GLN A C   1 
ATOM   669  O  O   . GLN A 1 83  ? -14.222 4.419   5.660   1.00 13.03 0  83  GLN A O   1 
ATOM   670  C  CB  . GLN A 1 83  ? -15.870 5.175   2.852   1.00 17.44 0  83  GLN A CB  1 
ATOM   671  C  CG  . GLN A 1 83  ? -16.072 6.291   1.858   1.00 24.87 0  83  GLN A CG  1 
ATOM   672  C  CD  . GLN A 1 83  ? -17.451 6.240   1.239   1.00 42.58 0  83  GLN A CD  1 
ATOM   673  O  OE1 . GLN A 1 83  ? -18.463 6.328   1.941   1.00 66.69 0  83  GLN A OE1 1 
ATOM   674  N  NE2 . GLN A 1 83  ? -17.502 6.054   -0.080  1.00 42.45 0  83  GLN A NE2 1 
ATOM   675  N  N   . ASP A 1 84  ? -16.225 3.426   5.312   1.00 13.36 0  84  ASP A N   1 
ATOM   676  C  CA  . ASP A 1 84  ? -15.815 2.163   5.921   1.00 11.30 0  84  ASP A CA  1 
ATOM   677  C  C   . ASP A 1 84  ? -14.493 1.696   5.332   1.00 12.81 0  84  ASP A C   1 
ATOM   678  O  O   . ASP A 1 84  ? -14.263 1.802   4.125   1.00 12.08 0  84  ASP A O   1 
ATOM   679  C  CB  . ASP A 1 84  ? -16.848 1.060   5.677   1.00 13.28 0  84  ASP A CB  1 
ATOM   680  C  CG  . ASP A 1 84  ? -18.203 1.355   6.268   1.00 16.05 0  84  ASP A CG  1 
ATOM   681  O  OD1 . ASP A 1 84  ? -18.337 2.312   7.067   1.00 13.02 0  84  ASP A OD1 1 
ATOM   682  O  OD2 . ASP A 1 84  ? -19.138 0.585   5.934   1.00 15.76 -1 84  ASP A OD2 1 
ATOM   683  N  N   . ILE A 1 85  ? -13.638 1.149   6.186   1.00 12.02 0  85  ILE A N   1 
ATOM   684  C  CA  . ILE A 1 85  ? -12.445 0.434   5.741   1.00 11.35 0  85  ILE A CA  1 
ATOM   685  C  C   . ILE A 1 85  ? -12.825 -1.037  5.632   1.00 12.96 0  85  ILE A C   1 
ATOM   686  O  O   . ILE A 1 85  ? -13.048 -1.710  6.642   1.00 11.86 0  85  ILE A O   1 
ATOM   687  C  CB  . ILE A 1 85  ? -11.265 0.633   6.695   1.00 11.18 0  85  ILE A CB  1 
ATOM   688  C  CG1 . ILE A 1 85  ? -11.075 2.124   7.014   1.00 10.98 0  85  ILE A CG1 1 
ATOM   689  C  CG2 . ILE A 1 85  ? -9.980  -0.022  6.097   1.00 12.47 0  85  ILE A CG2 1 
ATOM   690  C  CD1 . ILE A 1 85  ? -10.037 2.360   8.130   1.00 11.95 0  85  ILE A CD1 1 
ATOM   691  N  N   . LYS A 1 86  ? -12.910 -1.537  4.401   1.00 11.74 0  86  LYS A N   1 
ATOM   692  C  CA  . LYS A 1 86  ? -13.359 -2.907  4.197   1.00 12.70 0  86  LYS A CA  1 
ATOM   693  C  C   . LYS A 1 86  ? -12.353 -3.901  4.759   1.00 14.47 0  86  LYS A C   1 
ATOM   694  O  O   . LYS A 1 86  ? -11.138 -3.691  4.681   1.00 13.47 0  86  LYS A O   1 
ATOM   695  C  CB  . LYS A 1 86  ? -13.564 -3.186  2.708   1.00 13.66 0  86  LYS A CB  1 
ATOM   696  C  CG  . LYS A 1 86  ? -14.659 -2.364  2.041   1.00 16.85 0  86  LYS A CG  1 
ATOM   697  C  CD  . LYS A 1 86  ? -16.037 -2.899  2.360   1.00 19.42 0  86  LYS A CD  1 
ATOM   698  C  CE  . LYS A 1 86  ? -17.106 -2.098  1.618   1.00 21.27 0  86  LYS A CE  1 
ATOM   699  N  NZ  . LYS A 1 86  ? -18.462 -2.609  1.947   1.00 24.83 1  86  LYS A NZ  1 
ATOM   700  N  N   . LYS A 1 87  ? -12.863 -5.000  5.314   1.00 13.17 0  87  LYS A N   1 
ATOM   701  C  CA  . LYS A 1 87  ? -11.978 -6.073  5.728   1.00 12.56 0  87  LYS A CA  1 
ATOM   702  C  C   . LYS A 1 87  ? -11.195 -6.608  4.528   1.00 15.13 0  87  LYS A C   1 
ATOM   703  O  O   . LYS A 1 87  ? -11.668 -6.549  3.387   1.00 14.98 0  87  LYS A O   1 
ATOM   704  C  CB  . LYS A 1 87  ? -12.770 -7.197  6.379   1.00 13.77 0  87  LYS A CB  1 
ATOM   705  C  CG  . LYS A 1 87  ? -13.652 -7.990  5.436   1.00 15.16 0  87  LYS A CG  1 
ATOM   706  C  CD  . LYS A 1 87  ? -14.328 -9.116  6.217   1.00 17.05 0  87  LYS A CD  1 
ATOM   707  C  CE  . LYS A 1 87  ? -15.112 -10.046 5.321   1.00 27.52 0  87  LYS A CE  1 
ATOM   708  N  NZ  . LYS A 1 87  ? -16.151 -10.776 6.099   1.00 34.65 1  87  LYS A NZ  1 
ATOM   709  N  N   . PRO A 1 88  ? -9.992  -7.132  4.754   1.00 14.62 0  88  PRO A N   1 
ATOM   710  C  CA  . PRO A 1 88  ? -9.189  -7.646  3.634   1.00 15.22 0  88  PRO A CA  1 
ATOM   711  C  C   . PRO A 1 88  ? -9.945  -8.711  2.846   1.00 17.19 0  88  PRO A C   1 
ATOM   712  O  O   . PRO A 1 88  ? -10.598 -9.586  3.415   1.00 18.19 0  88  PRO A O   1 
ATOM   713  C  CB  . PRO A 1 88  ? -7.952  -8.221  4.331   1.00 15.43 0  88  PRO A CB  1 
ATOM   714  C  CG  . PRO A 1 88  ? -7.796  -7.307  5.513   1.00 13.59 0  88  PRO A CG  1 
ATOM   715  C  CD  . PRO A 1 88  ? -9.222  -7.113  6.010   1.00 14.38 0  88  PRO A CD  1 
ATOM   716  N  N   . ASP A 1 89  ? -9.856  -8.610  1.519   1.00 17.74 0  89  ASP A N   1 
ATOM   717  C  CA  . ASP A 1 89  ? -10.651 -9.407  0.594   1.00 22.33 0  89  ASP A CA  1 
ATOM   718  C  C   . ASP A 1 89  ? -9.824  -10.451 -0.158  1.00 25.19 0  89  ASP A C   1 
ATOM   719  O  O   . ASP A 1 89  ? -10.298 -10.998 -1.158  1.00 30.38 0  89  ASP A O   1 
ATOM   720  C  CB  . ASP A 1 89  ? -11.363 -8.474  -0.393  1.00 22.94 0  89  ASP A CB  1 
ATOM   721  C  CG  . ASP A 1 89  ? -12.490 -9.152  -1.143  1.00 31.97 0  89  ASP A CG  1 
ATOM   722  O  OD1 . ASP A 1 89  ? -13.004 -10.179 -0.652  1.00 35.19 0  89  ASP A OD1 1 
ATOM   723  O  OD2 . ASP A 1 89  ? -12.870 -8.645  -2.221  1.00 38.94 -1 89  ASP A OD2 1 
ATOM   724  N  N   . CYS A 1 90  ? -8.614  -10.754 0.309   1.00 22.41 0  90  CYS A N   1 
ATOM   725  C  CA  . CYS A 1 90  ? -7.747  -11.713 -0.364  1.00 23.85 0  90  CYS A CA  1 
ATOM   726  C  C   . CYS A 1 90  ? -8.257  -13.133 -0.152  1.00 29.95 0  90  CYS A C   1 
ATOM   727  O  O   . CYS A 1 90  ? -8.753  -13.476 0.923   1.00 28.98 0  90  CYS A O   1 
ATOM   728  C  CB  . CYS A 1 90  ? -6.324  -11.609 0.176   1.00 22.50 0  90  CYS A CB  1 
ATOM   729  S  SG  . CYS A 1 90  ? -5.703  -9.932  0.175   1.00 20.63 0  90  CYS A SG  1 
ATOM   730  N  N   . ASP A 1 91  ? -8.096  -13.978 -1.171  1.00 31.73 0  91  ASP A N   1 
ATOM   731  C  CA  . ASP A 1 91  ? -8.632  -15.331 -1.093  1.00 36.27 0  91  ASP A CA  1 
ATOM   732  C  C   . ASP A 1 91  ? -7.602  -16.447 -1.237  1.00 38.27 0  91  ASP A C   1 
ATOM   733  O  O   . ASP A 1 91  ? -7.965  -17.619 -1.066  1.00 36.34 0  91  ASP A O   1 
ATOM   734  C  CB  . ASP A 1 91  ? -9.758  -15.519 -2.129  1.00 40.10 0  91  ASP A CB  1 
ATOM   735  C  CG  . ASP A 1 91  ? -9.279  -15.389 -3.575  1.00 50.99 0  91  ASP A CG  1 
ATOM   736  O  OD1 . ASP A 1 91  ? -8.054  -15.392 -3.836  1.00 46.33 0  91  ASP A OD1 1 
ATOM   737  O  OD2 . ASP A 1 91  ? -10.154 -15.291 -4.465  1.00 58.79 -1 91  ASP A OD2 1 
ATOM   738  N  N   . ASP A 1 92  ? -6.342  -16.145 -1.530  1.00 33.15 0  92  ASP A N   1 
ATOM   739  C  CA  . ASP A 1 92  ? -5.363  -17.223 -1.679  1.00 38.28 0  92  ASP A CA  1 
ATOM   740  C  C   . ASP A 1 92  ? -3.985  -16.736 -1.228  1.00 34.41 0  92  ASP A C   1 
ATOM   741  O  O   . ASP A 1 92  ? -3.005  -16.745 -1.975  1.00 32.26 0  92  ASP A O   1 
ATOM   742  C  CB  . ASP A 1 92  ? -5.353  -17.731 -3.121  1.00 34.58 0  92  ASP A CB  1 
ATOM   743  C  CG  . ASP A 1 92  ? -4.525  -18.992 -3.291  1.00 40.90 0  92  ASP A CG  1 
ATOM   744  O  OD1 . ASP A 1 92  ? -4.247  -19.367 -4.452  1.00 43.51 0  92  ASP A OD1 1 
ATOM   745  O  OD2 . ASP A 1 92  ? -4.171  -19.619 -2.267  1.00 38.74 -1 92  ASP A OD2 1 
ATOM   746  N  N   . TRP A 1 93  ? -3.881  -16.347 0.046   1.00 30.26 0  93  TRP A N   1 
ATOM   747  C  CA  . TRP A 1 93  ? -2.720  -15.628 0.553   1.00 25.80 0  93  TRP A CA  1 
ATOM   748  C  C   . TRP A 1 93  ? -1.993  -16.305 1.713   1.00 26.28 0  93  TRP A C   1 
ATOM   749  O  O   . TRP A 1 93  ? -1.025  -15.732 2.232   1.00 24.85 0  93  TRP A O   1 
ATOM   750  C  CB  . TRP A 1 93  ? -3.162  -14.224 0.982   1.00 25.11 0  93  TRP A CB  1 
ATOM   751  C  CG  . TRP A 1 93  ? -4.161  -14.259 2.089   1.00 26.12 0  93  TRP A CG  1 
ATOM   752  C  CD1 . TRP A 1 93  ? -5.519  -14.350 1.968   1.00 28.41 0  93  TRP A CD1 1 
ATOM   753  C  CD2 . TRP A 1 93  ? -3.887  -14.173 3.493   1.00 27.33 0  93  TRP A CD2 1 
ATOM   754  N  NE1 . TRP A 1 93  ? -6.108  -14.345 3.210   1.00 29.67 0  93  TRP A NE1 1 
ATOM   755  C  CE2 . TRP A 1 93  ? -5.128  -14.240 4.163   1.00 29.51 0  93  TRP A CE2 1 
ATOM   756  C  CE3 . TRP A 1 93  ? -2.718  -14.062 4.245   1.00 21.87 0  93  TRP A CE3 1 
ATOM   757  C  CZ2 . TRP A 1 93  ? -5.227  -14.189 5.551   1.00 29.10 0  93  TRP A CZ2 1 
ATOM   758  C  CZ3 . TRP A 1 93  ? -2.817  -14.008 5.608   1.00 20.27 0  93  TRP A CZ3 1 
ATOM   759  C  CH2 . TRP A 1 93  ? -4.061  -14.067 6.256   1.00 25.07 0  93  TRP A CH2 1 
ATOM   760  N  N   . GLU A 1 94  ? -2.392  -17.512 2.118   1.00 28.83 0  94  GLU A N   1 
ATOM   761  C  CA  . GLU A 1 94  ? -1.927  -18.078 3.391   1.00 23.70 0  94  GLU A CA  1 
ATOM   762  C  C   . GLU A 1 94  ? -0.706  -18.988 3.198   1.00 23.83 0  94  GLU A C   1 
ATOM   763  O  O   . GLU A 1 94  ? -0.730  -20.201 3.419   1.00 23.20 0  94  GLU A O   1 
ATOM   764  C  CB  . GLU A 1 94  ? -3.075  -18.795 4.089   1.00 28.32 0  94  GLU A CB  1 
ATOM   765  C  CG  . GLU A 1 94  ? -4.218  -17.849 4.435   1.00 31.78 0  94  GLU A CG  1 
ATOM   766  C  CD  . GLU A 1 94  ? -5.442  -18.570 4.968   1.00 39.98 0  94  GLU A CD  1 
ATOM   767  O  OE1 . GLU A 1 94  ? -6.568  -18.225 4.556   1.00 46.87 0  94  GLU A OE1 1 
ATOM   768  O  OE2 . GLU A 1 94  ? -5.273  -19.490 5.794   1.00 44.97 -1 94  GLU A OE2 1 
ATOM   769  N  N   . SER A 1 95  ? 0.393   -18.352 2.797   1.00 22.72 0  95  SER A N   1 
ATOM   770  C  CA  . SER A 1 95  ? 1.747   -18.889 2.903   1.00 17.80 0  95  SER A CA  1 
ATOM   771  C  C   . SER A 1 95  ? 2.680   -17.703 2.734   1.00 18.56 0  95  SER A C   1 
ATOM   772  O  O   . SER A 1 95  ? 2.253   -16.619 2.329   1.00 16.68 0  95  SER A O   1 
ATOM   773  C  CB  . SER A 1 95  ? 2.053   -19.963 1.851   1.00 19.67 0  95  SER A CB  1 
ATOM   774  O  OG  . SER A 1 95  ? 2.172   -19.407 0.543   1.00 18.29 0  95  SER A OG  1 
ATOM   775  N  N   . GLY A 1 96  ? 3.962   -17.913 3.046   1.00 15.61 0  96  GLY A N   1 
ATOM   776  C  CA  . GLY A 1 96  ? 4.927   -16.833 2.875   1.00 16.18 0  96  GLY A CA  1 
ATOM   777  C  C   . GLY A 1 96  ? 4.955   -16.309 1.451   1.00 15.45 0  96  GLY A C   1 
ATOM   778  O  O   . GLY A 1 96  ? 4.901   -15.099 1.217   1.00 15.51 0  96  GLY A O   1 
ATOM   779  N  N   . LEU A 1 97  ? 5.019   -17.219 0.478   1.00 13.09 0  97  LEU A N   1 
ATOM   780  C  CA  . LEU A 1 97  ? 5.013   -16.815 -0.925  1.00 16.14 0  97  LEU A CA  1 
ATOM   781  C  C   . LEU A 1 97  ? 3.690   -16.163 -1.312  1.00 16.72 0  97  LEU A C   1 
ATOM   782  O  O   . LEU A 1 97  ? 3.672   -15.118 -1.981  1.00 14.90 0  97  LEU A O   1 
ATOM   783  C  CB  . LEU A 1 97  ? 5.284   -18.025 -1.826  1.00 19.16 0  97  LEU A CB  1 
ATOM   784  C  CG  . LEU A 1 97  ? 5.118   -17.744 -3.329  1.00 16.81 0  97  LEU A CG  1 
ATOM   785  C  CD1 . LEU A 1 97  ? 6.066   -16.653 -3.795  1.00 18.54 0  97  LEU A CD1 1 
ATOM   786  C  CD2 . LEU A 1 97  ? 5.321   -19.011 -4.150  1.00 24.00 0  97  LEU A CD2 1 
ATOM   787  N  N   . ASN A 1 98  ? 2.567   -16.781 -0.927  1.00 14.59 0  98  ASN A N   1 
ATOM   788  C  CA  . ASN A 1 98  ? 1.273   -16.258 -1.368  1.00 16.91 0  98  ASN A CA  1 
ATOM   789  C  C   . ASN A 1 98  ? 0.968   -14.902 -0.752  1.00 16.47 0  98  ASN A C   1 
ATOM   790  O  O   . ASN A 1 98  ? 0.289   -14.077 -1.380  1.00 15.44 0  98  ASN A O   1 
ATOM   791  C  CB  . ASN A 1 98  ? 0.141   -17.235 -1.044  1.00 18.95 0  98  ASN A CB  1 
ATOM   792  C  CG  . ASN A 1 98  ? 0.253   -18.542 -1.804  1.00 25.91 0  98  ASN A CG  1 
ATOM   793  O  OD1 . ASN A 1 98  ? 0.914   -18.621 -2.847  1.00 28.55 0  98  ASN A OD1 1 
ATOM   794  N  ND2 . ASN A 1 98  ? -0.413  -19.578 -1.296  1.00 30.18 0  98  ASN A ND2 1 
ATOM   795  N  N   . ALA A 1 99  ? 1.433   -14.658 0.476   1.00 15.21 0  99  ALA A N   1 
ATOM   796  C  CA  . ALA A 1 99  ? 1.225   -13.349 1.082   1.00 14.68 0  99  ALA A CA  1 
ATOM   797  C  C   . ALA A 1 99  ? 2.065   -12.286 0.385   1.00 14.33 0  99  ALA A C   1 
ATOM   798  O  O   . ALA A 1 99  ? 1.596   -11.162 0.172   1.00 15.01 0  99  ALA A O   1 
ATOM   799  C  CB  . ALA A 1 99  ? 1.532   -13.399 2.581   1.00 14.12 0  99  ALA A CB  1 
ATOM   800  N  N   . MET A 1 100 ? 3.306   -12.624 0.013   1.00 12.67 0  100 MET A N   1 
ATOM   801  C  CA  . MET A 1 100 ? 4.108   -11.700 -0.780  1.00 14.52 0  100 MET A CA  1 
ATOM   802  C  C   . MET A 1 100 ? 3.474   -11.426 -2.136  1.00 13.59 0  100 MET A C   1 
ATOM   803  O  O   . MET A 1 100 ? 3.477   -10.283 -2.606  1.00 15.33 0  100 MET A O   1 
ATOM   804  C  CB  . MET A 1 100 ? 5.532   -12.225 -0.955  1.00 13.88 0  100 MET A CB  1 
ATOM   805  C  CG  . MET A 1 100 ? 6.348   -12.194 0.312   1.00 15.29 0  100 MET A CG  1 
ATOM   806  S  SD  . MET A 1 100 ? 6.845   -10.487 0.698   1.00 14.33 0  100 MET A SD  1 
ATOM   807  C  CE  . MET A 1 100 ? 7.696   -10.792 2.250   1.00 14.79 0  100 MET A CE  1 
ATOM   808  N  N   . GLU A 1 101 ? 2.917   -12.454 -2.779  1.00 14.46 0  101 GLU A N   1 
ATOM   809  C  CA  . GLU A 1 101 ? 2.238   -12.222 -4.051  1.00 16.23 0  101 GLU A CA  1 
ATOM   810  C  C   . GLU A 1 101 ? 1.044   -11.298 -3.855  1.00 14.87 0  101 GLU A C   1 
ATOM   811  O  O   . GLU A 1 101 ? 0.756   -10.447 -4.707  1.00 15.61 0  101 GLU A O   1 
ATOM   812  C  CB  . GLU A 1 101 ? 1.792   -13.551 -4.669  1.00 15.60 0  101 GLU A CB  1 
ATOM   813  C  CG  . GLU A 1 101 ? 2.921   -14.334 -5.309  1.00 17.90 0  101 GLU A CG  1 
ATOM   814  C  CD  . GLU A 1 101 ? 2.552   -15.776 -5.642  1.00 25.53 0  101 GLU A CD  1 
ATOM   815  O  OE1 . GLU A 1 101 ? 1.540   -16.292 -5.121  1.00 24.69 0  101 GLU A OE1 1 
ATOM   816  O  OE2 . GLU A 1 101 ? 3.292   -16.400 -6.432  1.00 31.40 -1 101 GLU A OE2 1 
ATOM   817  N  N   . CYS A 1 102 ? 0.342   -11.446 -2.728  1.00 14.22 0  102 CYS A N   1 
ATOM   818  C  CA  . CYS A 1 102 ? -0.762  -10.540 -2.415  1.00 15.52 0  102 CYS A CA  1 
ATOM   819  C  C   . CYS A 1 102 ? -0.268  -9.118  -2.208  1.00 15.56 0  102 CYS A C   1 
ATOM   820  O  O   . CYS A 1 102 ? -0.850  -8.159  -2.741  1.00 16.47 0  102 CYS A O   1 
ATOM   821  C  CB  . CYS A 1 102 ? -1.518  -11.007 -1.173  1.00 15.11 0  102 CYS A CB  1 
ATOM   822  S  SG  . CYS A 1 102 ? -2.690  -9.729  -0.595  1.00 18.29 0  102 CYS A SG  1 
ATOM   823  N  N   . ALA A 1 103 ? 0.796   -8.954  -1.419  1.00 14.25 0  103 ALA A N   1 
ATOM   824  C  CA  . ALA A 1 103 ? 1.364   -7.621  -1.246  1.00 14.71 0  103 ALA A CA  1 
ATOM   825  C  C   . ALA A 1 103 ? 1.695   -7.007  -2.599  1.00 13.88 0  103 ALA A C   1 
ATOM   826  O  O   . ALA A 1 103 ? 1.428   -5.824  -2.840  1.00 14.49 0  103 ALA A O   1 
ATOM   827  C  CB  . ALA A 1 103 ? 2.608   -7.684  -0.358  1.00 14.76 0  103 ALA A CB  1 
ATOM   828  N  N   . LEU A 1 104 ? 2.238   -7.819  -3.509  1.00 13.80 0  104 LEU A N   1 
ATOM   829  C  CA  . LEU A 1 104 ? 2.556   -7.340  -4.849  1.00 15.79 0  104 LEU A CA  1 
ATOM   830  C  C   . LEU A 1 104 ? 1.303   -6.862  -5.579  1.00 16.34 0  104 LEU A C   1 
ATOM   831  O  O   . LEU A 1 104 ? 1.300   -5.778  -6.181  1.00 15.20 0  104 LEU A O   1 
ATOM   832  C  CB  . LEU A 1 104 ? 3.267   -8.449  -5.638  1.00 13.81 0  104 LEU A CB  1 
ATOM   833  C  CG  . LEU A 1 104 ? 3.712   -8.119  -7.072  1.00 15.34 0  104 LEU A CG  1 
ATOM   834  C  CD1 . LEU A 1 104 ? 4.564   -6.851  -7.097  1.00 13.98 0  104 LEU A CD1 1 
ATOM   835  C  CD2 . LEU A 1 104 ? 4.464   -9.303  -7.691  1.00 15.76 0  104 LEU A CD2 1 
ATOM   836  N  N   . HIS A 1 105 ? 0.220   -7.650  -5.556  1.00 13.91 0  105 HIS A N   1 
ATOM   837  C  CA  . HIS A 1 105 ? -0.929  -7.191  -6.333  1.00 15.33 0  105 HIS A CA  1 
ATOM   838  C  C   . HIS A 1 105 ? -1.614  -6.013  -5.644  1.00 16.09 0  105 HIS A C   1 
ATOM   839  O  O   . HIS A 1 105 ? -2.166  -5.132  -6.321  1.00 15.24 0  105 HIS A O   1 
ATOM   840  C  CB  . HIS A 1 105 ? -1.915  -8.341  -6.683  1.00 15.90 0  105 HIS A CB  1 
ATOM   841  C  CG  . HIS A 1 105 ? -2.591  -9.044  -5.531  1.00 18.56 0  105 HIS A CG  1 
ATOM   842  N  ND1 . HIS A 1 105 ? -2.762  -10.417 -5.513  1.00 18.83 0  105 HIS A ND1 1 
ATOM   843  C  CD2 . HIS A 1 105 ? -3.250  -8.576  -4.440  1.00 17.90 0  105 HIS A CD2 1 
ATOM   844  C  CE1 . HIS A 1 105 ? -3.445  -10.768 -4.436  1.00 15.03 0  105 HIS A CE1 1 
ATOM   845  N  NE2 . HIS A 1 105 ? -3.741  -9.671  -3.759  1.00 18.45 0  105 HIS A NE2 1 
ATOM   846  N  N   . LEU A 1 106 ? -1.525  -5.939  -4.315  1.00 15.08 0  106 LEU A N   1 
ATOM   847  C  CA  . LEU A 1 106 ? -2.035  -4.783  -3.581  1.00 13.96 0  106 LEU A CA  1 
ATOM   848  C  C   . LEU A 1 106 ? -1.292  -3.508  -3.972  1.00 15.20 0  106 LEU A C   1 
ATOM   849  O  O   . LEU A 1 106 ? -1.911  -2.471  -4.262  1.00 14.62 0  106 LEU A O   1 
ATOM   850  C  CB  . LEU A 1 106 ? -1.922  -5.037  -2.075  1.00 15.46 0  106 LEU A CB  1 
ATOM   851  C  CG  . LEU A 1 106 ? -2.275  -3.872  -1.153  1.00 14.48 0  106 LEU A CG  1 
ATOM   852  C  CD1 . LEU A 1 106 ? -3.762  -3.526  -1.283  1.00 14.92 0  106 LEU A CD1 1 
ATOM   853  C  CD2 . LEU A 1 106 ? -1.920  -4.232  0.286   1.00 15.18 0  106 LEU A CD2 1 
ATOM   854  N  N   . GLU A 1 107 ? 0.044   -3.561  -3.995  1.00 14.62 0  107 GLU A N   1 
ATOM   855  C  CA  . GLU A 1 107 ? 0.797   -2.346  -4.259  1.00 14.33 0  107 GLU A CA  1 
ATOM   856  C  C   . GLU A 1 107 ? 0.641   -1.917  -5.708  1.00 16.07 0  107 GLU A C   1 
ATOM   857  O  O   . GLU A 1 107 ? 0.644   -0.715  -5.998  1.00 16.79 0  107 GLU A O   1 
ATOM   858  C  CB  . GLU A 1 107 ? 2.273   -2.536  -3.897  1.00 16.37 0  107 GLU A CB  1 
ATOM   859  C  CG  . GLU A 1 107 ? 2.520   -2.861  -2.431  1.00 16.19 0  107 GLU A CG  1 
ATOM   860  C  CD  . GLU A 1 107 ? 2.897   -1.666  -1.557  1.00 23.39 0  107 GLU A CD  1 
ATOM   861  O  OE1 . GLU A 1 107 ? 2.837   -0.502  -2.022  1.00 24.29 0  107 GLU A OE1 1 
ATOM   862  O  OE2 . GLU A 1 107 ? 3.281   -1.904  -0.389  1.00 24.62 -1 107 GLU A OE2 1 
ATOM   863  N  N   . LYS A 1 108 ? 0.471   -2.875  -6.630  1.00 15.47 0  108 LYS A N   1 
ATOM   864  C  CA  . LYS A 1 108 ? 0.186   -2.503  -8.009  1.00 16.84 0  108 LYS A CA  1 
ATOM   865  C  C   . LYS A 1 108 ? -1.215  -1.917  -8.141  1.00 15.58 0  108 LYS A C   1 
ATOM   866  O  O   . LYS A 1 108 ? -1.434  -1.007  -8.950  1.00 15.00 0  108 LYS A O   1 
ATOM   867  C  CB  . LYS A 1 108 ? 0.362   -3.709  -8.933  1.00 16.36 0  108 LYS A CB  1 
ATOM   868  C  CG  . LYS A 1 108 ? 1.832   -4.121  -9.080  1.00 16.07 0  108 LYS A CG  1 
ATOM   869  C  CD  . LYS A 1 108 ? 1.971   -5.330  -10.003 1.00 20.37 0  108 LYS A CD  1 
ATOM   870  C  CE  . LYS A 1 108 ? 2.098   -4.847  -11.448 1.00 22.51 0  108 LYS A CE  1 
ATOM   871  N  NZ  . LYS A 1 108 ? 2.398   -5.951  -12.393 1.00 25.04 1  108 LYS A NZ  1 
ATOM   872  N  N   . ASN A 1 109 ? -2.168  -2.405  -7.343  1.00 15.32 0  109 ASN A N   1 
ATOM   873  C  CA  . ASN A 1 109 ? -3.503  -1.818  -7.355  1.00 16.68 0  109 ASN A CA  1 
ATOM   874  C  C   . ASN A 1 109 ? -3.453  -0.377  -6.846  1.00 16.46 0  109 ASN A C   1 
ATOM   875  O  O   . ASN A 1 109 ? -4.038  0.529   -7.456  1.00 17.92 0  109 ASN A O   1 
ATOM   876  C  CB  . ASN A 1 109 ? -4.451  -2.716  -6.536  1.00 17.52 0  109 ASN A CB  1 
ATOM   877  C  CG  . ASN A 1 109 ? -5.738  -2.019  -6.088  1.00 26.52 0  109 ASN A CG  1 
ATOM   878  O  OD1 . ASN A 1 109 ? -6.178  -1.037  -6.674  1.00 33.79 0  109 ASN A OD1 1 
ATOM   879  N  ND2 . ASN A 1 109 ? -6.369  -2.571  -5.048  1.00 29.79 0  109 ASN A ND2 1 
ATOM   880  N  N   . VAL A 1 110 ? -2.720  -0.136  -5.756  1.00 15.39 0  110 VAL A N   1 
ATOM   881  C  CA  . VAL A 1 110 ? -2.579  1.226   -5.234  1.00 15.16 0  110 VAL A CA  1 
ATOM   882  C  C   . VAL A 1 110 ? -1.890  2.120   -6.257  1.00 15.79 0  110 VAL A C   1 
ATOM   883  O  O   . VAL A 1 110 ? -2.274  3.280   -6.452  1.00 13.58 0  110 VAL A O   1 
ATOM   884  C  CB  . VAL A 1 110 ? -1.815  1.207   -3.897  1.00 16.43 0  110 VAL A CB  1 
ATOM   885  C  CG1 . VAL A 1 110 ? -1.440  2.629   -3.459  1.00 14.20 0  110 VAL A CG1 1 
ATOM   886  C  CG2 . VAL A 1 110 ? -2.645  0.518   -2.816  1.00 14.25 0  110 VAL A CG2 1 
ATOM   887  N  N   . ASN A 1 111 ? -0.849  1.597   -6.912  1.00 14.81 0  111 ASN A N   1 
ATOM   888  C  CA  . ASN A 1 111 ? -0.145  2.356   -7.945  1.00 13.11 0  111 ASN A CA  1 
ATOM   889  C  C   . ASN A 1 111 ? -1.070  2.730   -9.100  1.00 14.00 0  111 ASN A C   1 
ATOM   890  O  O   . ASN A 1 111 ? -1.040  3.869   -9.585  1.00 13.38 0  111 ASN A O   1 
ATOM   891  C  CB  . ASN A 1 111 ? 1.049   1.540   -8.443  1.00 14.45 0  111 ASN A CB  1 
ATOM   892  C  CG  . ASN A 1 111 ? 2.065   2.380   -9.182  1.00 14.33 0  111 ASN A CG  1 
ATOM   893  O  OD1 . ASN A 1 111 ? 2.307   3.531   -8.826  1.00 14.18 0  111 ASN A OD1 1 
ATOM   894  N  ND2 . ASN A 1 111 ? 2.676   1.800   -10.216 1.00 13.89 0  111 ASN A ND2 1 
ATOM   895  N  N   . GLN A 1 112 ? -1.894  1.786   -9.563  1.00 13.97 0  112 GLN A N   1 
ATOM   896  C  CA  . GLN A 1 112 ? -2.843  2.100   -10.629 1.00 15.99 0  112 GLN A CA  1 
ATOM   897  C  C   . GLN A 1 112 ? -3.764  3.243   -10.229 1.00 14.59 0  112 GLN A C   1 
ATOM   898  O  O   . GLN A 1 112 ? -4.004  4.162   -11.021 1.00 15.24 0  112 GLN A O   1 
ATOM   899  C  CB  . GLN A 1 112 ? -3.664  0.865   -10.996 1.00 18.09 0  112 GLN A CB  1 
ATOM   900  C  CG  . GLN A 1 112 ? -4.591  1.045   -12.199 1.00 19.81 0  112 GLN A CG  1 
ATOM   901  C  CD  . GLN A 1 112 ? -3.899  1.609   -13.427 1.00 27.33 0  112 GLN A CD  1 
ATOM   902  O  OE1 . GLN A 1 112 ? -2.735  1.301   -13.704 1.00 30.35 0  112 GLN A OE1 1 
ATOM   903  N  NE2 . GLN A 1 112 ? -4.620  2.439   -14.181 1.00 32.66 0  112 GLN A NE2 1 
ATOM   904  N  N   . SER A 1 113 ? -4.263  3.221   -8.992  1.00 14.27 0  113 SER A N   1 
ATOM   905  C  CA  . SER A 1 113 ? -5.131  4.296   -8.520  1.00 16.40 0  113 SER A CA  1 
ATOM   906  C  C   . SER A 1 113 ? -4.391  5.629   -8.483  1.00 15.59 0  113 SER A C   1 
ATOM   907  O  O   . SER A 1 113 ? -4.965  6.677   -8.800  1.00 13.86 0  113 SER A O   1 
ATOM   908  C  CB  . SER A 1 113 ? -5.674  3.938   -7.137  1.00 16.88 0  113 SER A CB  1 
ATOM   909  O  OG  . SER A 1 113 ? -6.436  4.991   -6.582  1.00 17.03 0  113 SER A OG  1 
ATOM   910  N  N   . LEU A 1 114 ? -3.117  5.610   -8.080  1.00 13.54 0  114 LEU A N   1 
ATOM   911  C  CA  . LEU A 1 114 ? -2.337  6.841   -8.021  1.00 13.67 0  114 LEU A CA  1 
ATOM   912  C  C   . LEU A 1 114 ? -2.078  7.392   -9.419  1.00 14.31 0  114 LEU A C   1 
ATOM   913  O  O   . LEU A 1 114 ? -2.102  8.612   -9.630  1.00 14.26 0  114 LEU A O   1 
ATOM   914  C  CB  . LEU A 1 114 ? -1.022  6.574   -7.285  1.00 12.29 0  114 LEU A CB  1 
ATOM   915  C  CG  . LEU A 1 114 ? -1.183  6.381   -5.771  1.00 11.68 0  114 LEU A CG  1 
ATOM   916  C  CD1 . LEU A 1 114 ? 0.036   5.664   -5.206  1.00 14.17 0  114 LEU A CD1 1 
ATOM   917  C  CD2 . LEU A 1 114 ? -1.410  7.729   -5.080  1.00 12.58 0  114 LEU A CD2 1 
ATOM   918  N  N   . LEU A 1 115 ? -1.820  6.502   -10.383 1.00 13.86 0  115 LEU A N   1 
ATOM   919  C  CA  . LEU A 1 115 ? -1.636  6.918   -11.774 1.00 13.32 0  115 LEU A CA  1 
ATOM   920  C  C   . LEU A 1 115 ? -2.918  7.531   -12.336 1.00 15.73 0  115 LEU A C   1 
ATOM   921  O  O   . LEU A 1 115 ? -2.881  8.548   -13.044 1.00 15.53 0  115 LEU A O   1 
ATOM   922  C  CB  . LEU A 1 115 ? -1.183  5.707   -12.598 1.00 13.09 0  115 LEU A CB  1 
ATOM   923  C  CG  . LEU A 1 115 ? 0.248   5.264   -12.267 1.00 14.21 0  115 LEU A CG  1 
ATOM   924  C  CD1 . LEU A 1 115 ? 0.662   3.991   -13.006 1.00 14.56 0  115 LEU A CD1 1 
ATOM   925  C  CD2 . LEU A 1 115 ? 1.247   6.409   -12.579 1.00 13.28 0  115 LEU A CD2 1 
ATOM   926  N  N   . GLU A 1 116 ? -4.067  6.948   -12.005 1.00 14.97 0  116 GLU A N   1 
ATOM   927  C  CA  . GLU A 1 116 ? -5.335  7.558   -12.403 1.00 14.41 0  116 GLU A CA  1 
ATOM   928  C  C   . GLU A 1 116 ? -5.540  8.908   -11.725 1.00 15.80 0  116 GLU A C   1 
ATOM   929  O  O   . GLU A 1 116 ? -6.087  9.841   -12.327 1.00 17.04 0  116 GLU A O   1 
ATOM   930  C  CB  . GLU A 1 116 ? -6.483  6.599   -12.090 1.00 17.90 0  116 GLU A CB  1 
ATOM   931  C  CG  . GLU A 1 116 ? -6.413  5.314   -12.920 1.00 19.75 0  116 GLU A CG  1 
ATOM   932  C  CD  . GLU A 1 116 ? -7.389  4.238   -12.454 1.00 28.73 0  116 GLU A CD  1 
ATOM   933  O  OE1 . GLU A 1 116 ? -8.189  4.510   -11.535 1.00 31.48 0  116 GLU A OE1 1 
ATOM   934  O  OE2 . GLU A 1 116 ? -7.372  3.126   -13.026 1.00 26.73 -1 116 GLU A OE2 1 
ATOM   935  N  N   . LEU A 1 117 ? -5.121  9.028   -10.469 1.00 14.42 0  117 LEU A N   1 
ATOM   936  C  CA  . LEU A 1 117 ? -5.210  10.310  -9.780  1.00 15.12 0  117 LEU A CA  1 
ATOM   937  C  C   . LEU A 1 117 ? -4.317  11.345  -10.454 1.00 15.83 0  117 LEU A C   1 
ATOM   938  O  O   . LEU A 1 117 ? -4.701  12.514  -10.606 1.00 16.71 0  117 LEU A O   1 
ATOM   939  C  CB  . LEU A 1 117 ? -4.813  10.116  -8.313  1.00 14.10 0  117 LEU A CB  1 
ATOM   940  C  CG  . LEU A 1 117 ? -5.454  10.841  -7.123  1.00 19.62 0  117 LEU A CG  1 
ATOM   941  C  CD1 . LEU A 1 117 ? -4.426  10.939  -6.012  1.00 21.06 0  117 LEU A CD1 1 
ATOM   942  C  CD2 . LEU A 1 117 ? -6.003  12.203  -7.447  1.00 19.26 0  117 LEU A CD2 1 
ATOM   943  N  N   . HIS A 1 118 ? -3.116  10.932  -10.864 1.00 15.70 0  118 HIS A N   1 
ATOM   944  C  CA  . HIS A 1 118 ? -2.211  11.860  -11.536 1.00 15.21 0  118 HIS A CA  1 
ATOM   945  C  C   . HIS A 1 118 ? -2.769  12.287  -12.888 1.00 14.94 0  118 HIS A C   1 
ATOM   946  O  O   . HIS A 1 118 ? -2.626  13.445  -13.294 1.00 16.13 0  118 HIS A O   1 
ATOM   947  C  CB  . HIS A 1 118 ? -0.831  11.228  -11.705 1.00 14.44 0  118 HIS A CB  1 
ATOM   948  C  CG  . HIS A 1 118 ? 0.206   12.203  -12.160 1.00 14.49 0  118 HIS A CG  1 
ATOM   949  N  ND1 . HIS A 1 118 ? 0.307   12.619  -13.470 1.00 16.25 0  118 HIS A ND1 1 
ATOM   950  C  CD2 . HIS A 1 118 ? 1.158   12.878  -11.475 1.00 15.94 0  118 HIS A CD2 1 
ATOM   951  C  CE1 . HIS A 1 118 ? 1.292   13.494  -13.574 1.00 16.19 0  118 HIS A CE1 1 
ATOM   952  N  NE2 . HIS A 1 118 ? 1.821   13.672  -12.377 1.00 15.55 0  118 HIS A NE2 1 
ATOM   953  N  N   . LYS A 1 119 ? -3.416  11.366  -13.594 1.00 14.69 0  119 LYS A N   1 
ATOM   954  C  CA  . LYS A 1 119 ? -4.041  11.722  -14.862 1.00 16.19 0  119 LYS A CA  1 
ATOM   955  C  C   . LYS A 1 119 ? -5.116  12.779  -14.652 1.00 17.36 0  119 LYS A C   1 
ATOM   956  O  O   . LYS A 1 119 ? -5.213  13.741  -15.425 1.00 15.81 0  119 LYS A O   1 
ATOM   957  C  CB  . LYS A 1 119 ? -4.608  10.461  -15.523 1.00 19.19 0  119 LYS A CB  1 
ATOM   958  C  CG  . LYS A 1 119 ? -5.207  10.656  -16.923 1.00 24.39 0  119 LYS A CG  1 
ATOM   959  C  CD  . LYS A 1 119 ? -6.699  10.404  -16.953 1.00 33.56 0  119 LYS A CD  1 
ATOM   960  C  CE  . LYS A 1 119 ? -7.277  10.564  -18.364 1.00 34.53 0  119 LYS A CE  1 
ATOM   961  N  NZ  . LYS A 1 119 ? -6.635  11.673  -19.135 1.00 36.88 1  119 LYS A NZ  1 
ATOM   962  N  N   . LEU A 1 120 ? -5.907  12.639  -13.583 1.00 15.11 0  120 LEU A N   1 
ATOM   963  C  CA  . LEU A 1 120 ? -6.930  13.637  -13.266 1.00 17.01 0  120 LEU A CA  1 
ATOM   964  C  C   . LEU A 1 120 ? -6.311  14.989  -12.904 1.00 18.23 0  120 LEU A C   1 
ATOM   965  O  O   . LEU A 1 120 ? -6.776  16.041  -13.363 1.00 16.30 0  120 LEU A O   1 
ATOM   966  C  CB  . LEU A 1 120 ? -7.829  13.119  -12.136 1.00 15.54 0  120 LEU A CB  1 
ATOM   967  C  CG  . LEU A 1 120 ? -8.860  14.122  -11.606 1.00 17.12 0  120 LEU A CG  1 
ATOM   968  C  CD1 . LEU A 1 120 ? -9.868  14.462  -12.691 1.00 18.57 0  120 LEU A CD1 1 
ATOM   969  C  CD2 . LEU A 1 120 ? -9.572  13.583  -10.366 1.00 17.19 0  120 LEU A CD2 1 
ATOM   970  N  N   . ALA A 1 121 ? -5.273  14.986  -12.069 1.00 14.93 0  121 ALA A N   1 
ATOM   971  C  CA  . ALA A 1 121 ? -4.609  16.241  -11.732 1.00 15.73 0  121 ALA A CA  1 
ATOM   972  C  C   . ALA A 1 121 ? -4.037  16.910  -12.974 1.00 16.12 0  121 ALA A C   1 
ATOM   973  O  O   . ALA A 1 121 ? -4.106  18.135  -13.120 1.00 17.11 0  121 ALA A O   1 
ATOM   974  C  CB  . ALA A 1 121 ? -3.504  15.994  -10.705 1.00 14.29 0  121 ALA A CB  1 
ATOM   975  N  N   . THR A 1 122 ? -3.481  16.113  -13.887 1.00 16.50 0  122 THR A N   1 
ATOM   976  C  CA  . THR A 1 122 ? -2.978  16.643  -15.153 1.00 15.54 0  122 THR A CA  1 
ATOM   977  C  C   . THR A 1 122 ? -4.110  17.241  -15.987 1.00 18.13 0  122 THR A C   1 
ATOM   978  O  O   . THR A 1 122 ? -3.985  18.347  -16.530 1.00 16.08 0  122 THR A O   1 
ATOM   979  C  CB  . THR A 1 122 ? -2.270  15.519  -15.917 1.00 16.65 0  122 THR A CB  1 
ATOM   980  O  OG1 . THR A 1 122 ? -1.106  15.105  -15.183 1.00 16.46 0  122 THR A OG1 1 
ATOM   981  C  CG2 . THR A 1 122 ? -1.845  15.984  -17.302 1.00 19.60 0  122 THR A CG2 1 
ATOM   982  N  N   . ASP A 1 123 ? -5.231  16.519  -16.093 1.00 16.81 0  123 ASP A N   1 
ATOM   983  C  CA  . ASP A 1 123 ? -6.366  17.005  -16.876 1.00 16.07 0  123 ASP A CA  1 
ATOM   984  C  C   . ASP A 1 123 ? -6.943  18.283  -16.298 1.00 19.14 0  123 ASP A C   1 
ATOM   985  O  O   . ASP A 1 123 ? -7.461  19.120  -17.047 1.00 17.74 0  123 ASP A O   1 
ATOM   986  C  CB  . ASP A 1 123 ? -7.457  15.937  -16.945 1.00 17.74 0  123 ASP A CB  1 
ATOM   987  C  CG  . ASP A 1 123 ? -7.052  14.748  -17.784 1.00 26.21 0  123 ASP A CG  1 
ATOM   988  O  OD1 . ASP A 1 123 ? -7.756  13.717  -17.731 1.00 25.68 0  123 ASP A OD1 1 
ATOM   989  O  OD2 . ASP A 1 123 ? -6.029  14.853  -18.501 1.00 28.86 -1 123 ASP A OD2 1 
ATOM   990  N  N   . LYS A 1 124 ? -6.886  18.448  -14.978 1.00 14.19 0  124 LYS A N   1 
ATOM   991  C  CA  . LYS A 1 124 ? -7.392  19.649  -14.327 1.00 16.34 0  124 LYS A CA  1 
ATOM   992  C  C   . LYS A 1 124 ? -6.311  20.694  -14.121 1.00 16.52 0  124 LYS A C   1 
ATOM   993  O  O   . LYS A 1 124 ? -6.531  21.654  -13.376 1.00 14.35 0  124 LYS A O   1 
ATOM   994  C  CB  . LYS A 1 124 ? -8.030  19.293  -12.980 1.00 16.31 0  124 LYS A CB  1 
ATOM   995  C  CG  . LYS A 1 124 ? -9.175  18.304  -13.105 1.00 17.03 0  124 LYS A CG  1 
ATOM   996  C  CD  . LYS A 1 124 ? -10.219 18.816  -14.091 1.00 18.64 0  124 LYS A CD  1 
ATOM   997  C  CE  . LYS A 1 124 ? -11.480 17.960  -14.046 1.00 21.24 0  124 LYS A CE  1 
ATOM   998  N  NZ  . LYS A 1 124 ? -12.489 18.419  -15.058 1.00 22.35 1  124 LYS A NZ  1 
ATOM   999  N  N   . ASN A 1 125 ? -5.149  20.511  -14.746 1.00 15.53 0  125 ASN A N   1 
ATOM   1000 C  CA  . ASN A 1 125 ? -4.056  21.480  -14.725 1.00 15.45 0  125 ASN A CA  1 
ATOM   1001 C  C   . ASN A 1 125 ? -3.703  21.878  -13.298 1.00 15.92 0  125 ASN A C   1 
ATOM   1002 O  O   . ASN A 1 125 ? -3.656  23.059  -12.942 1.00 13.99 0  125 ASN A O   1 
ATOM   1003 C  CB  . ASN A 1 125 ? -4.415  22.700  -15.572 1.00 18.38 0  125 ASN A CB  1 
ATOM   1004 C  CG  . ASN A 1 125 ? -4.773  22.317  -16.990 1.00 20.75 0  125 ASN A CG  1 
ATOM   1005 O  OD1 . ASN A 1 125 ? -3.939  21.811  -17.734 1.00 25.20 0  125 ASN A OD1 1 
ATOM   1006 N  ND2 . ASN A 1 125 ? -6.019  22.547  -17.363 1.00 23.79 0  125 ASN A ND2 1 
ATOM   1007 N  N   . ASP A 1 126 ? -3.463  20.863  -12.466 1.00 14.76 0  126 ASP A N   1 
ATOM   1008 C  CA  . ASP A 1 126 ? -3.138  21.078  -11.062 1.00 13.83 0  126 ASP A CA  1 
ATOM   1009 C  C   . ASP A 1 126 ? -1.697  20.629  -10.843 1.00 14.61 0  126 ASP A C   1 
ATOM   1010 O  O   . ASP A 1 126 ? -1.449  19.493  -10.420 1.00 13.15 0  126 ASP A O   1 
ATOM   1011 C  CB  . ASP A 1 126 ? -4.122  20.317  -10.166 1.00 13.17 0  126 ASP A CB  1 
ATOM   1012 C  CG  . ASP A 1 126 ? -3.982  20.667  -8.688  1.00 14.68 0  126 ASP A CG  1 
ATOM   1013 O  OD1 . ASP A 1 126 ? -2.906  21.142  -8.261  1.00 13.07 0  126 ASP A OD1 1 
ATOM   1014 O  OD2 . ASP A 1 126 ? -4.951  20.415  -7.941  1.00 13.82 -1 126 ASP A OD2 1 
ATOM   1015 N  N   . PRO A 1 127 ? -0.722  21.495  -11.132 1.00 14.05 0  127 PRO A N   1 
ATOM   1016 C  CA  . PRO A 1 127 ? 0.680   21.066  -11.031 1.00 13.86 0  127 PRO A CA  1 
ATOM   1017 C  C   . PRO A 1 127 ? 1.119   20.811  -9.605  1.00 15.31 0  127 PRO A C   1 
ATOM   1018 O  O   . PRO A 1 127 ? 1.980   19.954  -9.387  1.00 13.60 0  127 PRO A O   1 
ATOM   1019 C  CB  . PRO A 1 127 ? 1.448   22.233  -11.665 1.00 15.62 0  127 PRO A CB  1 
ATOM   1020 C  CG  . PRO A 1 127 ? 0.538   23.421  -11.466 1.00 13.54 0  127 PRO A CG  1 
ATOM   1021 C  CD  . PRO A 1 127 ? -0.852  22.889  -11.589 1.00 14.27 0  127 PRO A CD  1 
ATOM   1022 N  N   . HIS A 1 128 ? 0.567   21.529  -8.621  1.00 13.21 0  128 HIS A N   1 
ATOM   1023 C  CA  . HIS A 1 128 ? 0.893   21.215  -7.233  1.00 13.58 0  128 HIS A CA  1 
ATOM   1024 C  C   . HIS A 1 128 ? 0.502   19.786  -6.888  1.00 13.88 0  128 HIS A C   1 
ATOM   1025 O  O   . HIS A 1 128 ? 1.263   19.052  -6.245  1.00 14.31 0  128 HIS A O   1 
ATOM   1026 C  CB  . HIS A 1 128 ? 0.196   22.174  -6.269  1.00 12.75 0  128 HIS A CB  1 
ATOM   1027 C  CG  . HIS A 1 128 ? 0.446   21.823  -4.832  1.00 13.51 0  128 HIS A CG  1 
ATOM   1028 N  ND1 . HIS A 1 128 ? -0.445  21.088  -4.082  1.00 12.47 0  128 HIS A ND1 1 
ATOM   1029 C  CD2 . HIS A 1 128 ? 1.523   22.030  -4.037  1.00 14.10 0  128 HIS A CD2 1 
ATOM   1030 C  CE1 . HIS A 1 128 ? 0.051   20.893  -2.874  1.00 14.14 0  128 HIS A CE1 1 
ATOM   1031 N  NE2 . HIS A 1 128 ? 1.245   21.457  -2.819  1.00 13.60 0  128 HIS A NE2 1 
ATOM   1032 N  N   . LEU A 1 129 ? -0.696  19.378  -7.294  1.00 14.00 0  129 LEU A N   1 
ATOM   1033 C  CA  . LEU A 1 129 ? -1.148  18.034  -6.963  1.00 13.20 0  129 LEU A CA  1 
ATOM   1034 C  C   . LEU A 1 129 ? -0.361  16.991  -7.753  1.00 15.62 0  129 LEU A C   1 
ATOM   1035 O  O   . LEU A 1 129 ? -0.024  15.932  -7.220  1.00 14.50 0  129 LEU A O   1 
ATOM   1036 C  CB  . LEU A 1 129 ? -2.653  17.917  -7.224  1.00 12.18 0  129 LEU A CB  1 
ATOM   1037 C  CG  . LEU A 1 129 ? -3.294  16.552  -6.955  1.00 13.49 0  129 LEU A CG  1 
ATOM   1038 C  CD1 . LEU A 1 129 ? -3.088  16.163  -5.497  1.00 14.69 0  129 LEU A CD1 1 
ATOM   1039 C  CD2 . LEU A 1 129 ? -4.778  16.593  -7.294  1.00 13.08 0  129 LEU A CD2 1 
ATOM   1040 N  N   . CYS A 1 130 ? -0.049  17.281  -9.020  1.00 14.15 0  130 CYS A N   1 
ATOM   1041 C  CA  . CYS A 1 130 ? 0.841   16.412  -9.784  1.00 15.27 0  130 CYS A CA  1 
ATOM   1042 C  C   . CYS A 1 130 ? 2.166   16.211  -9.064  1.00 15.49 0  130 CYS A C   1 
ATOM   1043 O  O   . CYS A 1 130 ? 2.652   15.084  -8.928  1.00 15.72 0  130 CYS A O   1 
ATOM   1044 C  CB  . CYS A 1 130 ? 1.095   17.004  -11.167 1.00 17.68 0  130 CYS A CB  1 
ATOM   1045 S  SG  . CYS A 1 130 ? -0.246  16.753  -12.292 1.00 18.73 0  130 CYS A SG  1 
ATOM   1046 N  N   . ASP A 1 131 ? 2.780   17.311  -8.619  1.00 13.62 0  131 ASP A N   1 
ATOM   1047 C  CA  . ASP A 1 131 ? 4.073   17.212  -7.959  1.00 15.79 0  131 ASP A CA  1 
ATOM   1048 C  C   . ASP A 1 131 ? 3.949   16.471  -6.633  1.00 15.42 0  131 ASP A C   1 
ATOM   1049 O  O   . ASP A 1 131 ? 4.823   15.679  -6.274  1.00 17.68 0  131 ASP A O   1 
ATOM   1050 C  CB  . ASP A 1 131 ? 4.664   18.611  -7.761  1.00 16.53 0  131 ASP A CB  1 
ATOM   1051 C  CG  . ASP A 1 131 ? 5.921   18.596  -6.905  1.00 19.64 0  131 ASP A CG  1 
ATOM   1052 O  OD1 . ASP A 1 131 ? 7.007   18.255  -7.415  1.00 22.43 0  131 ASP A OD1 1 
ATOM   1053 O  OD2 . ASP A 1 131 ? 5.812   18.880  -5.705  1.00 21.61 -1 131 ASP A OD2 1 
ATOM   1054 N  N   . PHE A 1 132 ? 2.851   16.686  -5.911  1.00 13.99 0  132 PHE A N   1 
ATOM   1055 C  CA  . PHE A 1 132 ? 2.633   15.967  -4.658  1.00 14.59 0  132 PHE A CA  1 
ATOM   1056 C  C   . PHE A 1 132 ? 2.605   14.460  -4.894  1.00 12.93 0  132 PHE A C   1 
ATOM   1057 O  O   . PHE A 1 132 ? 3.263   13.695  -4.180  1.00 16.71 0  132 PHE A O   1 
ATOM   1058 C  CB  . PHE A 1 132 ? 1.335   16.459  -4.009  1.00 14.26 0  132 PHE A CB  1 
ATOM   1059 C  CG  . PHE A 1 132 ? 0.908   15.675  -2.791  1.00 16.17 0  132 PHE A CG  1 
ATOM   1060 C  CD1 . PHE A 1 132 ? 0.106   14.547  -2.914  1.00 18.12 0  132 PHE A CD1 1 
ATOM   1061 C  CD2 . PHE A 1 132 ? 1.308   16.069  -1.522  1.00 19.03 0  132 PHE A CD2 1 
ATOM   1062 C  CE1 . PHE A 1 132 ? -0.291  13.830  -1.798  1.00 17.54 0  132 PHE A CE1 1 
ATOM   1063 C  CE2 . PHE A 1 132 ? 0.919   15.348  -0.400  1.00 18.01 0  132 PHE A CE2 1 
ATOM   1064 C  CZ  . PHE A 1 132 ? 0.117   14.231  -0.543  1.00 16.47 0  132 PHE A CZ  1 
ATOM   1065 N  N   . ILE A 1 133 ? 1.870   14.019  -5.913  1.00 14.53 0  133 ILE A N   1 
ATOM   1066 C  CA  . ILE A 1 133 ? 1.765   12.588  -6.195  1.00 15.49 0  133 ILE A CA  1 
ATOM   1067 C  C   . ILE A 1 133 ? 3.110   12.023  -6.635  1.00 14.28 0  133 ILE A C   1 
ATOM   1068 O  O   . ILE A 1 133 ? 3.546   10.973  -6.155  1.00 14.33 0  133 ILE A O   1 
ATOM   1069 C  CB  . ILE A 1 133 ? 0.685   12.340  -7.261  1.00 13.73 0  133 ILE A CB  1 
ATOM   1070 C  CG1 . ILE A 1 133 ? -0.687  12.740  -6.716  1.00 15.15 0  133 ILE A CG1 1 
ATOM   1071 C  CG2 . ILE A 1 133 ? 0.713   10.873  -7.710  1.00 15.25 0  133 ILE A CG2 1 
ATOM   1072 C  CD1 . ILE A 1 133 ? -1.733  12.903  -7.807  1.00 17.64 0  133 ILE A CD1 1 
ATOM   1073 N  N   . GLU A 1 134 ? 3.765   12.692  -7.584  1.00 14.82 0  134 GLU A N   1 
ATOM   1074 C  CA  . GLU A 1 134 ? 5.084   12.260  -8.042  1.00 16.68 0  134 GLU A CA  1 
ATOM   1075 C  C   . GLU A 1 134 ? 6.090   12.197  -6.899  1.00 19.50 0  134 GLU A C   1 
ATOM   1076 O  O   . GLU A 1 134 ? 6.843   11.222  -6.767  1.00 19.14 0  134 GLU A O   1 
ATOM   1077 C  CB  . GLU A 1 134 ? 5.581   13.213  -9.126  1.00 17.12 0  134 GLU A CB  1 
ATOM   1078 C  CG  . GLU A 1 134 ? 4.799   13.118  -10.412 1.00 16.39 0  134 GLU A CG  1 
ATOM   1079 C  CD  . GLU A 1 134 ? 5.116   14.244  -11.363 1.00 19.23 0  134 GLU A CD  1 
ATOM   1080 O  OE1 . GLU A 1 134 ? 6.312   14.487  -11.612 1.00 22.93 0  134 GLU A OE1 1 
ATOM   1081 O  OE2 . GLU A 1 134 ? 4.171   14.873  -11.880 1.00 21.00 -1 134 GLU A OE2 1 
ATOM   1082 N  N   . THR A 1 135 ? 6.116   13.236  -6.062  1.00 17.94 0  135 THR A N   1 
ATOM   1083 C  CA  . THR A 1 135 ? 7.166   13.374  -5.057  1.00 18.30 0  135 THR A CA  1 
ATOM   1084 C  C   . THR A 1 135 ? 7.001   12.381  -3.915  1.00 19.86 0  135 THR A C   1 
ATOM   1085 O  O   . THR A 1 135 ? 7.990   11.825  -3.420  1.00 21.72 0  135 THR A O   1 
ATOM   1086 C  CB  . THR A 1 135 ? 7.166   14.802  -4.506  1.00 20.25 0  135 THR A CB  1 
ATOM   1087 O  OG1 . THR A 1 135 ? 7.557   15.711  -5.544  1.00 21.34 0  135 THR A OG1 1 
ATOM   1088 C  CG2 . THR A 1 135 ? 8.128   14.926  -3.327  1.00 23.55 0  135 THR A CG2 1 
ATOM   1089 N  N   . HIS A 1 136 ? 5.770   12.156  -3.461  1.00 16.70 0  136 HIS A N   1 
ATOM   1090 C  CA  . HIS A 1 136 ? 5.550   11.375  -2.257  1.00 17.21 0  136 HIS A CA  1 
ATOM   1091 C  C   . HIS A 1 136 ? 5.013   9.977   -2.516  1.00 18.57 0  136 HIS A C   1 
ATOM   1092 O  O   . HIS A 1 136 ? 5.056   9.143   -1.605  1.00 18.49 0  136 HIS A O   1 
ATOM   1093 C  CB  . HIS A 1 136 ? 4.597   12.130  -1.317  1.00 20.68 0  136 HIS A CB  1 
ATOM   1094 C  CG  . HIS A 1 136 ? 5.133   13.459  -0.872  1.00 23.90 0  136 HIS A CG  1 
ATOM   1095 N  ND1 . HIS A 1 136 ? 6.175   13.579  0.023   1.00 27.66 0  136 HIS A ND1 1 
ATOM   1096 C  CD2 . HIS A 1 136 ? 4.814   14.721  -1.249  1.00 23.99 0  136 HIS A CD2 1 
ATOM   1097 C  CE1 . HIS A 1 136 ? 6.454   14.859  0.202   1.00 29.58 0  136 HIS A CE1 1 
ATOM   1098 N  NE2 . HIS A 1 136 ? 5.646   15.573  -0.562  1.00 27.23 0  136 HIS A NE2 1 
ATOM   1099 N  N   . TYR A 1 137 ? 4.524   9.687   -3.722  1.00 16.02 0  137 TYR A N   1 
ATOM   1100 C  CA  . TYR A 1 137 ? 3.833   8.414   -3.905  1.00 14.41 0  137 TYR A CA  1 
ATOM   1101 C  C   . TYR A 1 137 ? 4.360   7.575   -5.060  1.00 15.22 0  137 TYR A C   1 
ATOM   1102 O  O   . TYR A 1 137 ? 4.494   6.362   -4.900  1.00 15.24 0  137 TYR A O   1 
ATOM   1103 C  CB  . TYR A 1 137 ? 2.300   8.660   -4.068  1.00 14.26 0  137 TYR A CB  1 
ATOM   1104 C  CG  . TYR A 1 137 ? 1.686   9.111   -2.758  1.00 15.94 0  137 TYR A CG  1 
ATOM   1105 C  CD1 . TYR A 1 137 ? 1.765   10.431  -2.352  1.00 16.60 0  137 TYR A CD1 1 
ATOM   1106 C  CD2 . TYR A 1 137 ? 1.084   8.197   -1.897  1.00 18.30 0  137 TYR A CD2 1 
ATOM   1107 C  CE1 . TYR A 1 137 ? 1.252   10.834  -1.128  1.00 16.10 0  137 TYR A CE1 1 
ATOM   1108 C  CE2 . TYR A 1 137 ? 0.560   8.596   -0.672  1.00 17.17 0  137 TYR A CE2 1 
ATOM   1109 C  CZ  . TYR A 1 137 ? 0.649   9.917   -0.296  1.00 16.74 0  137 TYR A CZ  1 
ATOM   1110 O  OH  . TYR A 1 137 ? 0.144   10.326  0.926   1.00 14.14 0  137 TYR A OH  1 
ATOM   1111 N  N   . LEU A 1 138 ? 4.669   8.174   -6.219  1.00 14.25 0  138 LEU A N   1 
ATOM   1112 C  CA  . LEU A 1 138 ? 4.900   7.319   -7.387  1.00 14.19 0  138 LEU A CA  1 
ATOM   1113 C  C   . LEU A 1 138 ? 6.204   6.535   -7.271  1.00 15.04 0  138 LEU A C   1 
ATOM   1114 O  O   . LEU A 1 138 ? 6.233   5.339   -7.585  1.00 13.66 0  138 LEU A O   1 
ATOM   1115 C  CB  . LEU A 1 138 ? 4.872   8.126   -8.688  1.00 15.47 0  138 LEU A CB  1 
ATOM   1116 C  CG  . LEU A 1 138 ? 3.534   8.795   -9.014  1.00 14.06 0  138 LEU A CG  1 
ATOM   1117 C  CD1 . LEU A 1 138 ? 3.590   9.428   -10.413 1.00 14.22 0  138 LEU A CD1 1 
ATOM   1118 C  CD2 . LEU A 1 138 ? 2.351   7.828   -8.890  1.00 15.96 0  138 LEU A CD2 1 
ATOM   1119 N  N   . ASN A 1 139 ? 7.295   7.167   -6.825  1.00 14.43 0  139 ASN A N   1 
ATOM   1120 C  CA  . ASN A 1 139 ? 8.518   6.373   -6.706  1.00 16.40 0  139 ASN A CA  1 
ATOM   1121 C  C   . ASN A 1 139 ? 8.459   5.423   -5.517  1.00 15.96 0  139 ASN A C   1 
ATOM   1122 O  O   . ASN A 1 139 ? 9.065   4.347   -5.565  1.00 15.03 0  139 ASN A O   1 
ATOM   1123 C  CB  . ASN A 1 139 ? 9.777   7.241   -6.602  1.00 16.99 0  139 ASN A CB  1 
ATOM   1124 C  CG  . ASN A 1 139 ? 11.065  6.419   -6.836  1.00 19.91 0  139 ASN A CG  1 
ATOM   1125 O  OD1 . ASN A 1 139 ? 11.158  5.673   -7.815  1.00 17.67 0  139 ASN A OD1 1 
ATOM   1126 N  ND2 . ASN A 1 139 ? 12.039  6.536   -5.927  1.00 17.55 0  139 ASN A ND2 1 
ATOM   1127 N  N   . GLU A 1 140 ? 7.748   5.795   -4.444  1.00 15.97 0  140 GLU A N   1 
ATOM   1128 C  CA  . GLU A 1 140 ? 7.537   4.848   -3.354  1.00 15.83 0  140 GLU A CA  1 
ATOM   1129 C  C   . GLU A 1 140 ? 6.885   3.567   -3.865  1.00 16.64 0  140 GLU A C   1 
ATOM   1130 O  O   . GLU A 1 140 ? 7.288   2.464   -3.480  1.00 15.39 0  140 GLU A O   1 
ATOM   1131 C  CB  . GLU A 1 140 ? 6.670   5.471   -2.252  1.00 18.37 0  140 GLU A CB  1 
ATOM   1132 C  CG  . GLU A 1 140 ? 6.151   4.449   -1.241  1.00 21.04 0  140 GLU A CG  1 
ATOM   1133 C  CD  . GLU A 1 140 ? 7.251   3.681   -0.508  1.00 28.77 0  140 GLU A CD  1 
ATOM   1134 O  OE1 . GLU A 1 140 ? 8.404   4.179   -0.429  1.00 27.88 0  140 GLU A OE1 1 
ATOM   1135 O  OE2 . GLU A 1 140 ? 6.959   2.553   -0.038  1.00 32.13 -1 140 GLU A OE2 1 
ATOM   1136 N  N   . GLN A 1 141 ? 5.870   3.693   -4.730  1.00 14.75 0  141 GLN A N   1 
ATOM   1137 C  CA  . GLN A 1 141 ? 5.229   2.502   -5.280  1.00 14.96 0  141 GLN A CA  1 
ATOM   1138 C  C   . GLN A 1 141 ? 6.181   1.710   -6.164  1.00 13.60 0  141 GLN A C   1 
ATOM   1139 O  O   . GLN A 1 141 ? 6.211   0.479   -6.096  1.00 12.65 0  141 GLN A O   1 
ATOM   1140 C  CB  . GLN A 1 141 ? 3.974   2.867   -6.070  1.00 15.25 0  141 GLN A CB  1 
ATOM   1141 C  CG  . GLN A 1 141 ? 2.828   3.333   -5.199  1.00 14.87 0  141 GLN A CG  1 
ATOM   1142 C  CD  . GLN A 1 141 ? 2.636   2.412   -4.020  1.00 17.98 0  141 GLN A CD  1 
ATOM   1143 O  OE1 . GLN A 1 141 ? 2.959   2.761   -2.875  1.00 20.57 0  141 GLN A OE1 1 
ATOM   1144 N  NE2 . GLN A 1 141 ? 2.189   1.195   -4.297  1.00 16.22 0  141 GLN A NE2 1 
ATOM   1145 N  N   . VAL A 1 142 ? 6.942   2.389   -7.024  1.00 14.07 0  142 VAL A N   1 
ATOM   1146 C  CA  . VAL A 1 142 ? 7.871   1.666   -7.889  1.00 12.46 0  142 VAL A CA  1 
ATOM   1147 C  C   . VAL A 1 142 ? 8.883   0.888   -7.052  1.00 12.59 0  142 VAL A C   1 
ATOM   1148 O  O   . VAL A 1 142 ? 9.195   -0.273  -7.349  1.00 13.09 0  142 VAL A O   1 
ATOM   1149 C  CB  . VAL A 1 142 ? 8.559   2.637   -8.864  1.00 14.07 0  142 VAL A CB  1 
ATOM   1150 C  CG1 . VAL A 1 142 ? 9.817   2.001   -9.443  1.00 11.66 0  142 VAL A CG1 1 
ATOM   1151 C  CG2 . VAL A 1 142 ? 7.574   3.047   -9.985  1.00 13.95 0  142 VAL A CG2 1 
ATOM   1152 N  N   . LYS A 1 143 ? 9.400   1.498   -5.983  1.00 12.18 0  143 LYS A N   1 
ATOM   1153 C  CA  . LYS A 1 143 ? 10.359  0.779   -5.151  1.00 13.80 0  143 LYS A CA  1 
ATOM   1154 C  C   . LYS A 1 143 ? 9.687   -0.372  -4.409  1.00 14.87 0  143 LYS A C   1 
ATOM   1155 O  O   . LYS A 1 143 ? 10.254  -1.467  -4.302  1.00 14.43 0  143 LYS A O   1 
ATOM   1156 C  CB  . LYS A 1 143 ? 11.040  1.722   -4.159  1.00 16.07 0  143 LYS A CB  1 
ATOM   1157 C  CG  . LYS A 1 143 ? 11.936  2.770   -4.799  1.00 17.97 0  143 LYS A CG  1 
ATOM   1158 C  CD  . LYS A 1 143 ? 12.611  3.618   -3.720  1.00 19.15 0  143 LYS A CD  1 
ATOM   1159 C  CE  . LYS A 1 143 ? 11.608  4.290   -2.801  1.00 22.37 0  143 LYS A CE  1 
ATOM   1160 N  NZ  . LYS A 1 143 ? 12.304  5.187   -1.827  1.00 30.08 1  143 LYS A NZ  1 
ATOM   1161 N  N   . ALA A 1 144 ? 8.474   -0.146  -3.904  1.00 14.75 0  144 ALA A N   1 
ATOM   1162 C  CA  . ALA A 1 144 ? 7.749   -1.203  -3.197  1.00 14.71 0  144 ALA A CA  1 
ATOM   1163 C  C   . ALA A 1 144 ? 7.478   -2.392  -4.111  1.00 13.14 0  144 ALA A C   1 
ATOM   1164 O  O   . ALA A 1 144 ? 7.663   -3.551  -3.720  1.00 14.48 0  144 ALA A O   1 
ATOM   1165 C  CB  . ALA A 1 144 ? 6.435   -0.644  -2.640  1.00 16.86 0  144 ALA A CB  1 
ATOM   1166 N  N   . ILE A 1 145 ? 7.024   -2.117  -5.336  1.00 13.31 0  145 ILE A N   1 
ATOM   1167 C  CA  . ILE A 1 145 ? 6.714   -3.182  -6.282  1.00 12.00 0  145 ILE A CA  1 
ATOM   1168 C  C   . ILE A 1 145 ? 7.978   -3.944  -6.660  1.00 13.70 0  145 ILE A C   1 
ATOM   1169 O  O   . ILE A 1 145 ? 7.976   -5.183  -6.725  1.00 13.77 0  145 ILE A O   1 
ATOM   1170 C  CB  . ILE A 1 145 ? 5.989   -2.595  -7.509  1.00 12.89 0  145 ILE A CB  1 
ATOM   1171 C  CG1 . ILE A 1 145 ? 4.594   -2.110  -7.092  1.00 12.74 0  145 ILE A CG1 1 
ATOM   1172 C  CG2 . ILE A 1 145 ? 5.886   -3.619  -8.640  1.00 12.79 0  145 ILE A CG2 1 
ATOM   1173 C  CD1 . ILE A 1 145 ? 3.995   -1.068  -8.043  1.00 14.73 0  145 ILE A CD1 1 
ATOM   1174 N  N   . LYS A 1 146 ? 9.079   -3.227  -6.876  1.00 12.05 0  146 LYS A N   1 
ATOM   1175 C  CA  . LYS A 1 146 ? 10.341  -3.894  -7.200  1.00 13.40 0  146 LYS A CA  1 
ATOM   1176 C  C   . LYS A 1 146 ? 10.772  -4.807  -6.056  1.00 13.89 0  146 LYS A C   1 
ATOM   1177 O  O   . LYS A 1 146 ? 11.155  -5.958  -6.282  1.00 13.07 0  146 LYS A O   1 
ATOM   1178 C  CB  . LYS A 1 146 ? 11.426  -2.856  -7.516  1.00 11.46 0  146 LYS A CB  1 
ATOM   1179 C  CG  . LYS A 1 146 ? 12.816  -3.438  -7.807  1.00 12.94 0  146 LYS A CG  1 
ATOM   1180 C  CD  . LYS A 1 146 ? 12.790  -4.433  -8.987  1.00 13.73 0  146 LYS A CD  1 
ATOM   1181 C  CE  . LYS A 1 146 ? 14.210  -4.695  -9.532  1.00 12.34 0  146 LYS A CE  1 
ATOM   1182 N  NZ  . LYS A 1 146 ? 15.069  -5.413  -8.536  1.00 13.20 1  146 LYS A NZ  1 
ATOM   1183 N  N   . GLU A 1 147 ? 10.688  -4.309  -4.814  1.00 12.84 0  147 GLU A N   1 
ATOM   1184 C  CA  . GLU A 1 147 ? 11.073  -5.105  -3.647  1.00 16.39 0  147 GLU A CA  1 
ATOM   1185 C  C   . GLU A 1 147 ? 10.244  -6.375  -3.535  1.00 14.68 0  147 GLU A C   1 
ATOM   1186 O  O   . GLU A 1 147 ? 10.776  -7.466  -3.294  1.00 14.36 0  147 GLU A O   1 
ATOM   1187 C  CB  . GLU A 1 147 ? 10.916  -4.277  -2.375  1.00 14.63 0  147 GLU A CB  1 
ATOM   1188 C  CG  . GLU A 1 147 ? 11.243  -5.050  -1.119  1.00 17.68 0  147 GLU A CG  1 
ATOM   1189 C  CD  . GLU A 1 147 ? 11.281  -4.149  0.084   1.00 21.23 0  147 GLU A CD  1 
ATOM   1190 O  OE1 . GLU A 1 147 ? 12.302  -3.467  0.267   1.00 24.22 0  147 GLU A OE1 1 
ATOM   1191 O  OE2 . GLU A 1 147 ? 10.273  -4.087  0.815   1.00 21.70 -1 147 GLU A OE2 1 
ATOM   1192 N  N   . LEU A 1 148 ? 8.926   -6.242  -3.670  1.00 13.44 0  148 LEU A N   1 
ATOM   1193 C  CA  . LEU A 1 148 ? 8.053   -7.401  -3.563  1.00 12.62 0  148 LEU A CA  1 
ATOM   1194 C  C   . LEU A 1 148 ? 8.315   -8.396  -4.684  1.00 14.79 0  148 LEU A C   1 
ATOM   1195 O  O   . LEU A 1 148 ? 8.322   -9.612  -4.456  1.00 13.90 0  148 LEU A O   1 
ATOM   1196 C  CB  . LEU A 1 148 ? 6.601   -6.934  -3.565  1.00 12.34 0  148 LEU A CB  1 
ATOM   1197 C  CG  . LEU A 1 148 ? 6.267   -6.251  -2.239  1.00 13.64 0  148 LEU A CG  1 
ATOM   1198 C  CD1 . LEU A 1 148 ? 4.966   -5.457  -2.335  1.00 13.60 0  148 LEU A CD1 1 
ATOM   1199 C  CD2 . LEU A 1 148 ? 6.191   -7.322  -1.137  1.00 14.46 0  148 LEU A CD2 1 
ATOM   1200 N  N   . GLY A 1 149 ? 8.541   -7.905  -5.902  1.00 11.92 0  149 GLY A N   1 
ATOM   1201 C  CA  . GLY A 1 149 ? 8.865   -8.815  -6.995  1.00 12.38 0  149 GLY A CA  1 
ATOM   1202 C  C   . GLY A 1 149 ? 10.138  -9.592  -6.722  1.00 13.74 0  149 GLY A C   1 
ATOM   1203 O  O   . GLY A 1 149 ? 10.204  -10.803 -6.959  1.00 14.05 0  149 GLY A O   1 
ATOM   1204 N  N   . ASP A 1 150 ? 11.164  -8.902  -6.213  1.00 11.91 0  150 ASP A N   1 
ATOM   1205 C  CA  . ASP A 1 150 ? 12.395  -9.551  -5.769  1.00 14.26 0  150 ASP A CA  1 
ATOM   1206 C  C   . ASP A 1 150 ? 12.099  -10.661 -4.768  1.00 12.37 0  150 ASP A C   1 
ATOM   1207 O  O   . ASP A 1 150 ? 12.637  -11.770 -4.868  1.00 14.14 0  150 ASP A O   1 
ATOM   1208 C  CB  . ASP A 1 150 ? 13.318  -8.519  -5.112  1.00 13.06 0  150 ASP A CB  1 
ATOM   1209 C  CG  . ASP A 1 150 ? 13.953  -7.553  -6.102  1.00 16.77 0  150 ASP A CG  1 
ATOM   1210 O  OD1 . ASP A 1 150 ? 13.742  -7.667  -7.320  1.00 14.34 0  150 ASP A OD1 1 
ATOM   1211 O  OD2 . ASP A 1 150 ? 14.649  -6.635  -5.629  1.00 17.06 -1 150 ASP A OD2 1 
ATOM   1212 N  N   . HIS A 1 151 ? 11.271  -10.356 -3.764  1.00 14.11 0  151 HIS A N   1 
ATOM   1213 C  CA  . HIS A 1 151 ? 10.966  -11.325 -2.711  1.00 13.55 0  151 HIS A CA  1 
ATOM   1214 C  C   . HIS A 1 151 ? 10.242  -12.538 -3.276  1.00 13.77 0  151 HIS A C   1 
ATOM   1215 O  O   . HIS A 1 151 ? 10.547  -13.685 -2.923  1.00 15.06 0  151 HIS A O   1 
ATOM   1216 C  CB  . HIS A 1 151 ? 10.106  -10.660 -1.630  1.00 14.34 0  151 HIS A CB  1 
ATOM   1217 C  CG  . HIS A 1 151 ? 10.848  -9.700  -0.749  1.00 14.62 0  151 HIS A CG  1 
ATOM   1218 N  ND1 . HIS A 1 151 ? 12.217  -9.545  -0.792  1.00 16.12 0  151 HIS A ND1 1 
ATOM   1219 C  CD2 . HIS A 1 151 ? 10.402  -8.842  0.203   1.00 15.03 0  151 HIS A CD2 1 
ATOM   1220 C  CE1 . HIS A 1 151 ? 12.583  -8.636  0.098   1.00 16.36 0  151 HIS A CE1 1 
ATOM   1221 N  NE2 . HIS A 1 151 ? 11.501  -8.195  0.714   1.00 16.15 0  151 HIS A NE2 1 
ATOM   1222 N  N   . VAL A 1 152 ? 9.243   -12.294 -4.124  1.00 13.84 0  152 VAL A N   1 
ATOM   1223 C  CA  . VAL A 1 152 ? 8.490   -13.378 -4.751  1.00 13.39 0  152 VAL A CA  1 
ATOM   1224 C  C   . VAL A 1 152 ? 9.421   -14.269 -5.564  1.00 14.96 0  152 VAL A C   1 
ATOM   1225 O  O   . VAL A 1 152 ? 9.356   -15.504 -5.484  1.00 14.50 0  152 VAL A O   1 
ATOM   1226 C  CB  . VAL A 1 152 ? 7.356   -12.783 -5.614  1.00 13.88 0  152 VAL A CB  1 
ATOM   1227 C  CG1 . VAL A 1 152 ? 6.758   -13.834 -6.498  1.00 16.21 0  152 VAL A CG1 1 
ATOM   1228 C  CG2 . VAL A 1 152 ? 6.270   -12.183 -4.723  1.00 14.01 0  152 VAL A CG2 1 
ATOM   1229 N  N   . THR A 1 153 ? 10.314  -13.658 -6.345  1.00 11.84 0  153 THR A N   1 
ATOM   1230 C  CA  . THR A 1 153 ? 11.263  -14.428 -7.148  1.00 12.20 0  153 THR A CA  1 
ATOM   1231 C  C   . THR A 1 153 ? 12.137  -15.334 -6.286  1.00 14.36 0  153 THR A C   1 
ATOM   1232 O  O   . THR A 1 153 ? 12.343  -16.507 -6.618  1.00 14.50 0  153 THR A O   1 
ATOM   1233 C  CB  . THR A 1 153 ? 12.133  -13.490 -7.974  1.00 13.61 0  153 THR A CB  1 
ATOM   1234 O  OG1 . THR A 1 153 ? 11.330  -12.844 -8.969  1.00 12.05 0  153 THR A OG1 1 
ATOM   1235 C  CG2 . THR A 1 153 ? 13.277  -14.267 -8.632  1.00 13.94 0  153 THR A CG2 1 
ATOM   1236 N  N   . ASN A 1 154 ? 12.695  -14.795 -5.199  1.00 11.92 0  154 ASN A N   1 
ATOM   1237 C  CA  . ASN A 1 154 ? 13.547  -15.600 -4.323  1.00 14.86 0  154 ASN A CA  1 
ATOM   1238 C  C   . ASN A 1 154 ? 12.770  -16.742 -3.675  1.00 16.07 0  154 ASN A C   1 
ATOM   1239 O  O   . ASN A 1 154 ? 13.241  -17.886 -3.637  1.00 16.02 0  154 ASN A O   1 
ATOM   1240 C  CB  . ASN A 1 154 ? 14.198  -14.710 -3.264  1.00 13.93 0  154 ASN A CB  1 
ATOM   1241 C  CG  . ASN A 1 154 ? 15.458  -14.049 -3.785  1.00 14.25 0  154 ASN A CG  1 
ATOM   1242 O  OD1 . ASN A 1 154 ? 16.475  -14.712 -3.973  1.00 13.33 0  154 ASN A OD1 1 
ATOM   1243 N  ND2 . ASN A 1 154 ? 15.375  -12.764 -4.088  1.00 14.44 0  154 ASN A ND2 1 
ATOM   1244 N  N   . LEU A 1 155 ? 11.577  -16.455 -3.153  1.00 13.78 0  155 LEU A N   1 
ATOM   1245 C  CA  . LEU A 1 155 ? 10.793  -17.520 -2.532  1.00 14.21 0  155 LEU A CA  1 
ATOM   1246 C  C   . LEU A 1 155 ? 10.472  -18.633 -3.535  1.00 17.28 0  155 LEU A C   1 
ATOM   1247 O  O   . LEU A 1 155 ? 10.560  -19.822 -3.202  1.00 17.81 0  155 LEU A O   1 
ATOM   1248 C  CB  . LEU A 1 155 ? 9.519   -16.927 -1.921  1.00 15.47 0  155 LEU A CB  1 
ATOM   1249 C  CG  . LEU A 1 155 ? 9.779   -16.212 -0.589  1.00 14.71 0  155 LEU A CG  1 
ATOM   1250 C  CD1 . LEU A 1 155 ? 8.629   -15.298 -0.182  1.00 15.61 0  155 LEU A CD1 1 
ATOM   1251 C  CD2 . LEU A 1 155 ? 10.024  -17.240 0.518   1.00 15.33 0  155 LEU A CD2 1 
ATOM   1252 N  N   . ARG A 1 156 ? 10.121  -18.271 -4.778  1.00 17.00 0  156 ARG A N   1 
ATOM   1253 C  CA  . ARG A 1 156 ? 9.852   -19.288 -5.794  1.00 15.98 0  156 ARG A CA  1 
ATOM   1254 C  C   . ARG A 1 156 ? 11.096  -20.109 -6.097  1.00 17.33 0  156 ARG A C   1 
ATOM   1255 O  O   . ARG A 1 156 ? 11.047  -21.345 -6.123  1.00 17.69 0  156 ARG A O   1 
ATOM   1256 C  CB  . ARG A 1 156 ? 9.342   -18.649 -7.085  1.00 17.02 0  156 ARG A CB  1 
ATOM   1257 C  CG  . ARG A 1 156 ? 8.003   -17.977 -6.995  1.00 20.28 0  156 ARG A CG  1 
ATOM   1258 C  CD  . ARG A 1 156 ? 7.571   -17.501 -8.380  1.00 21.00 0  156 ARG A CD  1 
ATOM   1259 N  NE  . ARG A 1 156 ? 6.236   -16.920 -8.336  1.00 25.09 0  156 ARG A NE  1 
ATOM   1260 C  CZ  . ARG A 1 156 ? 5.891   -15.787 -8.930  1.00 28.39 0  156 ARG A CZ  1 
ATOM   1261 N  NH1 . ARG A 1 156 ? 6.770   -15.068 -9.621  1.00 27.80 1  156 ARG A NH1 1 
ATOM   1262 N  NH2 . ARG A 1 156 ? 4.639   -15.351 -8.811  1.00 30.04 0  156 ARG A NH2 1 
ATOM   1263 N  N   . LYS A 1 157 ? 12.217  -19.431 -6.355  1.00 16.12 0  157 LYS A N   1 
ATOM   1264 C  CA  . LYS A 1 157 ? 13.453  -20.125 -6.698  1.00 18.36 0  157 LYS A CA  1 
ATOM   1265 C  C   . LYS A 1 157 ? 13.932  -21.013 -5.562  1.00 20.56 0  157 LYS A C   1 
ATOM   1266 O  O   . LYS A 1 157 ? 14.522  -22.069 -5.814  1.00 19.19 0  157 LYS A O   1 
ATOM   1267 C  CB  . LYS A 1 157 ? 14.536  -19.113 -7.062  1.00 21.26 0  157 LYS A CB  1 
ATOM   1268 C  CG  . LYS A 1 157 ? 14.354  -18.536 -8.448  1.00 24.19 0  157 LYS A CG  1 
ATOM   1269 C  CD  . LYS A 1 157 ? 15.568  -17.758 -8.886  1.00 29.98 0  157 LYS A CD  1 
ATOM   1270 C  CE  . LYS A 1 157 ? 15.359  -17.165 -10.271 1.00 24.68 0  157 LYS A CE  1 
ATOM   1271 N  NZ  . LYS A 1 157 ? 15.310  -18.242 -11.320 1.00 33.95 1  157 LYS A NZ  1 
ATOM   1272 N  N   . MET A 1 158 ? 13.694  -20.610 -4.312  1.00 18.26 0  158 MET A N   1 
ATOM   1273 C  CA  . MET A 1 158 ? 14.111  -21.447 -3.195  1.00 18.11 0  158 MET A CA  1 
ATOM   1274 C  C   . MET A 1 158 ? 13.221  -22.660 -2.988  1.00 19.82 0  158 MET A C   1 
ATOM   1275 O  O   . MET A 1 158 ? 13.588  -23.532 -2.189  1.00 19.73 0  158 MET A O   1 
ATOM   1276 C  CB  . MET A 1 158 ? 14.161  -20.668 -1.872  1.00 17.75 0  158 MET A CB  1 
ATOM   1277 C  CG  . MET A 1 158 ? 15.081  -19.469 -1.864  1.00 17.34 0  158 MET A CG  1 
ATOM   1278 S  SD  . MET A 1 158 ? 14.725  -18.376 -0.488  1.00 17.52 0  158 MET A SD  1 
ATOM   1279 C  CE  . MET A 1 158 ? 15.308  -19.386 0.874   1.00 15.73 0  158 MET A CE  1 
ATOM   1280 N  N   . GLY A 1 159 ? 12.072  -22.725 -3.653  1.00 19.12 0  159 GLY A N   1 
ATOM   1281 C  CA  . GLY A 1 159 ? 11.193  -23.874 -3.588  1.00 20.88 0  159 GLY A CA  1 
ATOM   1282 C  C   . GLY A 1 159 ? 9.936   -23.694 -2.766  1.00 26.99 0  159 GLY A C   1 
ATOM   1283 O  O   . GLY A 1 159 ? 9.278   -24.692 -2.448  1.00 27.29 0  159 GLY A O   1 
ATOM   1284 N  N   . ALA A 1 160 ? 9.586   -22.464 -2.398  1.00 24.02 0  160 ALA A N   1 
ATOM   1285 C  CA  . ALA A 1 160 ? 8.333   -22.216 -1.699  1.00 29.09 0  160 ALA A CA  1 
ATOM   1286 C  C   . ALA A 1 160 ? 7.156   -22.310 -2.676  1.00 34.12 0  160 ALA A C   1 
ATOM   1287 O  O   . ALA A 1 160 ? 7.330   -22.164 -3.889  1.00 26.80 0  160 ALA A O   1 
ATOM   1288 C  CB  . ALA A 1 160 ? 8.372   -20.842 -1.028  1.00 26.51 0  160 ALA A CB  1 
ATOM   1289 N  N   . PRO A 1 161 ? 5.934   -22.555 -2.170  1.00 41.31 0  161 PRO A N   1 
ATOM   1290 C  CA  . PRO A 1 161 ? 5.584   -22.711 -0.756  1.00 40.89 0  161 PRO A CA  1 
ATOM   1291 C  C   . PRO A 1 161 ? 5.678   -24.144 -0.251  1.00 44.01 0  161 PRO A C   1 
ATOM   1292 O  O   . PRO A 1 161 ? 5.408   -24.357 0.932   1.00 41.76 0  161 PRO A O   1 
ATOM   1293 C  CB  . PRO A 1 161 ? 4.136   -22.213 -0.701  1.00 50.79 0  161 PRO A CB  1 
ATOM   1294 C  CG  . PRO A 1 161 ? 3.584   -22.492 -2.070  1.00 58.05 0  161 PRO A CG  1 
ATOM   1295 C  CD  . PRO A 1 161 ? 4.742   -22.627 -3.036  1.00 50.77 0  161 PRO A CD  1 
ATOM   1296 N  N   . GLU A 1 162 ? 6.053   -25.096 -1.110  1.00 40.70 0  162 GLU A N   1 
ATOM   1297 C  CA  . GLU A 1 162 ? 6.219   -26.473 -0.651  1.00 43.95 0  162 GLU A CA  1 
ATOM   1298 C  C   . GLU A 1 162 ? 7.261   -26.547 0.454   1.00 43.88 0  162 GLU A C   1 
ATOM   1299 O  O   . GLU A 1 162 ? 6.961   -26.936 1.590   1.00 47.29 0  162 GLU A O   1 
ATOM   1300 C  CB  . GLU A 1 162 ? 6.627   -27.399 -1.802  1.00 43.99 0  162 GLU A CB  1 
ATOM   1301 C  CG  . GLU A 1 162 ? 5.640   -27.516 -2.949  1.00 51.34 0  162 GLU A CG  1 
ATOM   1302 C  CD  . GLU A 1 162 ? 5.929   -26.517 -4.049  1.00 51.74 0  162 GLU A CD  1 
ATOM   1303 O  OE1 . GLU A 1 162 ? 5.949   -25.304 -3.756  1.00 46.72 0  162 GLU A OE1 1 
ATOM   1304 O  OE2 . GLU A 1 162 ? 6.155   -26.948 -5.200  1.00 55.92 -1 162 GLU A OE2 1 
ATOM   1305 N  N   . SER A 1 163 ? 8.502   -26.184 0.128   1.00 41.35 0  163 SER A N   1 
ATOM   1306 C  CA  . SER A 1 163 ? 9.622   -26.260 1.058   1.00 35.63 0  163 SER A CA  1 
ATOM   1307 C  C   . SER A 1 163 ? 9.413   -25.338 2.256   1.00 36.04 0  163 SER A C   1 
ATOM   1308 O  O   . SER A 1 163 ? 9.522   -24.110 2.139   1.00 31.39 0  163 SER A O   1 
ATOM   1309 C  CB  . SER A 1 163 ? 10.921  -25.917 0.326   1.00 32.02 0  163 SER A CB  1 
ATOM   1310 O  OG  . SER A 1 163 ? 12.027  -25.902 1.205   1.00 33.12 0  163 SER A OG  1 
ATOM   1311 N  N   . GLY A 1 164 ? 9.078   -25.919 3.410   1.00 36.62 0  164 GLY A N   1 
ATOM   1312 C  CA  . GLY A 1 164 ? 9.045   -25.138 4.633   1.00 33.19 0  164 GLY A CA  1 
ATOM   1313 C  C   . GLY A 1 164 ? 10.411  -24.605 5.007   1.00 26.53 0  164 GLY A C   1 
ATOM   1314 O  O   . GLY A 1 164 ? 10.515  -23.525 5.603   1.00 25.97 0  164 GLY A O   1 
ATOM   1315 N  N   . LEU A 1 165 ? 11.471  -25.351 4.650   1.00 24.59 0  165 LEU A N   1 
ATOM   1316 C  CA  . LEU A 1 165 ? 12.851  -24.878 4.795   1.00 24.04 0  165 LEU A CA  1 
ATOM   1317 C  C   . LEU A 1 165 ? 13.087  -23.563 4.049   1.00 19.51 0  165 LEU A C   1 
ATOM   1318 O  O   . LEU A 1 165 ? 13.775  -22.667 4.557   1.00 17.19 0  165 LEU A O   1 
ATOM   1319 C  CB  . LEU A 1 165 ? 13.813  -25.952 4.285   1.00 29.82 0  165 LEU A CB  1 
ATOM   1320 C  CG  . LEU A 1 165 ? 15.287  -25.880 4.702   1.00 25.22 0  165 LEU A CG  1 
ATOM   1321 C  CD1 . LEU A 1 165 ? 15.380  -25.813 6.218   1.00 24.69 0  165 LEU A CD1 1 
ATOM   1322 C  CD2 . LEU A 1 165 ? 16.099  -27.064 4.188   1.00 25.44 0  165 LEU A CD2 1 
ATOM   1323 N  N   . ALA A 1 166 ? 12.528  -23.428 2.843   1.00 19.85 0  166 ALA A N   1 
ATOM   1324 C  CA  . ALA A 1 166 ? 12.694  -22.198 2.073   1.00 19.08 0  166 ALA A CA  1 
ATOM   1325 C  C   . ALA A 1 166 ? 12.096  -20.993 2.793   1.00 18.08 0  166 ALA A C   1 
ATOM   1326 O  O   . ALA A 1 166 ? 12.735  -19.936 2.902   1.00 13.34 0  166 ALA A O   1 
ATOM   1327 C  CB  . ALA A 1 166 ? 12.059  -22.352 0.689   1.00 20.92 0  166 ALA A CB  1 
ATOM   1328 N  N   . GLU A 1 167 ? 10.846  -21.100 3.247   1.00 14.28 0  167 GLU A N   1 
ATOM   1329 C  CA  . GLU A 1 167 ? 10.264  -19.939 3.915   1.00 15.25 0  167 GLU A CA  1 
ATOM   1330 C  C   . GLU A 1 167 ? 11.002  -19.639 5.217   1.00 14.90 0  167 GLU A C   1 
ATOM   1331 O  O   . GLU A 1 167 ? 11.251  -18.473 5.539   1.00 15.38 0  167 GLU A O   1 
ATOM   1332 C  CB  . GLU A 1 167 ? 8.762   -20.146 4.131   1.00 16.80 0  167 GLU A CB  1 
ATOM   1333 C  CG  . GLU A 1 167 ? 8.060   -20.425 2.794   1.00 19.03 0  167 GLU A CG  1 
ATOM   1334 C  CD  . GLU A 1 167 ? 6.588   -20.062 2.749   1.00 22.39 0  167 GLU A CD  1 
ATOM   1335 O  OE1 . GLU A 1 167 ? 5.897   -20.212 3.776   1.00 22.35 0  167 GLU A OE1 1 
ATOM   1336 O  OE2 . GLU A 1 167 ? 6.123   -19.642 1.657   1.00 21.44 -1 167 GLU A OE2 1 
ATOM   1337 N  N   . TYR A 1 168 ? 11.392  -20.679 5.960   1.00 13.37 0  168 TYR A N   1 
ATOM   1338 C  CA  . TYR A 1 168 ? 12.170  -20.471 7.182   1.00 14.45 0  168 TYR A CA  1 
ATOM   1339 C  C   . TYR A 1 168 ? 13.457  -19.699 6.903   1.00 14.52 0  168 TYR A C   1 
ATOM   1340 O  O   . TYR A 1 168 ? 13.805  -18.756 7.629   1.00 12.42 0  168 TYR A O   1 
ATOM   1341 C  CB  . TYR A 1 168 ? 12.492  -21.820 7.829   1.00 14.44 0  168 TYR A CB  1 
ATOM   1342 C  CG  . TYR A 1 168 ? 13.383  -21.708 9.044   1.00 13.19 0  168 TYR A CG  1 
ATOM   1343 C  CD1 . TYR A 1 168 ? 12.844  -21.538 10.314  1.00 12.67 0  168 TYR A CD1 1 
ATOM   1344 C  CD2 . TYR A 1 168 ? 14.770  -21.781 8.918   1.00 14.33 0  168 TYR A CD2 1 
ATOM   1345 C  CE1 . TYR A 1 168 ? 13.665  -21.439 11.430  1.00 14.12 0  168 TYR A CE1 1 
ATOM   1346 C  CE2 . TYR A 1 168 ? 15.594  -21.675 10.022  1.00 13.28 0  168 TYR A CE2 1 
ATOM   1347 C  CZ  . TYR A 1 168 ? 15.041  -21.510 11.272  1.00 15.25 0  168 TYR A CZ  1 
ATOM   1348 O  OH  . TYR A 1 168 ? 15.883  -21.403 12.355  1.00 15.76 0  168 TYR A OH  1 
ATOM   1349 N  N   . LEU A 1 169 ? 14.201  -20.108 5.877   1.00 11.51 0  169 LEU A N   1 
ATOM   1350 C  CA  . LEU A 1 169 ? 15.505  -19.497 5.633   1.00 13.88 0  169 LEU A CA  1 
ATOM   1351 C  C   . LEU A 1 169 ? 15.365  -18.093 5.054   1.00 13.61 0  169 LEU A C   1 
ATOM   1352 O  O   . LEU A 1 169 ? 16.180  -17.210 5.348   1.00 15.68 0  169 LEU A O   1 
ATOM   1353 C  CB  . LEU A 1 169 ? 16.322  -20.383 4.694   1.00 16.65 0  169 LEU A CB  1 
ATOM   1354 C  CG  . LEU A 1 169 ? 16.844  -21.686 5.305   1.00 14.80 0  169 LEU A CG  1 
ATOM   1355 C  CD1 . LEU A 1 169 ? 17.543  -22.500 4.225   1.00 14.60 0  169 LEU A CD1 1 
ATOM   1356 C  CD2 . LEU A 1 169 ? 17.794  -21.387 6.476   1.00 13.99 0  169 LEU A CD2 1 
ATOM   1357 N  N   . PHE A 1 170 ? 14.350  -17.876 4.209   1.00 11.82 0  170 PHE A N   1 
ATOM   1358 C  CA  . PHE A 1 170 ? 14.067  -16.534 3.704   1.00 13.26 0  170 PHE A CA  1 
ATOM   1359 C  C   . PHE A 1 170 ? 13.703  -15.585 4.836   1.00 14.15 0  170 PHE A C   1 
ATOM   1360 O  O   . PHE A 1 170 ? 14.162  -14.434 4.874   1.00 13.73 0  170 PHE A O   1 
ATOM   1361 C  CB  . PHE A 1 170 ? 12.924  -16.595 2.680   1.00 12.05 0  170 PHE A CB  1 
ATOM   1362 C  CG  . PHE A 1 170 ? 12.640  -15.281 2.004   1.00 13.56 0  170 PHE A CG  1 
ATOM   1363 C  CD1 . PHE A 1 170 ? 13.337  -14.909 0.873   1.00 16.23 0  170 PHE A CD1 1 
ATOM   1364 C  CD2 . PHE A 1 170 ? 11.655  -14.431 2.494   1.00 14.58 0  170 PHE A CD2 1 
ATOM   1365 C  CE1 . PHE A 1 170 ? 13.081  -13.696 0.245   1.00 15.39 0  170 PHE A CE1 1 
ATOM   1366 C  CE2 . PHE A 1 170 ? 11.385  -13.216 1.869   1.00 15.52 0  170 PHE A CE2 1 
ATOM   1367 C  CZ  . PHE A 1 170 ? 12.098  -12.851 0.741   1.00 12.90 0  170 PHE A CZ  1 
ATOM   1368 N  N   . ASP A 1 171 ? 12.850  -16.047 5.750   1.00 12.57 0  171 ASP A N   1 
ATOM   1369 C  CA  . ASP A 1 171 ? 12.511  -15.283 6.947   1.00 14.47 0  171 ASP A CA  1 
ATOM   1370 C  C   . ASP A 1 171 ? 13.766  -14.847 7.704   1.00 15.12 0  171 ASP A C   1 
ATOM   1371 O  O   . ASP A 1 171 ? 13.872  -13.693 8.134   1.00 14.51 0  171 ASP A O   1 
ATOM   1372 C  CB  . ASP A 1 171 ? 11.560  -16.133 7.814   1.00 12.40 0  171 ASP A CB  1 
ATOM   1373 C  CG  . ASP A 1 171 ? 11.249  -15.501 9.163   1.00 14.70 0  171 ASP A CG  1 
ATOM   1374 O  OD1 . ASP A 1 171 ? 12.085  -15.590 10.092  1.00 14.67 0  171 ASP A OD1 1 
ATOM   1375 O  OD2 . ASP A 1 171 ? 10.168  -14.893 9.285   1.00 13.61 -1 171 ASP A OD2 1 
ATOM   1376 N  N   . LYS A 1 172 ? 14.743  -15.745 7.852   1.00 12.80 0  172 LYS A N   1 
ATOM   1377 C  CA  . LYS A 1 172 ? 15.961  -15.426 8.591   1.00 14.33 0  172 LYS A CA  1 
ATOM   1378 C  C   . LYS A 1 172 ? 16.918  -14.543 7.791   1.00 17.82 0  172 LYS A C   1 
ATOM   1379 O  O   . LYS A 1 172 ? 17.462  -13.567 8.321   1.00 16.30 0  172 LYS A O   1 
ATOM   1380 C  CB  . LYS A 1 172 ? 16.683  -16.716 9.000   1.00 14.51 0  172 LYS A CB  1 
ATOM   1381 C  CG  . LYS A 1 172 ? 15.924  -17.623 9.975   1.00 16.51 0  172 LYS A CG  1 
ATOM   1382 C  CD  . LYS A 1 172 ? 15.650  -16.933 11.302  1.00 19.88 0  172 LYS A CD  1 
ATOM   1383 C  CE  . LYS A 1 172 ? 15.040  -17.897 12.337  1.00 16.22 0  172 LYS A CE  1 
ATOM   1384 N  NZ  . LYS A 1 172 ? 14.646  -17.135 13.588  1.00 22.17 1  172 LYS A NZ  1 
ATOM   1385 N  N   . HIS A 1 173 ? 17.180  -14.894 6.528   1.00 14.85 0  173 HIS A N   1 
ATOM   1386 C  CA  . HIS A 1 173 ? 18.263  -14.245 5.785   1.00 16.06 0  173 HIS A CA  1 
ATOM   1387 C  C   . HIS A 1 173 ? 17.845  -13.036 4.961   1.00 16.66 0  173 HIS A C   1 
ATOM   1388 O  O   . HIS A 1 173 ? 18.701  -12.195 4.661   1.00 18.35 0  173 HIS A O   1 
ATOM   1389 C  CB  . HIS A 1 173 ? 18.952  -15.242 4.852   1.00 15.40 0  173 HIS A CB  1 
ATOM   1390 C  CG  . HIS A 1 173 ? 19.630  -16.351 5.582   1.00 17.41 0  173 HIS A CG  1 
ATOM   1391 N  ND1 . HIS A 1 173 ? 20.400  -16.129 6.697   1.00 27.08 0  173 HIS A ND1 1 
ATOM   1392 C  CD2 . HIS A 1 173 ? 19.639  -17.689 5.374   1.00 22.39 0  173 HIS A CD2 1 
ATOM   1393 C  CE1 . HIS A 1 173 ? 20.877  -17.280 7.139   1.00 25.02 0  173 HIS A CE1 1 
ATOM   1394 N  NE2 . HIS A 1 173 ? 20.426  -18.242 6.357   1.00 22.00 0  173 HIS A NE2 1 
ATOM   1395 N  N   . THR A 1 174 ? 16.586  -12.929 4.556   1.00 15.05 0  174 THR A N   1 
ATOM   1396 C  CA  . THR A 1 174 ? 16.172  -11.741 3.816   1.00 15.97 0  174 THR A CA  1 
ATOM   1397 C  C   . THR A 1 174 ? 15.349  -10.800 4.676   1.00 16.26 0  174 THR A C   1 
ATOM   1398 O  O   . THR A 1 174 ? 15.617  -9.601  4.697   1.00 17.00 0  174 THR A O   1 
ATOM   1399 C  CB  . THR A 1 174 ? 15.400  -12.125 2.546   1.00 15.82 0  174 THR A CB  1 
ATOM   1400 O  OG1 . THR A 1 174 ? 16.279  -12.825 1.657   1.00 16.66 0  174 THR A OG1 1 
ATOM   1401 C  CG2 . THR A 1 174 ? 14.864  -10.876 1.833   1.00 16.36 0  174 THR A CG2 1 
ATOM   1402 N  N   . LEU A 1 175 ? 14.377  -11.318 5.422   1.00 15.98 0  175 LEU A N   1 
ATOM   1403 C  CA  . LEU A 1 175 ? 13.538  -10.445 6.237   1.00 14.10 0  175 LEU A CA  1 
ATOM   1404 C  C   . LEU A 1 175 ? 14.110  -10.185 7.628   1.00 19.16 0  175 LEU A C   1 
ATOM   1405 O  O   . LEU A 1 175 ? 13.605  -9.304  8.336   1.00 18.47 0  175 LEU A O   1 
ATOM   1406 C  CB  . LEU A 1 175 ? 12.135  -11.046 6.358   1.00 13.34 0  175 LEU A CB  1 
ATOM   1407 C  CG  . LEU A 1 175 ? 11.428  -11.261 5.025   1.00 14.44 0  175 LEU A CG  1 
ATOM   1408 C  CD1 . LEU A 1 175 ? 10.024  -11.794 5.266   1.00 16.02 0  175 LEU A CD1 1 
ATOM   1409 C  CD2 . LEU A 1 175 ? 11.408  -9.963  4.176   1.00 13.54 0  175 LEU A CD2 1 
ATOM   1410 N  N   . GLY A 1 176 ? 15.143  -10.913 8.032   1.00 17.06 0  176 GLY A N   1 
ATOM   1411 C  CA  . GLY A 1 176 ? 15.672  -10.808 9.385   1.00 19.37 0  176 GLY A CA  1 
ATOM   1412 C  C   . GLY A 1 176 ? 16.685  -9.696  9.567   1.00 31.62 0  176 GLY A C   1 
ATOM   1413 O  O   . GLY A 1 176 ? 16.684  -8.706  8.835   1.00 36.64 0  176 GLY A O   1 
HETATM 1414 MG MG  . MG  B 2 .   ? 4.859   -0.691  1.114   1.00 26.81 2  201 MG  A MG  1 
HETATM 1415 MG MG  . MG  C 2 .   ? -18.110 -6.955  3.127   0.00 20.00 2  202 MG  A MG  1 
HETATM 1416 MG MG  . MG  D 2 .   ? 5.215   17.284  -14.543 0.00 20.80 2  203 MG  A MG  1 
HETATM 1417 PD PD  . PD  E 3 .   ? -4.673  -9.835  -1.880  0.80 16.03 0  204 PD  A PD  1 
HETATM 1418 PD PD  . PD  F 3 .   ? -3.709  -10.354 1.426   0.80 15.87 0  205 PD  A PD  1 
HETATM 1419 O  O   . HOH G 4 .   ? 8.091   17.918  -9.392  1.00 24.47 0  301 HOH A O   1 
HETATM 1420 O  O   . HOH G 4 .   ? 6.168   -21.809 5.385   1.00 26.09 0  302 HOH A O   1 
HETATM 1421 O  O   . HOH G 4 .   ? -13.421 20.507  -14.742 1.00 27.43 0  303 HOH A O   1 
HETATM 1422 O  O   . HOH G 4 .   ? -8.810  5.281   -9.375  1.00 27.89 0  304 HOH A O   1 
HETATM 1423 O  O   . HOH G 4 .   ? 10.149  -2.447  2.609   1.00 29.06 0  305 HOH A O   1 
HETATM 1424 O  O   . HOH G 4 .   ? 8.770   -22.823 -5.791  1.00 30.26 0  306 HOH A O   1 
HETATM 1425 O  O   . HOH G 4 .   ? -21.606 0.836   6.310   0.50 18.67 0  307 HOH A O   1 
HETATM 1426 O  O   . HOH G 4 .   ? 1.351   1.981   -0.803  1.00 16.71 0  308 HOH A O   1 
HETATM 1427 O  O   . HOH G 4 .   ? -6.328  0.080   -8.948  1.00 27.84 0  309 HOH A O   1 
HETATM 1428 O  O   . HOH G 4 .   ? 4.339   17.336  -12.511 1.00 17.70 0  310 HOH A O   1 
HETATM 1429 O  O   . HOH G 4 .   ? -15.220 20.949  0.025   1.00 22.13 0  311 HOH A O   1 
HETATM 1430 O  O   . HOH G 4 .   ? 16.683  -15.689 -6.333  1.00 21.91 0  312 HOH A O   1 
HETATM 1431 O  O   . HOH G 4 .   ? 16.418  -11.968 -0.762  1.00 18.72 0  313 HOH A O   1 
HETATM 1432 O  O   . HOH G 4 .   ? 4.098   7.237   -0.166  1.00 22.23 0  314 HOH A O   1 
HETATM 1433 O  O   . HOH G 4 .   ? -18.621 -1.377  4.350   1.00 24.33 0  315 HOH A O   1 
HETATM 1434 O  O   . HOH G 4 .   ? -2.258  -1.188  -14.220 1.00 25.77 0  316 HOH A O   1 
HETATM 1435 O  O   . HOH G 4 .   ? -14.860 17.338  -14.505 1.00 24.74 0  317 HOH A O   1 
HETATM 1436 O  O   . HOH G 4 .   ? 3.295   -0.240  2.536   1.00 19.95 0  318 HOH A O   1 
HETATM 1437 O  O   . HOH G 4 .   ? 6.742   -1.359  0.513   1.00 22.25 0  319 HOH A O   1 
HETATM 1438 O  O   . HOH G 4 .   ? -10.315 34.868  4.871   1.00 20.06 0  320 HOH A O   1 
HETATM 1439 O  O   . HOH G 4 .   ? 16.987  -7.628  -5.014  1.00 26.16 0  321 HOH A O   1 
HETATM 1440 O  O   . HOH G 4 .   ? 0.455   4.711   -1.543  1.00 14.06 0  322 HOH A O   1 
HETATM 1441 O  O   . HOH G 4 .   ? -13.996 -6.905  2.228   1.00 15.91 0  323 HOH A O   1 
HETATM 1442 O  O   . HOH G 4 .   ? -10.637 30.833  -1.556  1.00 23.17 0  324 HOH A O   1 
HETATM 1443 O  O   . HOH G 4 .   ? 12.413  -15.682 12.711  1.00 23.39 0  325 HOH A O   1 
HETATM 1444 O  O   . HOH G 4 .   ? -9.125  12.307  -15.966 1.00 25.07 0  326 HOH A O   1 
HETATM 1445 O  O   . HOH G 4 .   ? -20.635 3.016   8.173   1.00 17.81 0  327 HOH A O   1 
HETATM 1446 O  O   . HOH G 4 .   ? -4.144  26.687  -1.741  1.00 16.12 0  328 HOH A O   1 
HETATM 1447 O  O   . HOH G 4 .   ? -7.344  20.057  -9.071  1.00 15.07 0  329 HOH A O   1 
HETATM 1448 O  O   . HOH G 4 .   ? -8.864  5.187   -5.483  1.00 21.33 0  330 HOH A O   1 
HETATM 1449 O  O   . HOH G 4 .   ? -1.391  -25.390 16.334  1.00 17.27 0  331 HOH A O   1 
HETATM 1450 O  O   . HOH G 4 .   ? -8.342  23.311  5.289   1.00 15.90 0  332 HOH A O   1 
HETATM 1451 O  O   . HOH G 4 .   ? -16.697 15.537  -8.350  1.00 29.07 0  333 HOH A O   1 
HETATM 1452 O  O   . HOH G 4 .   ? -5.961  24.903  -2.850  1.00 14.39 0  334 HOH A O   1 
HETATM 1453 O  O   . HOH G 4 .   ? -7.314  -6.824  -1.866  1.00 25.20 0  335 HOH A O   1 
HETATM 1454 O  O   . HOH G 4 .   ? 1.003   -13.980 19.535  1.00 15.52 0  336 HOH A O   1 
HETATM 1455 O  O   . HOH G 4 .   ? -1.985  23.645  -8.592  1.00 15.40 0  337 HOH A O   1 
HETATM 1456 O  O   . HOH G 4 .   ? 4.430   4.842   -9.844  1.00 14.73 0  338 HOH A O   1 
HETATM 1457 O  O   . HOH G 4 .   ? -15.599 1.475   1.805   1.00 17.18 0  339 HOH A O   1 
HETATM 1458 O  O   . HOH G 4 .   ? -11.225 4.081   -2.579  1.00 21.79 0  340 HOH A O   1 
HETATM 1459 O  O   . HOH G 4 .   ? -8.215  9.768   -14.004 1.00 20.79 0  341 HOH A O   1 
HETATM 1460 O  O   . HOH G 4 .   ? 9.791   -14.395 -10.578 1.00 26.15 0  342 HOH A O   1 
HETATM 1461 O  O   . HOH G 4 .   ? -19.945 -1.527  -0.052  1.00 17.39 0  343 HOH A O   1 
HETATM 1462 O  O   . HOH G 4 .   ? 12.995  5.120   -9.736  1.00 18.60 0  344 HOH A O   1 
HETATM 1463 O  O   . HOH G 4 .   ? 12.962  -1.707  -4.201  1.00 16.99 0  345 HOH A O   1 
HETATM 1464 O  O   . HOH G 4 .   ? 2.844   5.382   -2.114  1.00 20.19 0  346 HOH A O   1 
HETATM 1465 O  O   . HOH G 4 .   ? -10.741 1.830   -1.218  1.00 17.57 0  347 HOH A O   1 
HETATM 1466 O  O   . HOH G 4 .   ? -3.010  -5.581  -8.884  1.00 22.50 0  348 HOH A O   1 
HETATM 1467 O  O   . HOH G 4 .   ? -11.697 8.652   2.616   1.00 16.15 0  349 HOH A O   1 
HETATM 1468 O  O   . HOH G 4 .   ? -7.386  22.177  -10.827 1.00 14.56 0  350 HOH A O   1 
HETATM 1469 O  O   . HOH G 4 .   ? -13.070 12.327  -8.939  1.00 18.94 0  351 HOH A O   1 
HETATM 1470 O  O   . HOH G 4 .   ? -2.988  26.298  0.712   1.00 12.76 0  352 HOH A O   1 
HETATM 1471 O  O   . HOH G 4 .   ? 14.531  -26.109 -2.355  1.00 27.74 0  353 HOH A O   1 
HETATM 1472 O  O   . HOH G 4 .   ? 12.827  -18.236 10.294  1.00 16.18 0  354 HOH A O   1 
HETATM 1473 O  O   . HOH G 4 .   ? -1.675  -14.190 -3.321  1.00 23.18 0  355 HOH A O   1 
HETATM 1474 O  O   . HOH G 4 .   ? 2.100   -7.290  18.591  1.00 21.14 0  356 HOH A O   1 
HETATM 1475 O  O   . HOH G 4 .   ? 14.450  -10.513 -2.120  1.00 16.27 0  357 HOH A O   1 
HETATM 1476 O  O   . HOH G 4 .   ? -15.378 16.732  0.227   1.00 19.31 0  358 HOH A O   1 
HETATM 1477 O  O   . HOH G 4 .   ? -7.600  7.492   -8.478  1.00 18.10 0  359 HOH A O   1 
HETATM 1478 O  O   . HOH G 4 .   ? -11.343 18.208  6.115   1.00 13.20 0  360 HOH A O   1 
HETATM 1479 O  O   . HOH G 4 .   ? -11.965 -6.181  12.886  1.00 12.87 0  361 HOH A O   1 
HETATM 1480 O  O   . HOH G 4 .   ? 3.814   -11.432 18.826  1.00 24.10 0  362 HOH A O   1 
HETATM 1481 O  O   . HOH G 4 .   ? 18.302  -13.163 -2.542  1.00 13.28 0  363 HOH A O   1 
HETATM 1482 O  O   . HOH G 4 .   ? 4.656   0.967   -0.118  1.00 24.18 0  364 HOH A O   1 
HETATM 1483 O  O   . HOH G 4 .   ? 1.960   10.914  7.121   1.00 21.33 0  365 HOH A O   1 
HETATM 1484 O  O   . HOH G 4 .   ? 14.663  -4.320  -0.972  1.00 37.14 0  366 HOH A O   1 
HETATM 1485 O  O   . HOH G 4 .   ? 5.794   -15.303 14.387  1.00 18.26 0  367 HOH A O   1 
HETATM 1486 O  O   . HOH G 4 .   ? -1.709  19.889  -17.074 1.00 28.43 0  368 HOH A O   1 
HETATM 1487 O  O   . HOH G 4 .   ? -3.327  26.284  -4.498  1.00 12.97 0  369 HOH A O   1 
HETATM 1488 O  O   . HOH G 4 .   ? 3.434   19.617  -4.403  1.00 16.20 0  370 HOH A O   1 
HETATM 1489 O  O   . HOH G 4 .   ? -8.830  8.001   -6.202  1.00 19.28 0  371 HOH A O   1 
HETATM 1490 O  O   . HOH G 4 .   ? 0.932   -11.014 -7.465  1.00 19.93 0  372 HOH A O   1 
HETATM 1491 O  O   . HOH G 4 .   ? -15.687 16.952  -4.298  1.00 21.10 0  373 HOH A O   1 
HETATM 1492 O  O   . HOH G 4 .   ? -0.825  8.835   -14.957 1.00 18.07 0  374 HOH A O   1 
HETATM 1493 O  O   . HOH G 4 .   ? -1.578  -11.912 -7.603  1.00 24.51 0  375 HOH A O   1 
HETATM 1494 O  O   . HOH G 4 .   ? -0.460  11.315  -15.863 1.00 16.81 0  376 HOH A O   1 
HETATM 1495 O  O   . HOH G 4 .   ? 16.494  -3.597  -6.886  1.00 22.04 0  377 HOH A O   1 
HETATM 1496 O  O   . HOH G 4 .   ? -4.546  -11.959 11.039  1.00 17.56 0  378 HOH A O   1 
HETATM 1497 O  O   . HOH G 4 .   ? 0.800   17.219  -15.107 1.00 27.17 0  379 HOH A O   1 
HETATM 1498 O  O   . HOH G 4 .   ? 0.420   16.722  2.846   1.00 18.22 0  380 HOH A O   1 
HETATM 1499 O  O   . HOH G 4 .   ? 12.814  -6.535  2.644   1.00 21.22 0  381 HOH A O   1 
HETATM 1500 O  O   . HOH G 4 .   ? 2.403   -9.458  13.787  1.00 15.87 0  382 HOH A O   1 
HETATM 1501 O  O   . HOH G 4 .   ? -11.999 -0.060  2.023   1.00 14.81 0  383 HOH A O   1 
HETATM 1502 O  O   . HOH G 4 .   ? 1.659   -21.186 6.184   1.00 21.56 0  384 HOH A O   1 
HETATM 1503 O  O   . HOH G 4 .   ? 10.082  -17.138 13.468  1.00 19.95 0  385 HOH A O   1 
HETATM 1504 O  O   . HOH G 4 .   ? -3.467  25.783  -14.034 1.00 21.61 0  386 HOH A O   1 
HETATM 1505 O  O   . HOH G 4 .   ? 6.852   -10.737 14.770  1.00 21.42 0  387 HOH A O   1 
HETATM 1506 O  O   . HOH G 4 .   ? -8.748  29.127  -8.137  1.00 22.81 0  388 HOH A O   1 
HETATM 1507 O  O   . HOH G 4 .   ? -3.586  -24.553 14.728  1.00 23.75 0  389 HOH A O   1 
HETATM 1508 O  O   . HOH G 4 .   ? 7.730   8.835   -4.340  1.00 19.44 0  390 HOH A O   1 
HETATM 1509 O  O   . HOH G 4 .   ? 20.848  -14.180 8.969   1.00 32.66 0  391 HOH A O   1 
HETATM 1510 O  O   . HOH G 4 .   ? 0.904   23.003  5.628   1.00 15.33 0  392 HOH A O   1 
HETATM 1511 O  O   . HOH G 4 .   ? -6.716  -9.725  -3.093  1.00 10.32 0  393 HOH A O   1 
HETATM 1512 O  O   . HOH G 4 .   ? -13.985 24.773  -0.612  1.00 26.27 0  394 HOH A O   1 
HETATM 1513 O  O   . HOH G 4 .   ? 21.677  -21.029 6.265   0.25 18.19 0  395 HOH A O   1 
HETATM 1514 O  O   . HOH G 4 .   ? -11.108 17.673  -17.683 1.00 32.47 0  396 HOH A O   1 
HETATM 1515 O  O   . HOH G 4 .   ? 7.651   -3.381  -0.607  1.00 20.77 0  397 HOH A O   1 
HETATM 1516 O  O   . HOH G 4 .   ? -14.357 22.550  -9.156  1.00 18.08 0  398 HOH A O   1 
HETATM 1517 O  O   . HOH G 4 .   ? -5.653  -5.416  -3.954  1.00 17.12 0  399 HOH A O   1 
HETATM 1518 O  O   . HOH G 4 .   ? -10.339 -10.378 6.463   1.00 24.06 0  400 HOH A O   1 
HETATM 1519 O  O   . HOH G 4 .   ? -8.980  9.335   -9.981  1.00 24.63 0  401 HOH A O   1 
HETATM 1520 O  O   . HOH G 4 .   ? 21.755  -12.484 5.459   1.00 26.63 0  402 HOH A O   1 
HETATM 1521 O  O   . HOH G 4 .   ? 6.014   -25.948 4.520   1.00 34.49 0  403 HOH A O   1 
HETATM 1522 O  O   . HOH G 4 .   ? 3.947   19.812  2.948   1.00 12.22 0  404 HOH A O   1 
HETATM 1523 O  O   . HOH G 4 .   ? -10.477 26.078  -6.582  1.00 11.85 0  405 HOH A O   1 
HETATM 1524 O  O   . HOH G 4 .   ? 10.958  8.127   -3.276  1.00 23.91 0  406 HOH A O   1 
HETATM 1525 O  O   . HOH G 4 .   ? 1.006   7.210   11.040  1.00 30.61 0  407 HOH A O   1 
HETATM 1526 O  O   . HOH G 4 .   ? -15.702 12.684  -1.547  1.00 18.32 0  408 HOH A O   1 
HETATM 1527 O  O   . HOH G 4 .   ? -2.944  -3.254  -10.882 1.00 22.96 0  409 HOH A O   1 
HETATM 1528 O  O   . HOH G 4 .   ? 3.331   21.693  6.570   1.00 26.63 0  410 HOH A O   1 
HETATM 1529 O  O   . HOH G 4 .   ? 3.610   15.792  -15.094 1.00 20.02 0  411 HOH A O   1 
HETATM 1530 O  O   . HOH G 4 .   ? 2.119   -12.973 -8.330  1.00 23.49 0  412 HOH A O   1 
HETATM 1531 O  O   . HOH G 4 .   ? 13.218  -0.751  -1.834  1.00 28.05 0  413 HOH A O   1 
HETATM 1532 O  O   . HOH G 4 .   ? -15.300 15.388  -2.197  1.00 21.58 0  414 HOH A O   1 
HETATM 1533 O  O   . HOH G 4 .   ? 3.102   16.742  3.377   1.00 29.37 0  415 HOH A O   1 
HETATM 1534 O  O   . HOH G 4 .   ? 6.452   -1.847  12.601  1.00 26.60 0  416 HOH A O   1 
HETATM 1535 O  O   . HOH G 4 .   ? -19.697 -10.166 5.636   1.00 26.40 0  417 HOH A O   1 
HETATM 1536 O  O   . HOH G 4 .   ? -8.889  2.348   -7.173  1.00 32.15 0  418 HOH A O   1 
HETATM 1537 O  O   . HOH G 4 .   ? -18.197 -7.905  5.092   1.00 20.75 0  419 HOH A O   1 
HETATM 1538 O  O   . HOH G 4 .   ? 11.502  -20.067 -9.931  1.00 24.12 0  420 HOH A O   1 
HETATM 1539 O  O   . HOH G 4 .   ? -1.599  25.029  -6.256  1.00 14.14 0  421 HOH A O   1 
HETATM 1540 O  O   . HOH G 4 .   ? 1.557   13.745  7.022   1.00 21.63 0  422 HOH A O   1 
HETATM 1541 O  O   . HOH G 4 .   ? -0.465  21.076  -14.880 1.00 17.02 0  423 HOH A O   1 
HETATM 1542 O  O   . HOH G 4 .   ? -5.070  -10.697 3.350   1.00 13.00 0  424 HOH A O   1 
HETATM 1543 O  O   . HOH G 4 .   ? 0.698   -8.721  -9.187  1.00 18.30 0  425 HOH A O   1 
HETATM 1544 O  O   . HOH G 4 .   ? 9.178   -17.973 16.065  1.00 25.07 0  426 HOH A O   1 
HETATM 1545 O  O   . HOH G 4 .   ? 10.743  -0.020  -0.689  1.00 28.73 0  427 HOH A O   1 
HETATM 1546 O  O   . HOH G 4 .   ? -12.919 30.784  6.542   1.00 20.24 0  428 HOH A O   1 
HETATM 1547 O  O   . HOH G 4 .   ? -9.689  23.343  -11.483 1.00 22.00 0  429 HOH A O   1 
HETATM 1548 O  O   . HOH G 4 .   ? 11.009  -17.380 -10.365 1.00 23.98 0  430 HOH A O   1 
HETATM 1549 O  O   . HOH G 4 .   ? 3.327   -13.656 20.875  1.00 21.30 0  431 HOH A O   1 
HETATM 1550 O  O   . HOH G 4 .   ? -17.458 16.004  2.209   1.00 32.67 0  432 HOH A O   1 
HETATM 1551 O  O   . HOH G 4 .   ? 4.932   -8.896  14.767  1.00 28.15 0  433 HOH A O   1 
HETATM 1552 O  O   . HOH G 4 .   ? 11.367  -17.231 18.225  1.00 27.47 0  434 HOH A O   1 
HETATM 1553 O  O   . HOH G 4 .   ? 1.355   19.211  -13.995 1.00 20.79 0  435 HOH A O   1 
HETATM 1554 O  O   . HOH G 4 .   ? 13.022  -6.299  5.367   1.00 27.94 0  436 HOH A O   1 
HETATM 1555 O  O   . HOH G 4 .   ? -12.196 -1.347  -0.564  1.00 22.85 0  437 HOH A O   1 
HETATM 1556 O  O   . HOH G 4 .   ? -17.283 -8.788  2.384   0.50 22.69 0  438 HOH A O   1 
HETATM 1557 O  O   . HOH G 4 .   ? -12.818 11.897  -11.800 1.00 32.88 0  439 HOH A O   1 
HETATM 1558 O  O   . HOH G 4 .   ? -1.326  -7.596  -10.240 1.00 26.11 0  440 HOH A O   1 
HETATM 1559 O  O   . HOH G 4 .   ? -11.187 -0.398  -2.368  1.00 32.71 0  441 HOH A O   1 
# 
